data_1WZ6
#
_entry.id   1WZ6
#
_entity_poly.entity_id   1
_entity_poly.type   'polypeptide(L)'
_entity_poly.pdbx_seq_one_letter_code
;GSSGSSGARRPMNAFLLFCKRHRSLVRQEHPRLDNRGATKILADWWAVLDPKEKQKYTDMAKEYKDAFMKANPGYRSGPS
SG
;
_entity_poly.pdbx_strand_id   A
#
# COMPACT_ATOMS: atom_id res chain seq x y z
N GLY A 1 0.80 -1.28 -16.87
CA GLY A 1 1.97 -0.42 -16.80
C GLY A 1 1.62 1.01 -17.22
N SER A 2 2.50 1.59 -18.02
CA SER A 2 2.31 2.94 -18.50
C SER A 2 2.16 2.94 -20.02
N SER A 3 0.96 2.61 -20.47
CA SER A 3 0.68 2.56 -21.90
C SER A 3 0.16 3.92 -22.37
N GLY A 4 -0.93 4.36 -21.77
CA GLY A 4 -1.53 5.64 -22.11
C GLY A 4 -2.93 5.78 -21.51
N SER A 5 -2.98 5.68 -20.19
CA SER A 5 -4.24 5.78 -19.48
C SER A 5 -4.02 5.60 -17.98
N SER A 6 -4.73 6.40 -17.20
CA SER A 6 -4.63 6.34 -15.75
C SER A 6 -5.72 5.42 -15.19
N GLY A 7 -5.29 4.25 -14.72
CA GLY A 7 -6.20 3.29 -14.15
C GLY A 7 -7.29 3.98 -13.34
N ALA A 8 -8.45 3.34 -13.27
CA ALA A 8 -9.57 3.87 -12.54
C ALA A 8 -9.14 4.19 -11.10
N ARG A 9 -8.67 3.15 -10.42
CA ARG A 9 -8.21 3.30 -9.05
C ARG A 9 -7.87 1.94 -8.45
N ARG A 10 -6.66 1.85 -7.93
CA ARG A 10 -6.19 0.61 -7.32
C ARG A 10 -6.59 0.56 -5.84
N PRO A 11 -6.56 -0.69 -5.29
CA PRO A 11 -6.92 -0.89 -3.89
C PRO A 11 -5.79 -0.42 -2.97
N MET A 12 -4.88 -1.33 -2.68
CA MET A 12 -3.76 -1.02 -1.81
C MET A 12 -2.60 -2.00 -2.05
N ASN A 13 -1.59 -1.88 -1.20
CA ASN A 13 -0.43 -2.73 -1.29
C ASN A 13 0.21 -2.90 0.09
N ALA A 14 1.09 -3.88 0.19
CA ALA A 14 1.76 -4.15 1.45
C ALA A 14 2.30 -2.84 2.03
N PHE A 15 2.74 -1.97 1.12
CA PHE A 15 3.28 -0.68 1.52
C PHE A 15 2.16 0.32 1.78
N LEU A 16 1.22 0.38 0.85
CA LEU A 16 0.09 1.29 0.97
C LEU A 16 -0.69 0.96 2.25
N LEU A 17 -0.45 -0.24 2.76
CA LEU A 17 -1.12 -0.68 3.96
C LEU A 17 -0.43 -0.06 5.19
N PHE A 18 0.88 -0.16 5.19
CA PHE A 18 1.68 0.38 6.29
C PHE A 18 1.53 1.91 6.35
N CYS A 19 1.21 2.49 5.21
CA CYS A 19 1.05 3.93 5.13
C CYS A 19 -0.33 4.29 5.71
N LYS A 20 -1.29 3.42 5.43
CA LYS A 20 -2.65 3.64 5.91
C LYS A 20 -2.70 3.32 7.41
N ARG A 21 -1.64 2.71 7.90
CA ARG A 21 -1.56 2.34 9.30
C ARG A 21 -0.70 3.35 10.06
N HIS A 22 0.42 3.71 9.44
CA HIS A 22 1.34 4.65 10.05
C HIS A 22 0.95 6.07 9.63
N ARG A 23 0.05 6.15 8.66
CA ARG A 23 -0.41 7.44 8.16
C ARG A 23 -0.53 8.44 9.31
N SER A 24 -1.42 8.12 10.25
CA SER A 24 -1.64 8.98 11.39
C SER A 24 -0.32 9.22 12.11
N LEU A 25 0.40 8.14 12.37
CA LEU A 25 1.68 8.23 13.06
C LEU A 25 2.48 9.40 12.48
N VAL A 26 2.79 9.28 11.20
CA VAL A 26 3.56 10.31 10.52
C VAL A 26 2.83 11.65 10.65
N ARG A 27 1.64 11.69 10.05
CA ARG A 27 0.83 12.91 10.09
C ARG A 27 0.95 13.58 11.46
N GLN A 28 0.97 12.73 12.49
CA GLN A 28 1.08 13.23 13.85
C GLN A 28 2.47 13.81 14.10
N GLU A 29 3.48 12.97 13.92
CA GLU A 29 4.85 13.39 14.12
C GLU A 29 5.21 14.50 13.14
N HIS A 30 4.36 14.68 12.15
CA HIS A 30 4.57 15.71 11.14
C HIS A 30 3.25 16.05 10.46
N PRO A 31 2.44 16.89 11.15
CA PRO A 31 1.15 17.31 10.64
C PRO A 31 1.33 18.34 9.51
N ARG A 32 2.20 19.30 9.75
CA ARG A 32 2.46 20.34 8.78
C ARG A 32 2.82 19.72 7.42
N LEU A 33 3.53 18.61 7.48
CA LEU A 33 3.94 17.90 6.27
C LEU A 33 2.76 17.86 5.30
N ASP A 34 3.08 17.52 4.06
CA ASP A 34 2.06 17.43 3.02
C ASP A 34 1.90 15.97 2.60
N ASN A 35 0.82 15.71 1.88
CA ASN A 35 0.54 14.37 1.41
C ASN A 35 1.81 13.77 0.79
N ARG A 36 2.68 14.66 0.33
CA ARG A 36 3.92 14.24 -0.29
C ARG A 36 5.01 14.08 0.78
N GLY A 37 5.00 14.99 1.73
CA GLY A 37 5.97 14.95 2.82
C GLY A 37 5.72 13.77 3.75
N ALA A 38 4.49 13.70 4.24
CA ALA A 38 4.10 12.63 5.15
C ALA A 38 4.30 11.29 4.43
N THR A 39 4.14 11.31 3.13
CA THR A 39 4.30 10.10 2.32
C THR A 39 5.77 9.79 2.12
N LYS A 40 6.60 10.81 2.31
CA LYS A 40 8.04 10.65 2.15
C LYS A 40 8.62 10.03 3.43
N ILE A 41 7.91 10.24 4.53
CA ILE A 41 8.34 9.72 5.82
C ILE A 41 7.92 8.25 5.94
N LEU A 42 6.70 7.99 5.49
CA LEU A 42 6.16 6.64 5.53
C LEU A 42 7.06 5.72 4.70
N ALA A 43 7.45 6.20 3.54
CA ALA A 43 8.31 5.42 2.65
C ALA A 43 9.45 4.82 3.46
N ASP A 44 10.31 5.68 3.98
CA ASP A 44 11.44 5.24 4.78
C ASP A 44 10.96 4.25 5.82
N TRP A 45 9.98 4.68 6.61
CA TRP A 45 9.43 3.84 7.66
C TRP A 45 9.24 2.44 7.09
N TRP A 46 8.76 2.39 5.85
CA TRP A 46 8.53 1.13 5.17
C TRP A 46 9.89 0.57 4.75
N ALA A 47 10.65 1.40 4.04
CA ALA A 47 11.96 0.99 3.57
C ALA A 47 12.72 0.30 4.70
N VAL A 48 12.37 0.68 5.93
CA VAL A 48 13.00 0.11 7.10
C VAL A 48 12.01 -0.78 7.84
N LEU A 49 11.40 -1.68 7.08
CA LEU A 49 10.42 -2.60 7.64
C LEU A 49 10.90 -4.04 7.43
N ASP A 50 10.62 -4.87 8.42
CA ASP A 50 11.01 -6.27 8.36
C ASP A 50 10.06 -7.02 7.42
N PRO A 51 10.38 -8.32 7.21
CA PRO A 51 9.56 -9.16 6.33
C PRO A 51 8.26 -9.54 7.02
N LYS A 52 8.37 -10.09 8.21
CA LYS A 52 7.21 -10.51 8.98
C LYS A 52 6.10 -9.47 8.80
N GLU A 53 6.47 -8.21 8.97
CA GLU A 53 5.52 -7.12 8.84
C GLU A 53 5.03 -7.02 7.40
N LYS A 54 5.98 -7.02 6.47
CA LYS A 54 5.65 -6.92 5.07
C LYS A 54 4.72 -8.08 4.69
N GLN A 55 5.01 -9.24 5.24
CA GLN A 55 4.20 -10.42 4.97
C GLN A 55 2.73 -10.13 5.26
N LYS A 56 2.43 -9.93 6.53
CA LYS A 56 1.07 -9.64 6.94
C LYS A 56 0.47 -8.58 6.01
N TYR A 57 1.26 -7.54 5.76
CA TYR A 57 0.82 -6.46 4.88
C TYR A 57 0.52 -6.97 3.47
N THR A 58 1.48 -7.72 2.94
CA THR A 58 1.34 -8.28 1.60
C THR A 58 0.04 -9.09 1.50
N ASP A 59 -0.24 -9.84 2.55
CA ASP A 59 -1.44 -10.65 2.58
C ASP A 59 -2.66 -9.75 2.50
N MET A 60 -2.65 -8.69 3.29
CA MET A 60 -3.76 -7.75 3.30
C MET A 60 -4.01 -7.19 1.90
N ALA A 61 -2.92 -6.87 1.22
CA ALA A 61 -3.02 -6.33 -0.13
C ALA A 61 -3.45 -7.44 -1.09
N LYS A 62 -2.77 -8.57 -0.97
CA LYS A 62 -3.08 -9.71 -1.83
C LYS A 62 -4.52 -10.15 -1.59
N GLU A 63 -5.06 -9.73 -0.45
CA GLU A 63 -6.42 -10.08 -0.09
C GLU A 63 -7.37 -8.95 -0.47
N TYR A 64 -6.91 -7.72 -0.24
CA TYR A 64 -7.71 -6.55 -0.55
C TYR A 64 -7.83 -6.35 -2.06
N LYS A 65 -6.74 -6.66 -2.75
CA LYS A 65 -6.71 -6.53 -4.20
C LYS A 65 -7.67 -7.54 -4.83
N ASP A 66 -7.40 -8.81 -4.55
CA ASP A 66 -8.23 -9.88 -5.08
C ASP A 66 -9.71 -9.47 -4.99
N ALA A 67 -10.10 -9.06 -3.79
CA ALA A 67 -11.47 -8.64 -3.56
C ALA A 67 -11.89 -7.68 -4.66
N PHE A 68 -11.11 -6.62 -4.83
CA PHE A 68 -11.40 -5.62 -5.84
C PHE A 68 -11.42 -6.25 -7.24
N MET A 69 -10.37 -7.03 -7.51
CA MET A 69 -10.25 -7.69 -8.80
C MET A 69 -11.58 -8.34 -9.21
N LYS A 70 -12.19 -7.76 -10.22
CA LYS A 70 -13.46 -8.27 -10.71
C LYS A 70 -13.51 -8.11 -12.23
N ALA A 71 -13.59 -6.85 -12.67
CA ALA A 71 -13.63 -6.55 -14.08
C ALA A 71 -12.21 -6.30 -14.60
N ASN A 72 -11.42 -7.36 -14.58
CA ASN A 72 -10.05 -7.26 -15.04
C ASN A 72 -9.73 -8.46 -15.95
N PRO A 73 -9.79 -8.20 -17.28
CA PRO A 73 -9.51 -9.25 -18.25
C PRO A 73 -8.01 -9.54 -18.34
N GLY A 74 -7.24 -8.47 -18.38
CA GLY A 74 -5.79 -8.60 -18.45
C GLY A 74 -5.17 -8.67 -17.06
N TYR A 75 -5.27 -9.85 -16.47
CA TYR A 75 -4.72 -10.07 -15.13
C TYR A 75 -3.83 -11.31 -15.10
N ARG A 76 -3.21 -11.52 -13.96
CA ARG A 76 -2.32 -12.66 -13.78
C ARG A 76 -2.66 -13.40 -12.49
N SER A 77 -2.49 -14.72 -12.53
CA SER A 77 -2.78 -15.55 -11.38
C SER A 77 -2.51 -17.02 -11.72
N GLY A 78 -1.34 -17.48 -11.30
CA GLY A 78 -0.94 -18.86 -11.55
C GLY A 78 -1.53 -19.80 -10.49
N PRO A 79 -1.63 -21.10 -10.87
CA PRO A 79 -2.17 -22.10 -9.97
C PRO A 79 -1.16 -22.45 -8.88
N SER A 80 -1.31 -21.79 -7.74
CA SER A 80 -0.42 -22.03 -6.62
C SER A 80 -1.10 -21.61 -5.31
N SER A 81 -1.62 -20.40 -5.32
CA SER A 81 -2.31 -19.87 -4.16
C SER A 81 -3.81 -19.75 -4.42
N GLY A 82 -4.55 -20.64 -3.79
CA GLY A 82 -6.00 -20.66 -3.96
C GLY A 82 -6.69 -21.20 -2.70
N GLY A 1 0.34 -12.59 -4.43
CA GLY A 1 0.02 -12.40 -5.83
C GLY A 1 0.30 -10.95 -6.27
N SER A 2 1.58 -10.64 -6.39
CA SER A 2 1.98 -9.31 -6.80
C SER A 2 1.94 -9.18 -8.32
N SER A 3 1.19 -8.19 -8.78
CA SER A 3 1.05 -7.96 -10.21
C SER A 3 0.34 -6.63 -10.45
N GLY A 4 0.50 -6.13 -11.67
CA GLY A 4 -0.13 -4.87 -12.04
C GLY A 4 0.66 -4.17 -13.15
N SER A 5 0.06 -3.13 -13.71
CA SER A 5 0.69 -2.38 -14.78
C SER A 5 0.49 -0.88 -14.54
N SER A 6 -0.77 -0.49 -14.48
CA SER A 6 -1.11 0.91 -14.26
C SER A 6 -2.60 1.05 -13.95
N GLY A 7 -3.42 0.59 -14.89
CA GLY A 7 -4.85 0.66 -14.73
C GLY A 7 -5.28 2.03 -14.19
N ALA A 8 -6.38 2.02 -13.45
CA ALA A 8 -6.91 3.24 -12.87
C ALA A 8 -7.15 3.04 -11.38
N ARG A 9 -8.09 2.15 -11.08
CA ARG A 9 -8.43 1.85 -9.70
C ARG A 9 -7.86 0.48 -9.30
N ARG A 10 -6.70 0.53 -8.67
CA ARG A 10 -6.04 -0.70 -8.23
C ARG A 10 -6.20 -0.87 -6.72
N PRO A 11 -5.95 -2.12 -6.26
CA PRO A 11 -6.07 -2.44 -4.84
C PRO A 11 -4.88 -1.88 -4.05
N MET A 12 -4.97 -2.01 -2.74
CA MET A 12 -3.91 -1.51 -1.87
C MET A 12 -2.79 -2.54 -1.73
N ASN A 13 -1.58 -2.08 -1.94
CA ASN A 13 -0.41 -2.95 -1.84
C ASN A 13 0.00 -3.06 -0.36
N ALA A 14 1.12 -3.74 -0.16
CA ALA A 14 1.63 -3.93 1.19
C ALA A 14 2.12 -2.59 1.74
N PHE A 15 2.88 -1.88 0.91
CA PHE A 15 3.41 -0.59 1.31
C PHE A 15 2.28 0.41 1.54
N LEU A 16 1.23 0.27 0.75
CA LEU A 16 0.09 1.16 0.85
C LEU A 16 -0.62 0.92 2.19
N LEU A 17 -0.58 -0.33 2.63
CA LEU A 17 -1.20 -0.70 3.89
C LEU A 17 -0.46 -0.02 5.04
N PHE A 18 0.83 -0.32 5.14
CA PHE A 18 1.65 0.25 6.18
C PHE A 18 1.56 1.78 6.18
N CYS A 19 1.32 2.32 5.00
CA CYS A 19 1.21 3.76 4.86
C CYS A 19 -0.14 4.20 5.44
N LYS A 20 -1.17 3.43 5.10
CA LYS A 20 -2.51 3.73 5.58
C LYS A 20 -2.59 3.41 7.07
N ARG A 21 -1.55 2.76 7.56
CA ARG A 21 -1.50 2.38 8.96
C ARG A 21 -0.71 3.42 9.75
N HIS A 22 0.51 3.68 9.29
CA HIS A 22 1.38 4.64 9.95
C HIS A 22 1.01 6.05 9.49
N ARG A 23 0.20 6.11 8.45
CA ARG A 23 -0.24 7.39 7.91
C ARG A 23 -0.47 8.39 9.03
N SER A 24 -1.50 8.11 9.83
CA SER A 24 -1.84 8.98 10.94
C SER A 24 -0.61 9.24 11.80
N LEU A 25 0.11 8.17 12.09
CA LEU A 25 1.31 8.26 12.90
C LEU A 25 2.16 9.43 12.40
N VAL A 26 2.70 9.26 11.21
CA VAL A 26 3.53 10.29 10.61
C VAL A 26 2.78 11.62 10.62
N ARG A 27 1.66 11.64 9.92
CA ARG A 27 0.84 12.84 9.85
C ARG A 27 0.82 13.55 11.20
N GLN A 28 0.77 12.75 12.25
CA GLN A 28 0.74 13.29 13.61
C GLN A 28 2.12 13.85 13.98
N GLU A 29 3.10 12.96 14.01
CA GLU A 29 4.46 13.36 14.35
C GLU A 29 4.92 14.49 13.42
N HIS A 30 4.24 14.60 12.30
CA HIS A 30 4.57 15.63 11.33
C HIS A 30 3.30 16.22 10.73
N PRO A 31 2.67 17.16 11.50
CA PRO A 31 1.44 17.79 11.06
C PRO A 31 1.73 18.82 9.96
N ARG A 32 2.82 19.56 10.14
CA ARG A 32 3.21 20.57 9.18
C ARG A 32 3.55 19.92 7.83
N LEU A 33 4.21 18.78 7.91
CA LEU A 33 4.60 18.06 6.71
C LEU A 33 3.45 18.11 5.70
N ASP A 34 3.81 17.91 4.43
CA ASP A 34 2.83 17.93 3.37
C ASP A 34 2.56 16.50 2.90
N ASN A 35 1.44 16.33 2.21
CA ASN A 35 1.06 15.03 1.70
C ASN A 35 2.29 14.33 1.15
N ARG A 36 3.20 15.11 0.60
CA ARG A 36 4.42 14.58 0.03
C ARG A 36 5.43 14.29 1.13
N GLY A 37 5.55 15.24 2.05
CA GLY A 37 6.48 15.10 3.17
C GLY A 37 6.10 13.89 4.03
N ALA A 38 4.87 13.91 4.52
CA ALA A 38 4.39 12.82 5.36
C ALA A 38 4.65 11.48 4.67
N THR A 39 4.22 11.40 3.42
CA THR A 39 4.40 10.20 2.64
C THR A 39 5.89 9.84 2.54
N LYS A 40 6.70 10.87 2.48
CA LYS A 40 8.15 10.69 2.39
C LYS A 40 8.65 9.99 3.66
N ILE A 41 8.10 10.42 4.78
CA ILE A 41 8.47 9.84 6.07
C ILE A 41 7.98 8.39 6.14
N LEU A 42 6.76 8.19 5.67
CA LEU A 42 6.16 6.87 5.68
C LEU A 42 7.01 5.93 4.82
N ALA A 43 7.54 6.47 3.74
CA ALA A 43 8.37 5.70 2.84
C ALA A 43 9.51 5.05 3.62
N ASP A 44 10.37 5.89 4.15
CA ASP A 44 11.50 5.41 4.94
C ASP A 44 11.02 4.37 5.94
N TRP A 45 9.99 4.75 6.69
CA TRP A 45 9.43 3.86 7.68
C TRP A 45 9.32 2.45 7.07
N TRP A 46 8.79 2.42 5.86
CA TRP A 46 8.63 1.15 5.15
C TRP A 46 10.03 0.67 4.72
N ALA A 47 10.78 1.61 4.14
CA ALA A 47 12.12 1.29 3.69
C ALA A 47 12.89 0.58 4.80
N VAL A 48 12.47 0.85 6.02
CA VAL A 48 13.10 0.24 7.18
C VAL A 48 12.11 -0.70 7.86
N LEU A 49 11.58 -1.62 7.07
CA LEU A 49 10.61 -2.58 7.58
C LEU A 49 11.12 -4.00 7.29
N ASP A 50 10.82 -4.89 8.21
CA ASP A 50 11.24 -6.28 8.06
C ASP A 50 10.28 -7.00 7.11
N PRO A 51 10.63 -8.28 6.79
CA PRO A 51 9.82 -9.08 5.90
C PRO A 51 8.55 -9.56 6.61
N LYS A 52 8.73 -10.04 7.82
CA LYS A 52 7.62 -10.53 8.61
C LYS A 52 6.47 -9.54 8.54
N GLU A 53 6.79 -8.27 8.76
CA GLU A 53 5.80 -7.22 8.72
C GLU A 53 5.22 -7.10 7.31
N LYS A 54 6.12 -7.11 6.34
CA LYS A 54 5.71 -7.00 4.94
C LYS A 54 4.72 -8.12 4.61
N GLN A 55 4.92 -9.25 5.26
CA GLN A 55 4.07 -10.40 5.04
C GLN A 55 2.61 -10.04 5.33
N LYS A 56 2.33 -9.85 6.61
CA LYS A 56 0.98 -9.50 7.04
C LYS A 56 0.38 -8.50 6.04
N TYR A 57 1.19 -7.52 5.69
CA TYR A 57 0.75 -6.51 4.75
C TYR A 57 0.55 -7.09 3.35
N THR A 58 1.49 -7.92 2.95
CA THR A 58 1.42 -8.56 1.64
C THR A 58 0.16 -9.41 1.53
N ASP A 59 -0.33 -9.84 2.69
CA ASP A 59 -1.52 -10.67 2.72
C ASP A 59 -2.76 -9.77 2.65
N MET A 60 -2.74 -8.72 3.47
CA MET A 60 -3.85 -7.78 3.51
C MET A 60 -4.15 -7.24 2.11
N ALA A 61 -3.08 -6.93 1.38
CA ALA A 61 -3.23 -6.41 0.03
C ALA A 61 -3.78 -7.51 -0.88
N LYS A 62 -3.22 -8.70 -0.73
CA LYS A 62 -3.63 -9.83 -1.53
C LYS A 62 -5.13 -10.07 -1.33
N GLU A 63 -5.53 -10.09 -0.07
CA GLU A 63 -6.92 -10.31 0.27
C GLU A 63 -7.78 -9.12 -0.22
N TYR A 64 -7.22 -7.94 -0.08
CA TYR A 64 -7.90 -6.73 -0.49
C TYR A 64 -8.10 -6.70 -2.01
N LYS A 65 -7.10 -7.21 -2.71
CA LYS A 65 -7.15 -7.26 -4.16
C LYS A 65 -8.23 -8.24 -4.61
N ASP A 66 -8.00 -9.51 -4.31
CA ASP A 66 -8.94 -10.55 -4.67
C ASP A 66 -10.36 -10.07 -4.38
N ALA A 67 -10.52 -9.47 -3.21
CA ALA A 67 -11.82 -8.95 -2.80
C ALA A 67 -12.31 -7.94 -3.84
N PHE A 68 -11.49 -6.93 -4.07
CA PHE A 68 -11.83 -5.90 -5.02
C PHE A 68 -12.18 -6.50 -6.39
N MET A 69 -11.22 -7.22 -6.95
CA MET A 69 -11.42 -7.86 -8.24
C MET A 69 -12.84 -8.40 -8.37
N LYS A 70 -13.64 -7.68 -9.14
CA LYS A 70 -15.03 -8.09 -9.35
C LYS A 70 -15.52 -7.50 -10.67
N ALA A 71 -15.57 -6.17 -10.71
CA ALA A 71 -16.03 -5.48 -11.90
C ALA A 71 -14.83 -4.78 -12.57
N ASN A 72 -13.97 -5.60 -13.15
CA ASN A 72 -12.79 -5.08 -13.82
C ASN A 72 -12.64 -5.77 -15.18
N PRO A 73 -13.00 -5.01 -16.26
CA PRO A 73 -12.91 -5.52 -17.61
C PRO A 73 -11.46 -5.58 -18.09
N GLY A 74 -11.28 -6.12 -19.28
CA GLY A 74 -9.95 -6.24 -19.85
C GLY A 74 -9.20 -7.43 -19.26
N TYR A 75 -9.04 -7.40 -17.94
CA TYR A 75 -8.35 -8.47 -17.25
C TYR A 75 -8.91 -9.83 -17.64
N ARG A 76 -8.07 -10.85 -17.50
CA ARG A 76 -8.47 -12.20 -17.83
C ARG A 76 -7.98 -13.18 -16.75
N SER A 77 -6.68 -13.36 -16.70
CA SER A 77 -6.08 -14.26 -15.73
C SER A 77 -4.55 -14.20 -15.84
N GLY A 78 -3.98 -13.19 -15.19
CA GLY A 78 -2.55 -13.01 -15.19
C GLY A 78 -2.03 -12.76 -16.62
N PRO A 79 -0.81 -13.28 -16.89
CA PRO A 79 -0.19 -13.13 -18.19
C PRO A 79 -0.84 -14.05 -19.22
N SER A 80 -0.48 -13.84 -20.48
CA SER A 80 -1.02 -14.65 -21.56
C SER A 80 0.03 -14.84 -22.65
N SER A 81 -0.08 -15.95 -23.35
CA SER A 81 0.85 -16.26 -24.42
C SER A 81 0.17 -17.13 -25.48
N GLY A 82 0.24 -16.65 -26.72
CA GLY A 82 -0.37 -17.37 -27.83
C GLY A 82 0.60 -18.38 -28.43
N GLY A 1 13.66 2.45 -3.74
CA GLY A 1 12.83 3.54 -3.26
C GLY A 1 11.38 3.34 -3.67
N SER A 2 10.58 4.37 -3.43
CA SER A 2 9.16 4.32 -3.76
C SER A 2 8.56 5.72 -3.67
N SER A 3 7.80 6.07 -4.70
CA SER A 3 7.16 7.37 -4.75
C SER A 3 6.32 7.49 -6.03
N GLY A 4 5.03 7.65 -5.85
CA GLY A 4 4.11 7.79 -6.97
C GLY A 4 2.84 6.96 -6.75
N SER A 5 1.78 7.64 -6.37
CA SER A 5 0.52 6.98 -6.13
C SER A 5 -0.64 7.89 -6.55
N SER A 6 -1.81 7.28 -6.70
CA SER A 6 -2.99 8.02 -7.09
C SER A 6 -3.86 8.32 -5.87
N GLY A 7 -4.27 7.25 -5.20
CA GLY A 7 -5.10 7.39 -4.01
C GLY A 7 -6.37 6.54 -4.13
N ALA A 8 -7.34 7.07 -4.85
CA ALA A 8 -8.60 6.38 -5.05
C ALA A 8 -8.56 5.63 -6.39
N ARG A 9 -7.84 4.52 -6.39
CA ARG A 9 -7.72 3.72 -7.60
C ARG A 9 -6.73 2.57 -7.37
N ARG A 10 -7.00 1.46 -8.04
CA ARG A 10 -6.15 0.30 -7.92
C ARG A 10 -6.20 -0.26 -6.50
N PRO A 11 -5.73 -1.52 -6.35
CA PRO A 11 -5.72 -2.18 -5.06
C PRO A 11 -4.59 -1.64 -4.18
N MET A 12 -4.74 -1.84 -2.88
CA MET A 12 -3.75 -1.37 -1.93
C MET A 12 -2.64 -2.41 -1.75
N ASN A 13 -1.43 -1.99 -2.06
CA ASN A 13 -0.27 -2.87 -1.94
C ASN A 13 0.12 -2.98 -0.47
N ALA A 14 1.24 -3.65 -0.23
CA ALA A 14 1.73 -3.83 1.12
C ALA A 14 2.20 -2.49 1.68
N PHE A 15 2.89 -1.73 0.83
CA PHE A 15 3.39 -0.44 1.22
C PHE A 15 2.23 0.55 1.44
N LEU A 16 1.23 0.43 0.59
CA LEU A 16 0.07 1.30 0.66
C LEU A 16 -0.66 1.04 1.99
N LEU A 17 -0.53 -0.18 2.47
CA LEU A 17 -1.17 -0.56 3.72
C LEU A 17 -0.47 0.13 4.88
N PHE A 18 0.83 -0.12 4.98
CA PHE A 18 1.62 0.47 6.04
C PHE A 18 1.43 1.99 6.09
N CYS A 19 1.43 2.59 4.90
CA CYS A 19 1.25 4.03 4.80
C CYS A 19 -0.13 4.39 5.34
N LYS A 20 -1.08 3.52 5.03
CA LYS A 20 -2.45 3.74 5.48
C LYS A 20 -2.55 3.49 6.99
N ARG A 21 -1.55 2.76 7.49
CA ARG A 21 -1.50 2.43 8.91
C ARG A 21 -0.73 3.51 9.66
N HIS A 22 0.53 3.68 9.27
CA HIS A 22 1.38 4.67 9.91
C HIS A 22 0.94 6.07 9.48
N ARG A 23 0.08 6.11 8.48
CA ARG A 23 -0.42 7.38 7.97
C ARG A 23 -0.59 8.38 9.11
N SER A 24 -1.53 8.07 9.99
CA SER A 24 -1.80 8.93 11.13
C SER A 24 -0.51 9.18 11.92
N LEU A 25 0.21 8.10 12.16
CA LEU A 25 1.46 8.18 12.90
C LEU A 25 2.30 9.34 12.36
N VAL A 26 2.80 9.14 11.15
CA VAL A 26 3.61 10.17 10.50
C VAL A 26 2.90 11.51 10.59
N ARG A 27 1.72 11.57 9.98
CA ARG A 27 0.93 12.78 9.98
C ARG A 27 1.03 13.48 11.33
N GLN A 28 0.88 12.67 12.38
CA GLN A 28 0.95 13.20 13.74
C GLN A 28 2.35 13.69 14.05
N GLU A 29 3.27 12.75 14.10
CA GLU A 29 4.67 13.07 14.39
C GLU A 29 5.13 14.23 13.51
N HIS A 30 4.46 14.38 12.38
CA HIS A 30 4.79 15.45 11.45
C HIS A 30 3.51 16.15 10.99
N PRO A 31 3.04 17.10 11.84
CA PRO A 31 1.84 17.84 11.53
C PRO A 31 2.10 18.90 10.45
N ARG A 32 3.13 19.71 10.70
CA ARG A 32 3.49 20.76 9.76
C ARG A 32 3.49 20.21 8.33
N LEU A 33 3.87 18.94 8.21
CA LEU A 33 3.91 18.31 6.91
C LEU A 33 2.52 18.35 6.27
N ASP A 34 2.51 18.42 4.95
CA ASP A 34 1.26 18.48 4.21
C ASP A 34 0.80 17.05 3.88
N ASN A 35 1.38 16.51 2.82
CA ASN A 35 1.04 15.16 2.40
C ASN A 35 2.28 14.48 1.81
N ARG A 36 2.83 15.11 0.79
CA ARG A 36 4.02 14.59 0.14
C ARG A 36 5.13 14.36 1.17
N GLY A 37 5.21 15.28 2.11
CA GLY A 37 6.22 15.19 3.15
C GLY A 37 6.02 13.95 4.01
N ALA A 38 4.84 13.85 4.59
CA ALA A 38 4.51 12.71 5.43
C ALA A 38 4.72 11.42 4.64
N THR A 39 4.30 11.46 3.39
CA THR A 39 4.43 10.31 2.51
C THR A 39 5.88 9.86 2.44
N LYS A 40 6.78 10.84 2.39
CA LYS A 40 8.20 10.56 2.32
C LYS A 40 8.64 9.85 3.60
N ILE A 41 8.07 10.29 4.72
CA ILE A 41 8.40 9.71 6.01
C ILE A 41 7.88 8.27 6.05
N LEU A 42 6.63 8.11 5.64
CA LEU A 42 6.01 6.80 5.63
C LEU A 42 6.85 5.84 4.77
N ALA A 43 7.46 6.41 3.74
CA ALA A 43 8.28 5.63 2.84
C ALA A 43 9.40 4.95 3.64
N ASP A 44 10.32 5.77 4.13
CA ASP A 44 11.43 5.26 4.91
C ASP A 44 10.92 4.22 5.91
N TRP A 45 9.84 4.58 6.59
CA TRP A 45 9.25 3.69 7.57
C TRP A 45 9.12 2.30 6.95
N TRP A 46 8.67 2.29 5.70
CA TRP A 46 8.50 1.04 4.97
C TRP A 46 9.88 0.58 4.49
N ALA A 47 10.61 1.53 3.91
CA ALA A 47 11.93 1.25 3.40
C ALA A 47 12.76 0.57 4.50
N VAL A 48 12.33 0.78 5.74
CA VAL A 48 13.03 0.20 6.87
C VAL A 48 12.05 -0.69 7.65
N LEU A 49 11.50 -1.66 6.94
CA LEU A 49 10.56 -2.59 7.55
C LEU A 49 11.01 -4.03 7.27
N ASP A 50 10.88 -4.86 8.29
CA ASP A 50 11.28 -6.25 8.18
C ASP A 50 10.30 -6.98 7.23
N PRO A 51 10.62 -8.26 6.94
CA PRO A 51 9.80 -9.06 6.06
C PRO A 51 8.52 -9.51 6.77
N LYS A 52 8.70 -9.94 8.01
CA LYS A 52 7.58 -10.40 8.81
C LYS A 52 6.42 -9.43 8.67
N GLU A 53 6.70 -8.17 8.96
CA GLU A 53 5.70 -7.13 8.86
C GLU A 53 5.13 -7.06 7.44
N LYS A 54 6.03 -7.04 6.48
CA LYS A 54 5.64 -6.98 5.08
C LYS A 54 4.65 -8.12 4.79
N GLN A 55 4.93 -9.27 5.40
CA GLN A 55 4.08 -10.44 5.21
C GLN A 55 2.62 -10.09 5.50
N LYS A 56 2.34 -9.90 6.77
CA LYS A 56 0.98 -9.56 7.19
C LYS A 56 0.39 -8.54 6.23
N TYR A 57 1.22 -7.55 5.88
CA TYR A 57 0.79 -6.51 4.97
C TYR A 57 0.45 -7.09 3.60
N THR A 58 1.41 -7.82 3.05
CA THR A 58 1.24 -8.43 1.74
C THR A 58 -0.09 -9.21 1.69
N ASP A 59 -0.38 -9.87 2.79
CA ASP A 59 -1.60 -10.65 2.88
C ASP A 59 -2.81 -9.72 2.76
N MET A 60 -2.76 -8.63 3.52
CA MET A 60 -3.84 -7.66 3.49
C MET A 60 -4.12 -7.18 2.07
N ALA A 61 -3.05 -6.95 1.33
CA ALA A 61 -3.16 -6.50 -0.05
C ALA A 61 -3.63 -7.66 -0.92
N LYS A 62 -2.92 -8.77 -0.81
CA LYS A 62 -3.25 -9.95 -1.58
C LYS A 62 -4.73 -10.31 -1.36
N GLU A 63 -5.21 -9.98 -0.16
CA GLU A 63 -6.59 -10.26 0.19
C GLU A 63 -7.50 -9.16 -0.35
N TYR A 64 -7.10 -7.92 -0.11
CA TYR A 64 -7.87 -6.78 -0.57
C TYR A 64 -8.00 -6.77 -2.10
N LYS A 65 -6.87 -7.01 -2.75
CA LYS A 65 -6.83 -7.04 -4.20
C LYS A 65 -7.99 -7.89 -4.72
N ASP A 66 -7.99 -9.14 -4.29
CA ASP A 66 -9.02 -10.08 -4.70
C ASP A 66 -10.38 -9.38 -4.64
N ALA A 67 -10.58 -8.64 -3.56
CA ALA A 67 -11.82 -7.91 -3.36
C ALA A 67 -11.96 -6.83 -4.44
N PHE A 68 -10.97 -5.96 -4.47
CA PHE A 68 -10.97 -4.87 -5.44
C PHE A 68 -11.44 -5.36 -6.80
N MET A 69 -10.82 -6.44 -7.26
CA MET A 69 -11.17 -7.01 -8.55
C MET A 69 -12.56 -7.65 -8.50
N LYS A 70 -13.57 -6.81 -8.65
CA LYS A 70 -14.94 -7.29 -8.63
C LYS A 70 -15.52 -7.23 -10.05
N ALA A 71 -15.86 -6.01 -10.47
CA ALA A 71 -16.42 -5.81 -11.80
C ALA A 71 -15.50 -6.47 -12.83
N ASN A 72 -14.26 -6.01 -12.86
CA ASN A 72 -13.29 -6.54 -13.81
C ASN A 72 -13.38 -8.07 -13.80
N PRO A 73 -13.99 -8.61 -14.89
CA PRO A 73 -14.14 -10.05 -15.03
C PRO A 73 -12.81 -10.70 -15.40
N GLY A 74 -11.96 -10.86 -14.41
CA GLY A 74 -10.65 -11.47 -14.62
C GLY A 74 -9.76 -10.56 -15.47
N TYR A 75 -9.20 -9.55 -14.81
CA TYR A 75 -8.32 -8.62 -15.49
C TYR A 75 -6.88 -9.13 -15.51
N ARG A 76 -6.35 -9.35 -14.32
CA ARG A 76 -4.98 -9.84 -14.19
C ARG A 76 -4.00 -8.83 -14.79
N SER A 77 -2.83 -8.76 -14.18
CA SER A 77 -1.79 -7.84 -14.62
C SER A 77 -0.70 -8.61 -15.36
N GLY A 78 -0.03 -9.48 -14.62
CA GLY A 78 1.05 -10.28 -15.19
C GLY A 78 2.38 -9.95 -14.54
N PRO A 79 2.72 -10.76 -13.48
CA PRO A 79 3.97 -10.56 -12.76
C PRO A 79 5.16 -11.06 -13.58
N SER A 80 4.95 -12.20 -14.23
CA SER A 80 5.99 -12.80 -15.05
C SER A 80 5.42 -13.98 -15.83
N SER A 81 5.72 -14.00 -17.12
CA SER A 81 5.26 -15.06 -17.99
C SER A 81 5.33 -16.41 -17.27
N GLY A 82 4.22 -17.11 -17.28
CA GLY A 82 4.15 -18.41 -16.63
C GLY A 82 5.10 -19.41 -17.29
N GLY A 1 11.45 3.72 -0.01
CA GLY A 1 12.40 4.09 -1.04
C GLY A 1 11.68 4.51 -2.32
N SER A 2 12.43 4.48 -3.42
CA SER A 2 11.88 4.85 -4.71
C SER A 2 10.92 3.76 -5.20
N SER A 3 9.65 4.12 -5.27
CA SER A 3 8.63 3.19 -5.71
C SER A 3 7.73 3.86 -6.76
N GLY A 4 7.11 4.96 -6.33
CA GLY A 4 6.22 5.70 -7.21
C GLY A 4 4.89 5.98 -6.52
N SER A 5 4.65 7.26 -6.24
CA SER A 5 3.43 7.67 -5.59
C SER A 5 2.22 7.08 -6.32
N SER A 6 1.35 6.44 -5.54
CA SER A 6 0.16 5.81 -6.09
C SER A 6 -0.74 6.87 -6.73
N GLY A 7 -1.72 6.41 -7.47
CA GLY A 7 -2.65 7.30 -8.14
C GLY A 7 -4.06 7.17 -7.55
N ALA A 8 -5.02 6.93 -8.43
CA ALA A 8 -6.39 6.79 -8.00
C ALA A 8 -6.99 5.54 -8.64
N ARG A 9 -8.09 5.07 -8.06
CA ARG A 9 -8.76 3.88 -8.56
C ARG A 9 -7.78 2.72 -8.67
N ARG A 10 -7.61 2.02 -7.56
CA ARG A 10 -6.70 0.88 -7.53
C ARG A 10 -6.68 0.27 -6.11
N PRO A 11 -6.11 -0.97 -6.04
CA PRO A 11 -6.02 -1.66 -4.77
C PRO A 11 -4.94 -1.07 -3.89
N MET A 12 -4.61 -1.80 -2.83
CA MET A 12 -3.59 -1.36 -1.90
C MET A 12 -2.52 -2.44 -1.69
N ASN A 13 -1.30 -2.09 -2.02
CA ASN A 13 -0.18 -3.03 -1.88
C ASN A 13 0.23 -3.09 -0.41
N ALA A 14 1.22 -3.92 -0.14
CA ALA A 14 1.73 -4.09 1.22
C ALA A 14 2.17 -2.73 1.76
N PHE A 15 2.83 -1.96 0.90
CA PHE A 15 3.31 -0.65 1.28
C PHE A 15 2.14 0.31 1.53
N LEU A 16 1.20 0.29 0.60
CA LEU A 16 0.03 1.15 0.71
C LEU A 16 -0.66 0.91 2.06
N LEU A 17 -0.52 -0.32 2.54
CA LEU A 17 -1.12 -0.70 3.81
C LEU A 17 -0.38 0.00 4.95
N PHE A 18 0.93 -0.19 4.96
CA PHE A 18 1.77 0.41 5.99
C PHE A 18 1.55 1.93 6.05
N CYS A 19 1.50 2.54 4.87
CA CYS A 19 1.30 3.98 4.78
C CYS A 19 -0.09 4.30 5.34
N LYS A 20 -1.02 3.39 5.09
CA LYS A 20 -2.38 3.57 5.56
C LYS A 20 -2.42 3.40 7.08
N ARG A 21 -1.52 2.55 7.56
CA ARG A 21 -1.44 2.29 8.99
C ARG A 21 -0.64 3.38 9.70
N HIS A 22 0.61 3.52 9.26
CA HIS A 22 1.49 4.53 9.83
C HIS A 22 1.03 5.92 9.40
N ARG A 23 0.11 5.94 8.45
CA ARG A 23 -0.43 7.20 7.95
C ARG A 23 -0.54 8.21 9.08
N SER A 24 -1.45 7.93 9.99
CA SER A 24 -1.68 8.81 11.13
C SER A 24 -0.36 9.04 11.87
N LEU A 25 0.34 7.95 12.14
CA LEU A 25 1.60 8.02 12.85
C LEU A 25 2.42 9.20 12.31
N VAL A 26 2.89 9.03 11.08
CA VAL A 26 3.68 10.06 10.44
C VAL A 26 2.94 11.40 10.53
N ARG A 27 1.78 11.45 9.90
CA ARG A 27 0.97 12.66 9.91
C ARG A 27 1.03 13.32 11.28
N GLN A 28 1.00 12.50 12.31
CA GLN A 28 1.05 13.00 13.68
C GLN A 28 2.45 13.52 14.00
N GLU A 29 3.41 12.61 13.99
CA GLU A 29 4.79 12.97 14.29
C GLU A 29 5.23 14.14 13.39
N HIS A 30 4.54 14.28 12.28
CA HIS A 30 4.84 15.34 11.33
C HIS A 30 3.55 15.99 10.85
N PRO A 31 3.03 16.92 11.70
CA PRO A 31 1.79 17.62 11.37
C PRO A 31 2.03 18.69 10.30
N ARG A 32 3.01 19.54 10.57
CA ARG A 32 3.34 20.62 9.65
C ARG A 32 3.36 20.08 8.22
N LEU A 33 3.71 18.81 8.09
CA LEU A 33 3.76 18.17 6.78
C LEU A 33 2.38 18.24 6.13
N ASP A 34 2.38 18.31 4.81
CA ASP A 34 1.15 18.38 4.06
C ASP A 34 0.95 17.07 3.30
N ASN A 35 1.05 15.97 4.02
CA ASN A 35 0.89 14.65 3.43
C ASN A 35 2.08 14.38 2.50
N ARG A 36 2.15 15.16 1.43
CA ARG A 36 3.21 15.00 0.46
C ARG A 36 4.54 14.71 1.17
N GLY A 37 4.77 15.47 2.23
CA GLY A 37 6.00 15.32 3.00
C GLY A 37 5.92 14.09 3.90
N ALA A 38 4.76 13.93 4.54
CA ALA A 38 4.55 12.80 5.44
C ALA A 38 4.75 11.50 4.66
N THR A 39 4.18 11.47 3.47
CA THR A 39 4.29 10.29 2.62
C THR A 39 5.75 9.84 2.50
N LYS A 40 6.61 10.82 2.28
CA LYS A 40 8.03 10.56 2.15
C LYS A 40 8.54 9.85 3.41
N ILE A 41 7.99 10.27 4.53
CA ILE A 41 8.36 9.70 5.82
C ILE A 41 7.90 8.24 5.88
N LEU A 42 6.63 8.05 5.54
CA LEU A 42 6.06 6.72 5.54
C LEU A 42 6.91 5.78 4.69
N ALA A 43 7.49 6.35 3.65
CA ALA A 43 8.34 5.59 2.75
C ALA A 43 9.51 4.99 3.54
N ASP A 44 10.39 5.87 3.98
CA ASP A 44 11.56 5.45 4.75
C ASP A 44 11.12 4.45 5.81
N TRP A 45 9.96 4.73 6.40
CA TRP A 45 9.42 3.86 7.43
C TRP A 45 9.30 2.44 6.86
N TRP A 46 8.79 2.37 5.65
CA TRP A 46 8.62 1.09 4.97
C TRP A 46 9.99 0.64 4.49
N ALA A 47 10.70 1.56 3.86
CA ALA A 47 12.03 1.26 3.34
C ALA A 47 12.86 0.58 4.43
N VAL A 48 12.46 0.84 5.67
CA VAL A 48 13.16 0.25 6.80
C VAL A 48 12.18 -0.61 7.62
N LEU A 49 11.65 -1.62 6.95
CA LEU A 49 10.71 -2.52 7.58
C LEU A 49 11.17 -3.96 7.38
N ASP A 50 10.80 -4.81 8.34
CA ASP A 50 11.18 -6.21 8.29
C ASP A 50 10.19 -6.96 7.40
N PRO A 51 10.52 -8.25 7.14
CA PRO A 51 9.67 -9.09 6.31
C PRO A 51 8.41 -9.52 7.07
N LYS A 52 8.60 -9.81 8.35
CA LYS A 52 7.50 -10.23 9.19
C LYS A 52 6.32 -9.27 9.01
N GLU A 53 6.63 -7.98 9.08
CA GLU A 53 5.62 -6.96 8.92
C GLU A 53 5.05 -6.98 7.51
N LYS A 54 5.96 -7.11 6.55
CA LYS A 54 5.56 -7.14 5.15
C LYS A 54 4.61 -8.31 4.92
N GLN A 55 4.71 -9.29 5.81
CA GLN A 55 3.86 -10.47 5.72
C GLN A 55 2.39 -10.08 5.83
N LYS A 56 1.99 -9.74 7.05
CA LYS A 56 0.61 -9.35 7.30
C LYS A 56 0.18 -8.32 6.26
N TYR A 57 1.13 -7.48 5.88
CA TYR A 57 0.86 -6.44 4.90
C TYR A 57 0.61 -7.05 3.52
N THR A 58 1.53 -7.92 3.12
CA THR A 58 1.42 -8.58 1.83
C THR A 58 0.09 -9.34 1.71
N ASP A 59 -0.28 -9.96 2.82
CA ASP A 59 -1.52 -10.72 2.87
C ASP A 59 -2.71 -9.76 2.74
N MET A 60 -2.72 -8.76 3.62
CA MET A 60 -3.78 -7.77 3.61
C MET A 60 -4.07 -7.28 2.19
N ALA A 61 -3.00 -6.97 1.48
CA ALA A 61 -3.12 -6.49 0.11
C ALA A 61 -3.68 -7.60 -0.77
N LYS A 62 -3.02 -8.76 -0.71
CA LYS A 62 -3.43 -9.90 -1.49
C LYS A 62 -4.97 -9.99 -1.49
N GLU A 63 -5.53 -9.85 -0.30
CA GLU A 63 -6.98 -9.91 -0.15
C GLU A 63 -7.63 -8.69 -0.81
N TYR A 64 -7.16 -7.51 -0.40
CA TYR A 64 -7.69 -6.27 -0.94
C TYR A 64 -7.65 -6.28 -2.47
N LYS A 65 -6.51 -6.71 -2.99
CA LYS A 65 -6.32 -6.78 -4.44
C LYS A 65 -7.36 -7.74 -5.03
N ASP A 66 -7.27 -8.99 -4.63
CA ASP A 66 -8.19 -10.01 -5.10
C ASP A 66 -9.60 -9.45 -5.12
N ALA A 67 -10.01 -8.91 -3.99
CA ALA A 67 -11.34 -8.34 -3.86
C ALA A 67 -11.61 -7.41 -5.05
N PHE A 68 -10.83 -6.34 -5.11
CA PHE A 68 -10.97 -5.37 -6.19
C PHE A 68 -11.08 -6.07 -7.54
N MET A 69 -10.21 -7.05 -7.74
CA MET A 69 -10.20 -7.80 -8.99
C MET A 69 -11.51 -8.56 -9.18
N LYS A 70 -12.41 -7.93 -9.92
CA LYS A 70 -13.71 -8.53 -10.18
C LYS A 70 -13.96 -8.54 -11.69
N ALA A 71 -14.01 -7.35 -12.26
CA ALA A 71 -14.23 -7.21 -13.70
C ALA A 71 -12.89 -7.25 -14.42
N ASN A 72 -12.22 -8.39 -14.32
CA ASN A 72 -10.93 -8.57 -14.96
C ASN A 72 -10.61 -10.06 -15.05
N PRO A 73 -10.94 -10.65 -16.23
CA PRO A 73 -10.69 -12.07 -16.45
C PRO A 73 -9.20 -12.33 -16.69
N GLY A 74 -8.45 -12.26 -15.62
CA GLY A 74 -7.01 -12.48 -15.69
C GLY A 74 -6.23 -11.19 -15.43
N TYR A 75 -5.95 -10.49 -16.52
CA TYR A 75 -5.21 -9.24 -16.43
C TYR A 75 -3.89 -9.43 -15.67
N ARG A 76 -3.98 -9.32 -14.35
CA ARG A 76 -2.81 -9.48 -13.52
C ARG A 76 -1.86 -8.28 -13.70
N SER A 77 -1.26 -8.22 -14.88
CA SER A 77 -0.33 -7.15 -15.19
C SER A 77 1.05 -7.48 -14.63
N GLY A 78 1.09 -7.69 -13.33
CA GLY A 78 2.34 -8.01 -12.66
C GLY A 78 3.04 -9.18 -13.35
N PRO A 79 4.33 -9.40 -12.95
CA PRO A 79 5.11 -10.48 -13.52
C PRO A 79 4.68 -11.83 -12.97
N SER A 80 4.66 -11.92 -11.64
CA SER A 80 4.26 -13.15 -10.97
C SER A 80 5.12 -14.31 -11.48
N SER A 81 6.30 -14.44 -10.88
CA SER A 81 7.22 -15.50 -11.25
C SER A 81 7.23 -15.68 -12.77
N GLY A 82 8.10 -14.92 -13.42
CA GLY A 82 8.22 -14.98 -14.86
C GLY A 82 9.61 -15.46 -15.28
N GLY A 1 9.46 -4.57 -3.14
CA GLY A 1 9.76 -3.24 -3.65
C GLY A 1 9.05 -2.99 -4.99
N SER A 2 8.07 -2.11 -4.95
CA SER A 2 7.31 -1.78 -6.14
C SER A 2 6.73 -0.38 -6.02
N SER A 3 6.92 0.40 -7.07
CA SER A 3 6.42 1.77 -7.09
C SER A 3 5.89 2.11 -8.49
N GLY A 4 4.60 2.43 -8.54
CA GLY A 4 3.96 2.77 -9.80
C GLY A 4 3.05 3.99 -9.63
N SER A 5 1.75 3.74 -9.80
CA SER A 5 0.77 4.80 -9.67
C SER A 5 0.12 4.75 -8.29
N SER A 6 0.42 5.77 -7.49
CA SER A 6 -0.12 5.86 -6.14
C SER A 6 -1.24 6.90 -6.10
N GLY A 7 -2.29 6.55 -5.36
CA GLY A 7 -3.43 7.43 -5.23
C GLY A 7 -4.75 6.66 -5.35
N ALA A 8 -5.83 7.41 -5.41
CA ALA A 8 -7.15 6.81 -5.52
C ALA A 8 -7.15 5.78 -6.66
N ARG A 9 -8.25 5.07 -6.78
CA ARG A 9 -8.38 4.06 -7.81
C ARG A 9 -7.31 2.97 -7.64
N ARG A 10 -7.52 1.87 -8.33
CA ARG A 10 -6.60 0.75 -8.26
C ARG A 10 -6.60 0.15 -6.85
N PRO A 11 -6.02 -1.08 -6.75
CA PRO A 11 -5.94 -1.77 -5.48
C PRO A 11 -4.87 -1.14 -4.58
N MET A 12 -4.64 -1.80 -3.45
CA MET A 12 -3.65 -1.33 -2.49
C MET A 12 -2.58 -2.39 -2.25
N ASN A 13 -1.35 -1.92 -2.13
CA ASN A 13 -0.23 -2.82 -1.89
C ASN A 13 0.11 -2.83 -0.40
N ALA A 14 1.11 -3.63 -0.05
CA ALA A 14 1.53 -3.74 1.33
C ALA A 14 1.99 -2.37 1.83
N PHE A 15 3.02 -1.85 1.18
CA PHE A 15 3.56 -0.55 1.54
C PHE A 15 2.45 0.49 1.71
N LEU A 16 1.35 0.24 1.01
CA LEU A 16 0.21 1.14 1.06
C LEU A 16 -0.54 0.93 2.38
N LEU A 17 -0.59 -0.33 2.81
CA LEU A 17 -1.26 -0.68 4.03
C LEU A 17 -0.55 -0.02 5.21
N PHE A 18 0.74 -0.35 5.33
CA PHE A 18 1.55 0.20 6.40
C PHE A 18 1.43 1.72 6.45
N CYS A 19 1.32 2.33 5.27
CA CYS A 19 1.21 3.77 5.18
C CYS A 19 -0.17 4.18 5.72
N LYS A 20 -1.15 3.33 5.44
CA LYS A 20 -2.51 3.59 5.89
C LYS A 20 -2.60 3.30 7.39
N ARG A 21 -1.55 2.70 7.92
CA ARG A 21 -1.50 2.36 9.32
C ARG A 21 -0.69 3.40 10.09
N HIS A 22 0.45 3.75 9.51
CA HIS A 22 1.33 4.73 10.13
C HIS A 22 0.96 6.13 9.65
N ARG A 23 0.12 6.17 8.63
CA ARG A 23 -0.33 7.43 8.06
C ARG A 23 -0.53 8.46 9.16
N SER A 24 -1.50 8.19 10.01
CA SER A 24 -1.80 9.10 11.11
C SER A 24 -0.53 9.40 11.91
N LEU A 25 0.18 8.34 12.24
CA LEU A 25 1.41 8.47 13.00
C LEU A 25 2.26 9.60 12.40
N VAL A 26 2.67 9.38 11.16
CA VAL A 26 3.47 10.37 10.46
C VAL A 26 2.74 11.72 10.45
N ARG A 27 1.57 11.71 9.83
CA ARG A 27 0.76 12.91 9.74
C ARG A 27 0.79 13.66 11.07
N GLN A 28 0.96 12.90 12.14
CA GLN A 28 1.00 13.48 13.47
C GLN A 28 2.41 13.99 13.78
N GLU A 29 3.35 13.06 13.79
CA GLU A 29 4.74 13.39 14.08
C GLU A 29 5.23 14.46 13.08
N HIS A 30 4.50 14.60 11.99
CA HIS A 30 4.85 15.57 10.97
C HIS A 30 3.58 16.23 10.43
N PRO A 31 3.07 17.22 11.22
CA PRO A 31 1.87 17.93 10.83
C PRO A 31 2.16 18.93 9.71
N ARG A 32 3.29 19.60 9.85
CA ARG A 32 3.70 20.59 8.86
C ARG A 32 3.69 19.98 7.46
N LEU A 33 3.75 18.65 7.43
CA LEU A 33 3.74 17.93 6.16
C LEU A 33 2.36 18.05 5.52
N ASP A 34 2.35 17.96 4.20
CA ASP A 34 1.11 18.06 3.45
C ASP A 34 0.90 16.76 2.66
N ASN A 35 0.94 15.65 3.38
CA ASN A 35 0.75 14.36 2.76
C ASN A 35 1.95 14.04 1.87
N ARG A 36 2.09 14.83 0.81
CA ARG A 36 3.18 14.64 -0.12
C ARG A 36 4.47 14.29 0.63
N GLY A 37 4.67 14.97 1.75
CA GLY A 37 5.85 14.74 2.57
C GLY A 37 5.66 13.50 3.45
N ALA A 38 4.52 13.45 4.11
CA ALA A 38 4.21 12.33 4.99
C ALA A 38 4.57 11.02 4.28
N THR A 39 4.20 10.95 3.02
CA THR A 39 4.46 9.76 2.22
C THR A 39 5.97 9.47 2.21
N LYS A 40 6.74 10.54 2.05
CA LYS A 40 8.19 10.40 2.01
C LYS A 40 8.70 9.98 3.39
N ILE A 41 7.87 10.22 4.39
CA ILE A 41 8.22 9.87 5.75
C ILE A 41 7.87 8.40 6.00
N LEU A 42 6.78 7.97 5.40
CA LEU A 42 6.32 6.61 5.55
C LEU A 42 7.28 5.68 4.81
N ALA A 43 7.70 6.12 3.63
CA ALA A 43 8.61 5.34 2.82
C ALA A 43 9.77 4.85 3.69
N ASP A 44 10.32 5.78 4.46
CA ASP A 44 11.43 5.45 5.34
C ASP A 44 10.98 4.37 6.34
N TRP A 45 9.98 4.72 7.14
CA TRP A 45 9.46 3.81 8.13
C TRP A 45 9.36 2.42 7.48
N TRP A 46 8.73 2.39 6.32
CA TRP A 46 8.56 1.14 5.60
C TRP A 46 9.95 0.60 5.25
N ALA A 47 10.75 1.47 4.64
CA ALA A 47 12.10 1.09 4.25
C ALA A 47 12.76 0.32 5.40
N VAL A 48 12.39 0.70 6.61
CA VAL A 48 12.94 0.06 7.80
C VAL A 48 11.89 -0.88 8.39
N LEU A 49 11.36 -1.74 7.53
CA LEU A 49 10.35 -2.69 7.96
C LEU A 49 10.87 -4.11 7.74
N ASP A 50 10.58 -4.97 8.70
CA ASP A 50 11.01 -6.35 8.63
C ASP A 50 10.21 -7.08 7.55
N PRO A 51 10.57 -8.38 7.34
CA PRO A 51 9.89 -9.18 6.33
C PRO A 51 8.51 -9.62 6.83
N LYS A 52 8.51 -10.26 8.00
CA LYS A 52 7.28 -10.73 8.58
C LYS A 52 6.17 -9.69 8.36
N GLU A 53 6.48 -8.46 8.74
CA GLU A 53 5.54 -7.36 8.59
C GLU A 53 5.19 -7.16 7.11
N LYS A 54 6.23 -7.09 6.30
CA LYS A 54 6.05 -6.91 4.87
C LYS A 54 5.16 -8.03 4.32
N GLN A 55 5.47 -9.24 4.73
CA GLN A 55 4.72 -10.41 4.29
C GLN A 55 3.28 -10.33 4.82
N LYS A 56 3.16 -9.84 6.04
CA LYS A 56 1.85 -9.71 6.67
C LYS A 56 0.97 -8.80 5.81
N TYR A 57 1.47 -7.59 5.58
CA TYR A 57 0.73 -6.62 4.79
C TYR A 57 0.38 -7.19 3.42
N THR A 58 1.34 -7.88 2.83
CA THR A 58 1.14 -8.49 1.52
C THR A 58 -0.13 -9.35 1.52
N ASP A 59 -0.44 -9.89 2.69
CA ASP A 59 -1.62 -10.73 2.84
C ASP A 59 -2.86 -9.84 2.92
N MET A 60 -2.67 -8.66 3.49
CA MET A 60 -3.77 -7.72 3.64
C MET A 60 -4.10 -7.05 2.30
N ALA A 61 -3.08 -6.98 1.45
CA ALA A 61 -3.25 -6.37 0.14
C ALA A 61 -3.87 -7.39 -0.82
N LYS A 62 -3.16 -8.50 -0.98
CA LYS A 62 -3.62 -9.56 -1.86
C LYS A 62 -5.12 -9.82 -1.60
N GLU A 63 -5.53 -9.56 -0.37
CA GLU A 63 -6.91 -9.76 0.01
C GLU A 63 -7.76 -8.57 -0.43
N TYR A 64 -7.21 -7.38 -0.21
CA TYR A 64 -7.90 -6.16 -0.59
C TYR A 64 -7.97 -6.00 -2.11
N LYS A 65 -6.87 -6.37 -2.75
CA LYS A 65 -6.79 -6.28 -4.21
C LYS A 65 -7.77 -7.28 -4.83
N ASP A 66 -7.55 -8.55 -4.53
CA ASP A 66 -8.40 -9.60 -5.06
C ASP A 66 -9.86 -9.16 -4.99
N ALA A 67 -10.22 -8.64 -3.81
CA ALA A 67 -11.58 -8.16 -3.59
C ALA A 67 -11.97 -7.20 -4.72
N PHE A 68 -11.24 -6.10 -4.79
CA PHE A 68 -11.51 -5.10 -5.80
C PHE A 68 -11.72 -5.74 -7.18
N MET A 69 -10.77 -6.58 -7.55
CA MET A 69 -10.85 -7.27 -8.83
C MET A 69 -12.17 -8.03 -8.96
N LYS A 70 -13.06 -7.46 -9.77
CA LYS A 70 -14.36 -8.07 -10.00
C LYS A 70 -14.50 -8.42 -11.48
N ALA A 71 -14.44 -7.38 -12.31
CA ALA A 71 -14.55 -7.57 -13.74
C ALA A 71 -13.22 -7.23 -14.41
N ASN A 72 -12.22 -8.04 -14.12
CA ASN A 72 -10.90 -7.83 -14.69
C ASN A 72 -10.44 -9.11 -15.39
N PRO A 73 -10.11 -8.95 -16.70
CA PRO A 73 -9.66 -10.08 -17.50
C PRO A 73 -8.22 -10.47 -17.14
N GLY A 74 -7.83 -11.66 -17.57
CA GLY A 74 -6.50 -12.15 -17.31
C GLY A 74 -6.23 -12.23 -15.81
N TYR A 75 -7.03 -13.03 -15.13
CA TYR A 75 -6.88 -13.20 -13.69
C TYR A 75 -7.60 -14.46 -13.21
N ARG A 76 -7.30 -14.85 -11.99
CA ARG A 76 -7.90 -16.04 -11.40
C ARG A 76 -7.24 -16.35 -10.05
N SER A 77 -5.96 -16.06 -9.98
CA SER A 77 -5.20 -16.31 -8.75
C SER A 77 -5.09 -17.82 -8.52
N GLY A 78 -6.21 -18.42 -8.18
CA GLY A 78 -6.24 -19.86 -7.92
C GLY A 78 -5.40 -20.62 -8.95
N PRO A 79 -4.17 -21.01 -8.51
CA PRO A 79 -3.26 -21.73 -9.38
C PRO A 79 -3.71 -23.19 -9.53
N SER A 80 -2.85 -23.97 -10.18
CA SER A 80 -3.14 -25.38 -10.40
C SER A 80 -4.39 -25.52 -11.27
N SER A 81 -4.34 -26.49 -12.17
CA SER A 81 -5.46 -26.75 -13.06
C SER A 81 -5.45 -28.21 -13.50
N GLY A 82 -6.15 -29.03 -12.74
CA GLY A 82 -6.22 -30.45 -13.05
C GLY A 82 -7.62 -30.84 -13.53
N GLY A 1 6.15 17.30 -12.96
CA GLY A 1 6.60 16.06 -12.35
C GLY A 1 5.52 14.97 -12.45
N SER A 2 5.26 14.35 -11.32
CA SER A 2 4.26 13.29 -11.26
C SER A 2 2.88 13.89 -10.99
N SER A 3 1.93 13.52 -11.84
CA SER A 3 0.58 14.01 -11.70
C SER A 3 -0.40 12.83 -11.58
N GLY A 4 -1.07 12.77 -10.44
CA GLY A 4 -2.03 11.71 -10.19
C GLY A 4 -1.53 10.78 -9.07
N SER A 5 -1.36 11.36 -7.90
CA SER A 5 -0.89 10.61 -6.75
C SER A 5 -2.01 10.50 -5.70
N SER A 6 -2.21 9.30 -5.21
CA SER A 6 -3.24 9.05 -4.21
C SER A 6 -4.62 9.37 -4.80
N GLY A 7 -5.25 8.33 -5.33
CA GLY A 7 -6.56 8.48 -5.92
C GLY A 7 -7.53 7.44 -5.37
N ALA A 8 -8.30 6.86 -6.28
CA ALA A 8 -9.28 5.84 -5.90
C ALA A 8 -9.58 4.96 -7.11
N ARG A 9 -8.97 3.79 -7.11
CA ARG A 9 -9.17 2.84 -8.20
C ARG A 9 -8.23 1.65 -8.06
N ARG A 10 -6.95 1.96 -7.98
CA ARG A 10 -5.94 0.92 -7.83
C ARG A 10 -5.98 0.34 -6.42
N PRO A 11 -5.51 -0.94 -6.31
CA PRO A 11 -5.49 -1.63 -5.03
C PRO A 11 -4.36 -1.10 -4.14
N MET A 12 -4.30 -1.64 -2.94
CA MET A 12 -3.28 -1.24 -1.99
C MET A 12 -2.27 -2.36 -1.76
N ASN A 13 -1.01 -2.05 -2.05
CA ASN A 13 0.06 -3.02 -1.89
C ASN A 13 0.39 -3.16 -0.40
N ALA A 14 1.39 -3.99 -0.13
CA ALA A 14 1.81 -4.22 1.25
C ALA A 14 2.35 -2.92 1.83
N PHE A 15 2.88 -2.08 0.95
CA PHE A 15 3.43 -0.80 1.37
C PHE A 15 2.32 0.22 1.62
N LEU A 16 1.37 0.25 0.70
CA LEU A 16 0.25 1.16 0.80
C LEU A 16 -0.53 0.87 2.08
N LEU A 17 -0.27 -0.29 2.64
CA LEU A 17 -0.94 -0.71 3.87
C LEU A 17 -0.24 -0.05 5.07
N PHE A 18 1.07 -0.24 5.12
CA PHE A 18 1.86 0.33 6.20
C PHE A 18 1.73 1.86 6.24
N CYS A 19 1.50 2.42 5.07
CA CYS A 19 1.36 3.87 4.95
C CYS A 19 0.01 4.27 5.55
N LYS A 20 -1.01 3.49 5.21
CA LYS A 20 -2.35 3.76 5.71
C LYS A 20 -2.44 3.28 7.16
N ARG A 21 -1.41 2.57 7.59
CA ARG A 21 -1.37 2.05 8.95
C ARG A 21 -0.71 3.08 9.88
N HIS A 22 0.45 3.56 9.45
CA HIS A 22 1.19 4.53 10.24
C HIS A 22 0.82 5.95 9.77
N ARG A 23 0.11 6.00 8.66
CA ARG A 23 -0.31 7.27 8.10
C ARG A 23 -0.58 8.28 9.22
N SER A 24 -1.60 7.97 10.01
CA SER A 24 -1.97 8.83 11.11
C SER A 24 -0.75 9.11 12.00
N LEU A 25 -0.02 8.05 12.29
CA LEU A 25 1.16 8.16 13.12
C LEU A 25 2.02 9.33 12.63
N VAL A 26 2.48 9.20 11.40
CA VAL A 26 3.31 10.23 10.80
C VAL A 26 2.54 11.55 10.79
N ARG A 27 1.42 11.54 10.09
CA ARG A 27 0.58 12.72 9.98
C ARG A 27 0.56 13.47 11.32
N GLN A 28 0.62 12.70 12.39
CA GLN A 28 0.61 13.27 13.73
C GLN A 28 1.97 13.89 14.05
N GLU A 29 3.00 13.05 13.99
CA GLU A 29 4.34 13.50 14.28
C GLU A 29 4.78 14.55 13.25
N HIS A 30 4.00 14.65 12.19
CA HIS A 30 4.28 15.61 11.13
C HIS A 30 2.98 16.20 10.60
N PRO A 31 2.39 17.12 11.41
CA PRO A 31 1.14 17.76 11.03
C PRO A 31 1.37 18.81 9.95
N ARG A 32 2.53 19.47 10.04
CA ARG A 32 2.89 20.50 9.09
C ARG A 32 2.88 19.93 7.67
N LEU A 33 3.20 18.65 7.57
CA LEU A 33 3.23 17.97 6.28
C LEU A 33 1.83 18.00 5.66
N ASP A 34 1.81 17.96 4.34
CA ASP A 34 0.55 17.98 3.61
C ASP A 34 0.06 16.55 3.42
N ASN A 35 0.63 15.89 2.41
CA ASN A 35 0.26 14.52 2.11
C ASN A 35 1.45 13.81 1.46
N ARG A 36 1.99 14.45 0.43
CA ARG A 36 3.12 13.88 -0.28
C ARG A 36 4.34 13.81 0.64
N GLY A 37 4.38 14.73 1.58
CA GLY A 37 5.49 14.78 2.53
C GLY A 37 5.42 13.60 3.50
N ALA A 38 4.24 13.42 4.09
CA ALA A 38 4.04 12.34 5.03
C ALA A 38 4.41 11.01 4.38
N THR A 39 4.46 11.03 3.05
CA THR A 39 4.81 9.84 2.29
C THR A 39 6.33 9.70 2.19
N LYS A 40 7.01 10.79 2.52
CA LYS A 40 8.46 10.81 2.46
C LYS A 40 9.03 10.11 3.71
N ILE A 41 8.31 10.27 4.81
CA ILE A 41 8.73 9.66 6.06
C ILE A 41 8.31 8.20 6.09
N LEU A 42 7.09 7.96 5.63
CA LEU A 42 6.56 6.60 5.59
C LEU A 42 7.47 5.73 4.73
N ALA A 43 7.82 6.25 3.57
CA ALA A 43 8.68 5.54 2.65
C ALA A 43 9.86 4.95 3.41
N ASP A 44 10.60 5.83 4.08
CA ASP A 44 11.76 5.41 4.85
C ASP A 44 11.32 4.41 5.91
N TRP A 45 10.27 4.78 6.63
CA TRP A 45 9.74 3.93 7.68
C TRP A 45 9.55 2.52 7.09
N TRP A 46 9.19 2.50 5.82
CA TRP A 46 8.98 1.23 5.13
C TRP A 46 10.34 0.69 4.69
N ALA A 47 11.11 1.55 4.05
CA ALA A 47 12.43 1.18 3.57
C ALA A 47 13.17 0.41 4.68
N VAL A 48 12.78 0.71 5.92
CA VAL A 48 13.39 0.07 7.06
C VAL A 48 12.35 -0.80 7.77
N LEU A 49 11.77 -1.71 7.00
CA LEU A 49 10.76 -2.60 7.54
C LEU A 49 11.23 -4.05 7.40
N ASP A 50 10.72 -4.90 8.28
CA ASP A 50 11.08 -6.30 8.27
C ASP A 50 10.15 -7.07 7.33
N PRO A 51 10.43 -8.39 7.18
CA PRO A 51 9.62 -9.23 6.32
C PRO A 51 8.28 -9.56 6.98
N LYS A 52 8.37 -10.02 8.22
CA LYS A 52 7.17 -10.37 8.98
C LYS A 52 6.08 -9.33 8.72
N GLU A 53 6.48 -8.07 8.82
CA GLU A 53 5.55 -6.97 8.60
C GLU A 53 5.09 -6.95 7.14
N LYS A 54 6.06 -7.01 6.25
CA LYS A 54 5.77 -7.00 4.82
C LYS A 54 4.83 -8.16 4.49
N GLN A 55 5.03 -9.26 5.18
CA GLN A 55 4.20 -10.44 4.98
C GLN A 55 2.74 -10.11 5.26
N LYS A 56 2.46 -9.79 6.51
CA LYS A 56 1.10 -9.45 6.92
C LYS A 56 0.51 -8.46 5.92
N TYR A 57 1.31 -7.46 5.58
CA TYR A 57 0.88 -6.43 4.65
C TYR A 57 0.52 -7.05 3.30
N THR A 58 1.39 -7.93 2.83
CA THR A 58 1.18 -8.59 1.56
C THR A 58 -0.16 -9.35 1.57
N ASP A 59 -0.44 -9.97 2.70
CA ASP A 59 -1.67 -10.73 2.85
C ASP A 59 -2.87 -9.77 2.78
N MET A 60 -2.75 -8.68 3.52
CA MET A 60 -3.81 -7.69 3.56
C MET A 60 -4.05 -7.09 2.17
N ALA A 61 -2.95 -6.85 1.47
CA ALA A 61 -3.02 -6.28 0.13
C ALA A 61 -3.66 -7.30 -0.81
N LYS A 62 -3.09 -8.50 -0.81
CA LYS A 62 -3.58 -9.57 -1.65
C LYS A 62 -5.08 -9.78 -1.38
N GLU A 63 -5.47 -9.46 -0.16
CA GLU A 63 -6.86 -9.62 0.25
C GLU A 63 -7.68 -8.42 -0.22
N TYR A 64 -7.13 -7.24 0.02
CA TYR A 64 -7.81 -6.01 -0.37
C TYR A 64 -7.93 -5.91 -1.90
N LYS A 65 -6.86 -6.30 -2.56
CA LYS A 65 -6.82 -6.27 -4.02
C LYS A 65 -7.92 -7.19 -4.57
N ASP A 66 -7.82 -8.45 -4.20
CA ASP A 66 -8.78 -9.44 -4.65
C ASP A 66 -10.19 -8.84 -4.59
N ALA A 67 -10.52 -8.31 -3.43
CA ALA A 67 -11.84 -7.70 -3.23
C ALA A 67 -12.11 -6.72 -4.38
N PHE A 68 -11.27 -5.70 -4.46
CA PHE A 68 -11.42 -4.69 -5.49
C PHE A 68 -11.59 -5.34 -6.87
N MET A 69 -10.85 -6.42 -7.07
CA MET A 69 -10.92 -7.14 -8.34
C MET A 69 -12.02 -8.21 -8.31
N LYS A 70 -12.07 -8.99 -9.37
CA LYS A 70 -13.05 -10.05 -9.47
C LYS A 70 -14.40 -9.45 -9.87
N ALA A 71 -14.86 -8.49 -9.08
CA ALA A 71 -16.11 -7.83 -9.35
C ALA A 71 -16.13 -7.32 -10.79
N ASN A 72 -15.15 -6.47 -11.09
CA ASN A 72 -15.04 -5.91 -12.43
C ASN A 72 -15.22 -7.02 -13.46
N PRO A 73 -15.83 -6.64 -14.62
CA PRO A 73 -16.06 -7.58 -15.69
C PRO A 73 -14.77 -7.91 -16.44
N GLY A 74 -13.98 -8.78 -15.84
CA GLY A 74 -12.71 -9.18 -16.42
C GLY A 74 -11.88 -7.96 -16.82
N TYR A 75 -11.11 -7.48 -15.86
CA TYR A 75 -10.25 -6.32 -16.10
C TYR A 75 -8.78 -6.66 -15.85
N ARG A 76 -8.44 -6.83 -14.59
CA ARG A 76 -7.09 -7.16 -14.22
C ARG A 76 -6.14 -6.02 -14.60
N SER A 77 -5.17 -5.78 -13.73
CA SER A 77 -4.19 -4.72 -13.97
C SER A 77 -2.81 -5.32 -14.19
N GLY A 78 -2.33 -6.03 -13.17
CA GLY A 78 -1.02 -6.66 -13.22
C GLY A 78 -1.08 -8.08 -12.68
N PRO A 79 -1.59 -9.00 -13.53
CA PRO A 79 -1.70 -10.41 -13.14
C PRO A 79 -0.33 -11.09 -13.18
N SER A 80 -0.34 -12.36 -12.80
CA SER A 80 0.89 -13.14 -12.78
C SER A 80 1.92 -12.46 -11.88
N SER A 81 2.01 -12.96 -10.66
CA SER A 81 2.95 -12.41 -9.68
C SER A 81 4.37 -12.82 -10.06
N GLY A 82 5.14 -11.83 -10.50
CA GLY A 82 6.52 -12.07 -10.89
C GLY A 82 6.61 -12.46 -12.36
N GLY A 1 1.75 9.31 -17.72
CA GLY A 1 1.10 10.56 -18.06
C GLY A 1 -0.14 10.30 -18.93
N SER A 2 -1.09 9.59 -18.34
CA SER A 2 -2.33 9.26 -19.03
C SER A 2 -3.19 10.53 -19.19
N SER A 3 -4.11 10.45 -20.14
CA SER A 3 -5.00 11.58 -20.39
C SER A 3 -5.44 12.22 -19.08
N GLY A 4 -6.07 11.40 -18.25
CA GLY A 4 -6.56 11.86 -16.96
C GLY A 4 -6.49 10.74 -15.92
N SER A 5 -5.51 10.86 -15.04
CA SER A 5 -5.33 9.88 -13.99
C SER A 5 -6.57 9.83 -13.09
N SER A 6 -7.39 8.82 -13.32
CA SER A 6 -8.60 8.65 -12.53
C SER A 6 -9.33 7.38 -12.98
N GLY A 7 -10.17 6.89 -12.09
CA GLY A 7 -10.94 5.68 -12.38
C GLY A 7 -10.13 4.43 -12.08
N ALA A 8 -10.83 3.31 -11.96
CA ALA A 8 -10.19 2.04 -11.69
C ALA A 8 -9.68 2.04 -10.24
N ARG A 9 -8.67 2.88 -10.01
CA ARG A 9 -8.08 2.98 -8.69
C ARG A 9 -7.42 1.67 -8.28
N ARG A 10 -6.17 1.52 -8.69
CA ARG A 10 -5.41 0.31 -8.39
C ARG A 10 -5.63 -0.09 -6.93
N PRO A 11 -5.41 -1.41 -6.67
CA PRO A 11 -5.58 -1.93 -5.31
C PRO A 11 -4.41 -1.52 -4.42
N MET A 12 -4.64 -1.61 -3.11
CA MET A 12 -3.62 -1.26 -2.15
C MET A 12 -2.61 -2.39 -1.96
N ASN A 13 -1.35 -2.02 -1.95
CA ASN A 13 -0.28 -3.00 -1.78
C ASN A 13 0.06 -3.13 -0.29
N ALA A 14 1.10 -3.89 -0.02
CA ALA A 14 1.53 -4.10 1.35
C ALA A 14 2.01 -2.78 1.95
N PHE A 15 2.73 -2.01 1.13
CA PHE A 15 3.24 -0.73 1.55
C PHE A 15 2.10 0.24 1.88
N LEU A 16 1.18 0.35 0.92
CA LEU A 16 0.04 1.23 1.10
C LEU A 16 -0.62 0.96 2.44
N LEU A 17 -0.62 -0.31 2.82
CA LEU A 17 -1.21 -0.73 4.08
C LEU A 17 -0.42 -0.11 5.24
N PHE A 18 0.86 -0.39 5.26
CA PHE A 18 1.74 0.14 6.29
C PHE A 18 1.61 1.66 6.39
N CYS A 19 1.46 2.29 5.23
CA CYS A 19 1.33 3.73 5.17
C CYS A 19 0.00 4.13 5.80
N LYS A 20 -1.00 3.26 5.59
CA LYS A 20 -2.32 3.50 6.13
C LYS A 20 -2.32 3.21 7.63
N ARG A 21 -1.23 2.60 8.08
CA ARG A 21 -1.10 2.26 9.49
C ARG A 21 -0.33 3.36 10.23
N HIS A 22 0.82 3.73 9.66
CA HIS A 22 1.65 4.75 10.27
C HIS A 22 1.18 6.13 9.79
N ARG A 23 0.31 6.12 8.80
CA ARG A 23 -0.22 7.35 8.24
C ARG A 23 -0.44 8.37 9.36
N SER A 24 -1.39 8.07 10.23
CA SER A 24 -1.70 8.96 11.34
C SER A 24 -0.43 9.29 12.12
N LEU A 25 0.40 8.28 12.31
CA LEU A 25 1.64 8.45 13.03
C LEU A 25 2.40 9.64 12.44
N VAL A 26 2.86 9.46 11.21
CA VAL A 26 3.60 10.50 10.53
C VAL A 26 2.78 11.79 10.52
N ARG A 27 1.60 11.70 9.93
CA ARG A 27 0.71 12.85 9.86
C ARG A 27 0.77 13.66 11.16
N GLN A 28 0.72 12.93 12.27
CA GLN A 28 0.77 13.56 13.57
C GLN A 28 2.13 14.23 13.79
N GLU A 29 3.16 13.41 13.87
CA GLU A 29 4.50 13.92 14.07
C GLU A 29 4.81 15.02 13.06
N HIS A 30 4.12 14.95 11.93
CA HIS A 30 4.31 15.94 10.88
C HIS A 30 2.95 16.40 10.36
N PRO A 31 2.35 17.37 11.10
CA PRO A 31 1.05 17.91 10.73
C PRO A 31 1.18 18.86 9.53
N ARG A 32 2.25 19.64 9.54
CA ARG A 32 2.50 20.59 8.47
C ARG A 32 2.79 19.85 7.16
N LEU A 33 3.56 18.77 7.29
CA LEU A 33 3.93 17.97 6.14
C LEU A 33 2.71 17.83 5.22
N ASP A 34 2.98 17.56 3.95
CA ASP A 34 1.94 17.40 2.96
C ASP A 34 1.79 15.92 2.61
N ASN A 35 0.64 15.59 2.04
CA ASN A 35 0.37 14.21 1.66
C ASN A 35 1.62 13.61 1.03
N ARG A 36 2.37 14.45 0.35
CA ARG A 36 3.60 14.01 -0.30
C ARG A 36 4.72 13.89 0.71
N GLY A 37 4.82 14.91 1.56
CA GLY A 37 5.85 14.94 2.59
C GLY A 37 5.68 13.77 3.57
N ALA A 38 4.51 13.70 4.16
CA ALA A 38 4.20 12.64 5.11
C ALA A 38 4.56 11.29 4.49
N THR A 39 4.10 11.10 3.27
CA THR A 39 4.36 9.86 2.55
C THR A 39 5.86 9.56 2.53
N LYS A 40 6.63 10.61 2.29
CA LYS A 40 8.07 10.48 2.23
C LYS A 40 8.57 9.81 3.52
N ILE A 41 8.11 10.35 4.64
CA ILE A 41 8.50 9.82 5.94
C ILE A 41 8.06 8.36 6.03
N LEU A 42 6.81 8.12 5.67
CA LEU A 42 6.26 6.78 5.71
C LEU A 42 7.14 5.84 4.89
N ALA A 43 7.51 6.31 3.71
CA ALA A 43 8.35 5.54 2.82
C ALA A 43 9.51 4.93 3.61
N ASP A 44 10.31 5.82 4.19
CA ASP A 44 11.45 5.39 4.98
C ASP A 44 11.01 4.33 6.00
N TRP A 45 10.03 4.73 6.81
CA TRP A 45 9.50 3.83 7.83
C TRP A 45 9.36 2.45 7.20
N TRP A 46 8.89 2.44 5.96
CA TRP A 46 8.69 1.19 5.24
C TRP A 46 10.07 0.69 4.80
N ALA A 47 10.81 1.57 4.17
CA ALA A 47 12.15 1.23 3.69
C ALA A 47 12.89 0.45 4.77
N VAL A 48 12.50 0.71 6.01
CA VAL A 48 13.12 0.06 7.15
C VAL A 48 12.09 -0.85 7.83
N LEU A 49 11.51 -1.73 7.03
CA LEU A 49 10.51 -2.66 7.54
C LEU A 49 11.00 -4.09 7.36
N ASP A 50 10.65 -4.93 8.32
CA ASP A 50 11.06 -6.32 8.28
C ASP A 50 10.13 -7.09 7.32
N PRO A 51 10.45 -8.41 7.16
CA PRO A 51 9.67 -9.26 6.27
C PRO A 51 8.32 -9.61 6.91
N LYS A 52 8.41 -10.12 8.13
CA LYS A 52 7.21 -10.50 8.86
C LYS A 52 6.11 -9.47 8.62
N GLU A 53 6.48 -8.20 8.78
CA GLU A 53 5.54 -7.11 8.58
C GLU A 53 5.08 -7.07 7.12
N LYS A 54 6.07 -7.05 6.23
CA LYS A 54 5.78 -7.01 4.81
C LYS A 54 4.84 -8.15 4.44
N GLN A 55 5.04 -9.28 5.11
CA GLN A 55 4.21 -10.45 4.86
C GLN A 55 2.74 -10.14 5.16
N LYS A 56 2.46 -9.95 6.44
CA LYS A 56 1.11 -9.64 6.87
C LYS A 56 0.48 -8.64 5.89
N TYR A 57 1.26 -7.62 5.57
CA TYR A 57 0.79 -6.60 4.65
C TYR A 57 0.56 -7.17 3.25
N THR A 58 1.49 -8.01 2.83
CA THR A 58 1.40 -8.63 1.52
C THR A 58 0.10 -9.43 1.40
N ASP A 59 -0.38 -9.90 2.54
CA ASP A 59 -1.61 -10.67 2.57
C ASP A 59 -2.80 -9.72 2.50
N MET A 60 -2.81 -8.76 3.42
CA MET A 60 -3.89 -7.80 3.48
C MET A 60 -4.18 -7.22 2.08
N ALA A 61 -3.11 -6.83 1.41
CA ALA A 61 -3.24 -6.27 0.07
C ALA A 61 -3.71 -7.35 -0.89
N LYS A 62 -3.08 -8.51 -0.79
CA LYS A 62 -3.41 -9.63 -1.65
C LYS A 62 -4.93 -9.85 -1.61
N GLU A 63 -5.47 -9.81 -0.41
CA GLU A 63 -6.90 -10.00 -0.22
C GLU A 63 -7.68 -8.81 -0.79
N TYR A 64 -7.20 -7.62 -0.44
CA TYR A 64 -7.84 -6.40 -0.90
C TYR A 64 -7.88 -6.36 -2.44
N LYS A 65 -6.75 -6.67 -3.05
CA LYS A 65 -6.66 -6.67 -4.50
C LYS A 65 -7.68 -7.65 -5.06
N ASP A 66 -7.50 -8.91 -4.71
CA ASP A 66 -8.39 -9.96 -5.18
C ASP A 66 -9.83 -9.45 -5.11
N ALA A 67 -10.19 -8.90 -3.96
CA ALA A 67 -11.52 -8.37 -3.76
C ALA A 67 -11.85 -7.38 -4.88
N PHE A 68 -11.04 -6.34 -4.97
CA PHE A 68 -11.23 -5.32 -5.98
C PHE A 68 -11.34 -5.95 -7.37
N MET A 69 -10.30 -6.68 -7.74
CA MET A 69 -10.27 -7.34 -9.03
C MET A 69 -11.66 -7.87 -9.42
N LYS A 70 -12.24 -8.62 -8.50
CA LYS A 70 -13.56 -9.19 -8.73
C LYS A 70 -14.46 -8.13 -9.37
N ALA A 71 -14.56 -6.99 -8.71
CA ALA A 71 -15.38 -5.90 -9.20
C ALA A 71 -15.07 -5.67 -10.68
N ASN A 72 -13.81 -5.33 -10.95
CA ASN A 72 -13.39 -5.09 -12.31
C ASN A 72 -14.03 -6.12 -13.24
N PRO A 73 -15.11 -5.67 -13.94
CA PRO A 73 -15.80 -6.55 -14.87
C PRO A 73 -15.02 -6.74 -16.15
N GLY A 74 -13.97 -7.54 -16.06
CA GLY A 74 -13.12 -7.83 -17.20
C GLY A 74 -11.77 -8.39 -16.76
N TYR A 75 -11.83 -9.48 -16.03
CA TYR A 75 -10.61 -10.12 -15.55
C TYR A 75 -10.94 -11.46 -14.87
N ARG A 76 -9.98 -12.37 -14.97
CA ARG A 76 -10.14 -13.69 -14.37
C ARG A 76 -8.79 -14.24 -13.91
N SER A 77 -7.81 -14.16 -14.80
CA SER A 77 -6.47 -14.63 -14.49
C SER A 77 -6.54 -16.06 -13.97
N GLY A 78 -6.38 -17.01 -14.89
CA GLY A 78 -6.42 -18.42 -14.54
C GLY A 78 -5.12 -19.11 -14.94
N PRO A 79 -4.06 -18.88 -14.11
CA PRO A 79 -2.77 -19.48 -14.37
C PRO A 79 -2.77 -20.96 -14.00
N SER A 80 -3.02 -21.79 -15.01
CA SER A 80 -3.05 -23.22 -14.81
C SER A 80 -3.93 -23.57 -13.61
N SER A 81 -5.23 -23.58 -13.85
CA SER A 81 -6.19 -23.89 -12.79
C SER A 81 -7.59 -24.04 -13.39
N GLY A 82 -8.35 -24.96 -12.81
CA GLY A 82 -9.70 -25.20 -13.28
C GLY A 82 -9.80 -26.54 -14.02
N GLY A 1 15.45 7.04 -0.72
CA GLY A 1 14.02 7.26 -0.88
C GLY A 1 13.54 6.70 -2.23
N SER A 2 12.24 6.43 -2.29
CA SER A 2 11.64 5.90 -3.50
C SER A 2 10.13 6.14 -3.48
N SER A 3 9.65 6.79 -4.53
CA SER A 3 8.23 7.09 -4.65
C SER A 3 7.55 6.03 -5.51
N GLY A 4 6.30 6.30 -5.86
CA GLY A 4 5.52 5.39 -6.68
C GLY A 4 4.37 4.79 -5.89
N SER A 5 3.37 4.32 -6.63
CA SER A 5 2.20 3.72 -6.01
C SER A 5 1.44 4.77 -5.21
N SER A 6 0.45 5.36 -5.87
CA SER A 6 -0.37 6.39 -5.24
C SER A 6 -1.69 5.79 -4.77
N GLY A 7 -2.50 5.38 -5.74
CA GLY A 7 -3.78 4.79 -5.45
C GLY A 7 -4.89 5.43 -6.30
N ALA A 8 -5.15 4.80 -7.44
CA ALA A 8 -6.17 5.29 -8.35
C ALA A 8 -7.14 4.15 -8.67
N ARG A 9 -6.65 3.18 -9.43
CA ARG A 9 -7.46 2.04 -9.81
C ARG A 9 -6.93 0.77 -9.16
N ARG A 10 -5.66 0.50 -9.40
CA ARG A 10 -5.03 -0.68 -8.83
C ARG A 10 -5.33 -0.79 -7.34
N PRO A 11 -5.25 -2.04 -6.83
CA PRO A 11 -5.52 -2.30 -5.42
C PRO A 11 -4.37 -1.82 -4.54
N MET A 12 -4.60 -1.87 -3.24
CA MET A 12 -3.59 -1.45 -2.29
C MET A 12 -2.54 -2.54 -2.07
N ASN A 13 -1.28 -2.11 -2.00
CA ASN A 13 -0.19 -3.04 -1.80
C ASN A 13 0.11 -3.16 -0.30
N ALA A 14 1.20 -3.86 0.00
CA ALA A 14 1.60 -4.04 1.39
C ALA A 14 2.08 -2.71 1.95
N PHE A 15 2.98 -2.07 1.22
CA PHE A 15 3.52 -0.80 1.65
C PHE A 15 2.41 0.24 1.85
N LEU A 16 1.46 0.22 0.93
CA LEU A 16 0.34 1.14 1.00
C LEU A 16 -0.42 0.93 2.32
N LEU A 17 -0.48 -0.33 2.73
CA LEU A 17 -1.16 -0.69 3.95
C LEU A 17 -0.43 -0.05 5.15
N PHE A 18 0.87 -0.31 5.19
CA PHE A 18 1.69 0.24 6.27
C PHE A 18 1.55 1.76 6.36
N CYS A 19 1.47 2.38 5.19
CA CYS A 19 1.32 3.82 5.13
C CYS A 19 -0.05 4.20 5.68
N LYS A 20 -1.04 3.38 5.35
CA LYS A 20 -2.39 3.61 5.79
C LYS A 20 -2.48 3.35 7.30
N ARG A 21 -1.50 2.62 7.80
CA ARG A 21 -1.45 2.29 9.21
C ARG A 21 -0.63 3.35 9.97
N HIS A 22 0.61 3.53 9.53
CA HIS A 22 1.49 4.50 10.15
C HIS A 22 1.09 5.91 9.72
N ARG A 23 0.22 5.96 8.73
CA ARG A 23 -0.24 7.23 8.21
C ARG A 23 -0.38 8.25 9.34
N SER A 24 -1.37 8.01 10.19
CA SER A 24 -1.63 8.88 11.32
C SER A 24 -0.33 9.16 12.07
N LEU A 25 0.41 8.09 12.32
CA LEU A 25 1.67 8.19 13.02
C LEU A 25 2.49 9.35 12.43
N VAL A 26 2.93 9.15 11.20
CA VAL A 26 3.72 10.16 10.51
C VAL A 26 2.99 11.50 10.59
N ARG A 27 1.78 11.52 10.07
CA ARG A 27 0.98 12.73 10.07
C ARG A 27 1.12 13.45 11.41
N GLN A 28 1.09 12.66 12.48
CA GLN A 28 1.21 13.21 13.81
C GLN A 28 2.61 13.78 14.03
N GLU A 29 3.59 12.89 13.97
CA GLU A 29 4.98 13.29 14.16
C GLU A 29 5.35 14.40 13.18
N HIS A 30 4.55 14.52 12.13
CA HIS A 30 4.78 15.54 11.12
C HIS A 30 3.44 16.10 10.65
N PRO A 31 2.90 17.05 11.46
CA PRO A 31 1.63 17.68 11.13
C PRO A 31 1.79 18.69 9.99
N ARG A 32 2.77 19.56 10.16
CA ARG A 32 3.05 20.57 9.16
C ARG A 32 3.03 19.97 7.75
N LEU A 33 3.33 18.68 7.71
CA LEU A 33 3.36 17.96 6.44
C LEU A 33 1.95 17.93 5.86
N ASP A 34 1.89 17.98 4.53
CA ASP A 34 0.62 17.96 3.83
C ASP A 34 0.23 16.51 3.53
N ASN A 35 0.71 16.02 2.39
CA ASN A 35 0.42 14.66 1.97
C ASN A 35 1.70 14.01 1.45
N ARG A 36 2.20 14.56 0.36
CA ARG A 36 3.41 14.05 -0.26
C ARG A 36 4.54 13.97 0.78
N GLY A 37 4.60 14.99 1.62
CA GLY A 37 5.61 15.04 2.66
C GLY A 37 5.50 13.83 3.60
N ALA A 38 4.32 13.67 4.17
CA ALA A 38 4.07 12.57 5.09
C ALA A 38 4.43 11.25 4.39
N THR A 39 3.94 11.11 3.17
CA THR A 39 4.21 9.91 2.39
C THR A 39 5.70 9.74 2.15
N LYS A 40 6.42 10.85 2.30
CA LYS A 40 7.86 10.85 2.11
C LYS A 40 8.54 10.22 3.33
N ILE A 41 7.95 10.47 4.48
CA ILE A 41 8.48 9.93 5.73
C ILE A 41 8.10 8.45 5.85
N LEU A 42 6.82 8.20 5.63
CA LEU A 42 6.32 6.83 5.72
C LEU A 42 7.25 5.90 4.95
N ALA A 43 7.48 6.24 3.69
CA ALA A 43 8.35 5.45 2.84
C ALA A 43 9.56 4.98 3.66
N ASP A 44 10.40 5.94 4.02
CA ASP A 44 11.59 5.64 4.79
C ASP A 44 11.25 4.58 5.85
N TRP A 45 10.33 4.95 6.73
CA TRP A 45 9.91 4.05 7.79
C TRP A 45 9.76 2.65 7.19
N TRP A 46 8.93 2.56 6.16
CA TRP A 46 8.69 1.29 5.50
C TRP A 46 10.04 0.74 5.05
N ALA A 47 10.79 1.58 4.34
CA ALA A 47 12.10 1.18 3.85
C ALA A 47 12.86 0.45 4.95
N VAL A 48 12.54 0.82 6.19
CA VAL A 48 13.18 0.20 7.33
C VAL A 48 12.16 -0.65 8.10
N LEU A 49 11.56 -1.58 7.36
CA LEU A 49 10.56 -2.46 7.95
C LEU A 49 11.02 -3.91 7.80
N ASP A 50 10.53 -4.76 8.69
CA ASP A 50 10.89 -6.16 8.67
C ASP A 50 10.00 -6.89 7.65
N PRO A 51 10.31 -8.20 7.46
CA PRO A 51 9.55 -9.01 6.52
C PRO A 51 8.18 -9.38 7.10
N LYS A 52 8.21 -9.92 8.31
CA LYS A 52 6.98 -10.32 8.98
C LYS A 52 5.90 -9.28 8.70
N GLU A 53 6.26 -8.02 8.90
CA GLU A 53 5.33 -6.93 8.68
C GLU A 53 4.93 -6.86 7.20
N LYS A 54 5.94 -6.90 6.35
CA LYS A 54 5.72 -6.85 4.91
C LYS A 54 4.79 -7.99 4.50
N GLN A 55 4.86 -9.07 5.26
CA GLN A 55 4.02 -10.23 5.00
C GLN A 55 2.56 -9.94 5.36
N LYS A 56 2.35 -9.67 6.63
CA LYS A 56 1.01 -9.38 7.12
C LYS A 56 0.35 -8.36 6.18
N TYR A 57 1.17 -7.51 5.60
CA TYR A 57 0.69 -6.48 4.69
C TYR A 57 0.45 -7.08 3.30
N THR A 58 1.40 -7.88 2.85
CA THR A 58 1.31 -8.51 1.54
C THR A 58 0.03 -9.34 1.45
N ASP A 59 -0.41 -9.84 2.60
CA ASP A 59 -1.61 -10.66 2.65
C ASP A 59 -2.83 -9.75 2.54
N MET A 60 -2.84 -8.69 3.34
CA MET A 60 -3.95 -7.75 3.34
C MET A 60 -4.19 -7.20 1.93
N ALA A 61 -3.10 -6.82 1.28
CA ALA A 61 -3.18 -6.27 -0.06
C ALA A 61 -3.66 -7.37 -1.02
N LYS A 62 -3.06 -8.55 -0.87
CA LYS A 62 -3.40 -9.68 -1.71
C LYS A 62 -4.92 -9.91 -1.64
N GLU A 63 -5.41 -9.99 -0.42
CA GLU A 63 -6.84 -10.21 -0.21
C GLU A 63 -7.64 -9.03 -0.74
N TYR A 64 -7.12 -7.83 -0.49
CA TYR A 64 -7.77 -6.62 -0.94
C TYR A 64 -7.87 -6.58 -2.46
N LYS A 65 -6.78 -6.99 -3.11
CA LYS A 65 -6.74 -6.99 -4.56
C LYS A 65 -7.80 -7.95 -5.10
N ASP A 66 -7.64 -9.22 -4.75
CA ASP A 66 -8.58 -10.24 -5.19
C ASP A 66 -10.01 -9.73 -5.00
N ALA A 67 -10.29 -9.30 -3.78
CA ALA A 67 -11.61 -8.78 -3.45
C ALA A 67 -12.05 -7.80 -4.54
N PHE A 68 -11.28 -6.75 -4.69
CA PHE A 68 -11.58 -5.74 -5.70
C PHE A 68 -11.84 -6.38 -7.07
N MET A 69 -10.88 -7.18 -7.51
CA MET A 69 -11.01 -7.86 -8.79
C MET A 69 -12.38 -8.49 -8.94
N LYS A 70 -13.23 -7.82 -9.70
CA LYS A 70 -14.58 -8.30 -9.94
C LYS A 70 -14.80 -8.48 -11.44
N ALA A 71 -14.74 -7.36 -12.15
CA ALA A 71 -14.93 -7.37 -13.59
C ALA A 71 -13.56 -7.38 -14.28
N ASN A 72 -12.84 -8.47 -14.06
CA ASN A 72 -11.52 -8.61 -14.66
C ASN A 72 -11.49 -9.85 -15.56
N PRO A 73 -10.80 -9.71 -16.71
CA PRO A 73 -10.69 -10.81 -17.67
C PRO A 73 -9.71 -11.87 -17.16
N GLY A 74 -8.52 -11.43 -16.83
CA GLY A 74 -7.49 -12.32 -16.33
C GLY A 74 -7.77 -12.74 -14.89
N TYR A 75 -8.94 -13.33 -14.69
CA TYR A 75 -9.34 -13.78 -13.37
C TYR A 75 -10.65 -14.56 -13.44
N ARG A 76 -10.67 -15.68 -12.72
CA ARG A 76 -11.85 -16.53 -12.68
C ARG A 76 -12.09 -17.04 -11.26
N SER A 77 -12.78 -16.23 -10.48
CA SER A 77 -13.09 -16.59 -9.11
C SER A 77 -11.80 -16.69 -8.29
N GLY A 78 -11.09 -17.78 -8.49
CA GLY A 78 -9.84 -18.01 -7.79
C GLY A 78 -9.56 -19.52 -7.65
N PRO A 79 -8.32 -19.82 -7.17
CA PRO A 79 -7.92 -21.21 -6.98
C PRO A 79 -8.59 -21.81 -5.75
N SER A 80 -8.48 -21.08 -4.64
CA SER A 80 -9.07 -21.54 -3.39
C SER A 80 -10.36 -20.76 -3.11
N SER A 81 -11.11 -21.27 -2.13
CA SER A 81 -12.36 -20.63 -1.77
C SER A 81 -13.20 -20.36 -3.01
N GLY A 82 -14.06 -21.32 -3.32
CA GLY A 82 -14.93 -21.20 -4.48
C GLY A 82 -16.40 -21.15 -4.06
N GLY A 1 9.70 10.89 -11.65
CA GLY A 1 8.76 10.14 -12.48
C GLY A 1 7.36 10.74 -12.42
N SER A 2 6.78 10.93 -13.59
CA SER A 2 5.45 11.50 -13.69
C SER A 2 4.42 10.50 -13.15
N SER A 3 4.40 9.33 -13.78
CA SER A 3 3.47 8.28 -13.38
C SER A 3 3.92 7.67 -12.06
N GLY A 4 3.01 7.68 -11.10
CA GLY A 4 3.29 7.12 -9.78
C GLY A 4 2.32 7.66 -8.73
N SER A 5 1.52 6.76 -8.19
CA SER A 5 0.54 7.12 -7.19
C SER A 5 -0.25 8.34 -7.65
N SER A 6 -1.29 8.07 -8.44
CA SER A 6 -2.13 9.13 -8.97
C SER A 6 -3.38 8.53 -9.62
N GLY A 7 -4.53 8.92 -9.08
CA GLY A 7 -5.79 8.42 -9.60
C GLY A 7 -6.32 7.26 -8.75
N ALA A 8 -6.63 6.17 -9.42
CA ALA A 8 -7.14 4.99 -8.76
C ALA A 8 -7.34 3.86 -9.79
N ARG A 9 -6.23 3.28 -10.19
CA ARG A 9 -6.26 2.20 -11.16
C ARG A 9 -6.18 0.84 -10.45
N ARG A 10 -5.10 0.66 -9.72
CA ARG A 10 -4.89 -0.59 -8.99
C ARG A 10 -5.56 -0.51 -7.62
N PRO A 11 -5.61 -1.69 -6.93
CA PRO A 11 -6.22 -1.77 -5.62
C PRO A 11 -5.31 -1.14 -4.55
N MET A 12 -4.28 -1.90 -4.19
CA MET A 12 -3.34 -1.43 -3.18
C MET A 12 -2.16 -2.40 -3.05
N ASN A 13 -1.14 -1.95 -2.34
CA ASN A 13 0.04 -2.76 -2.13
C ASN A 13 0.28 -2.93 -0.63
N ALA A 14 1.45 -3.48 -0.30
CA ALA A 14 1.80 -3.71 1.09
C ALA A 14 2.18 -2.37 1.74
N PHE A 15 2.90 -1.57 0.97
CA PHE A 15 3.33 -0.26 1.45
C PHE A 15 2.13 0.64 1.76
N LEU A 16 1.24 0.73 0.78
CA LEU A 16 0.04 1.55 0.93
C LEU A 16 -0.66 1.19 2.24
N LEU A 17 -0.57 -0.10 2.58
CA LEU A 17 -1.19 -0.58 3.80
C LEU A 17 -0.47 0.01 5.01
N PHE A 18 0.85 0.07 4.89
CA PHE A 18 1.67 0.62 5.96
C PHE A 18 1.52 2.13 6.06
N CYS A 19 1.27 2.75 4.91
CA CYS A 19 1.10 4.18 4.85
C CYS A 19 -0.29 4.53 5.40
N LYS A 20 -1.21 3.60 5.23
CA LYS A 20 -2.57 3.79 5.70
C LYS A 20 -2.63 3.54 7.20
N ARG A 21 -1.67 2.76 7.68
CA ARG A 21 -1.60 2.44 9.09
C ARG A 21 -0.74 3.48 9.83
N HIS A 22 0.49 3.60 9.38
CA HIS A 22 1.42 4.54 9.99
C HIS A 22 1.01 5.97 9.59
N ARG A 23 0.11 6.05 8.64
CA ARG A 23 -0.37 7.34 8.18
C ARG A 23 -0.45 8.34 9.34
N SER A 24 -1.41 8.11 10.21
CA SER A 24 -1.60 8.99 11.36
C SER A 24 -0.28 9.11 12.13
N LEU A 25 0.36 7.98 12.34
CA LEU A 25 1.62 7.96 13.06
C LEU A 25 2.53 9.07 12.53
N VAL A 26 2.86 8.96 11.25
CA VAL A 26 3.72 9.95 10.61
C VAL A 26 3.08 11.33 10.75
N ARG A 27 1.91 11.47 10.14
CA ARG A 27 1.18 12.73 10.19
C ARG A 27 1.31 13.37 11.57
N GLN A 28 1.45 12.51 12.57
CA GLN A 28 1.59 12.97 13.94
C GLN A 28 3.04 13.37 14.23
N GLU A 29 3.92 12.41 14.05
CA GLU A 29 5.34 12.64 14.29
C GLU A 29 5.87 13.72 13.35
N HIS A 30 5.06 14.02 12.34
CA HIS A 30 5.43 15.05 11.36
C HIS A 30 4.18 15.85 10.98
N PRO A 31 3.79 16.76 11.90
CA PRO A 31 2.63 17.61 11.66
C PRO A 31 2.94 18.72 10.67
N ARG A 32 4.14 19.27 10.80
CA ARG A 32 4.57 20.34 9.92
C ARG A 32 4.41 19.92 8.46
N LEU A 33 4.43 18.60 8.24
CA LEU A 33 4.28 18.06 6.90
C LEU A 33 2.86 18.33 6.40
N ASP A 34 2.74 18.44 5.09
CA ASP A 34 1.44 18.69 4.47
C ASP A 34 0.80 17.37 4.09
N ASN A 35 1.42 16.70 3.13
CA ASN A 35 0.91 15.41 2.67
C ASN A 35 2.03 14.69 1.90
N ARG A 36 2.50 15.33 0.85
CA ARG A 36 3.56 14.76 0.03
C ARG A 36 4.76 14.39 0.90
N GLY A 37 4.95 15.17 1.96
CA GLY A 37 6.06 14.94 2.87
C GLY A 37 5.79 13.72 3.75
N ALA A 38 4.63 13.73 4.39
CA ALA A 38 4.24 12.65 5.27
C ALA A 38 4.39 11.32 4.52
N THR A 39 4.01 11.33 3.26
CA THR A 39 4.11 10.15 2.43
C THR A 39 5.57 9.74 2.25
N LYS A 40 6.41 10.74 2.10
CA LYS A 40 7.84 10.50 1.92
C LYS A 40 8.42 9.90 3.21
N ILE A 41 7.74 10.18 4.30
CA ILE A 41 8.17 9.68 5.60
C ILE A 41 7.71 8.23 5.76
N LEU A 42 6.45 8.00 5.44
CA LEU A 42 5.88 6.66 5.54
C LEU A 42 6.70 5.70 4.69
N ALA A 43 7.22 6.23 3.59
CA ALA A 43 8.03 5.43 2.68
C ALA A 43 9.20 4.82 3.45
N ASP A 44 10.12 5.68 3.85
CA ASP A 44 11.30 5.26 4.59
C ASP A 44 10.87 4.24 5.66
N TRP A 45 9.92 4.66 6.48
CA TRP A 45 9.41 3.81 7.55
C TRP A 45 9.19 2.41 6.96
N TRP A 46 8.65 2.39 5.75
CA TRP A 46 8.38 1.13 5.07
C TRP A 46 9.72 0.57 4.57
N ALA A 47 10.45 1.43 3.86
CA ALA A 47 11.73 1.04 3.32
C ALA A 47 12.57 0.37 4.41
N VAL A 48 12.23 0.70 5.65
CA VAL A 48 12.94 0.15 6.79
C VAL A 48 11.95 -0.62 7.67
N LEU A 49 11.34 -1.64 7.08
CA LEU A 49 10.37 -2.45 7.80
C LEU A 49 10.77 -3.93 7.68
N ASP A 50 10.61 -4.64 8.79
CA ASP A 50 10.94 -6.06 8.81
C ASP A 50 10.03 -6.81 7.85
N PRO A 51 10.33 -8.12 7.68
CA PRO A 51 9.55 -8.97 6.78
C PRO A 51 8.20 -9.33 7.42
N LYS A 52 8.28 -9.82 8.65
CA LYS A 52 7.09 -10.21 9.38
C LYS A 52 5.98 -9.21 9.09
N GLU A 53 6.30 -7.94 9.30
CA GLU A 53 5.33 -6.87 9.06
C GLU A 53 4.90 -6.85 7.60
N LYS A 54 5.89 -6.82 6.72
CA LYS A 54 5.64 -6.80 5.29
C LYS A 54 4.73 -7.97 4.93
N GLN A 55 5.02 -9.12 5.51
CA GLN A 55 4.25 -10.32 5.26
C GLN A 55 2.77 -10.04 5.47
N LYS A 56 2.41 -9.81 6.73
CA LYS A 56 1.03 -9.53 7.08
C LYS A 56 0.46 -8.50 6.11
N TYR A 57 1.25 -7.46 5.87
CA TYR A 57 0.84 -6.40 4.97
C TYR A 57 0.54 -6.95 3.58
N THR A 58 1.52 -7.67 3.04
CA THR A 58 1.37 -8.26 1.72
C THR A 58 0.11 -9.12 1.65
N ASP A 59 -0.22 -9.72 2.78
CA ASP A 59 -1.40 -10.57 2.86
C ASP A 59 -2.65 -9.70 2.75
N MET A 60 -2.57 -8.53 3.36
CA MET A 60 -3.69 -7.60 3.35
C MET A 60 -3.97 -7.10 1.92
N ALA A 61 -2.89 -6.91 1.19
CA ALA A 61 -3.01 -6.44 -0.19
C ALA A 61 -3.46 -7.59 -1.08
N LYS A 62 -2.84 -8.74 -0.89
CA LYS A 62 -3.18 -9.92 -1.67
C LYS A 62 -4.69 -10.16 -1.58
N GLU A 63 -5.20 -10.08 -0.36
CA GLU A 63 -6.62 -10.29 -0.13
C GLU A 63 -7.43 -9.16 -0.76
N TYR A 64 -6.94 -7.94 -0.55
CA TYR A 64 -7.61 -6.76 -1.07
C TYR A 64 -7.64 -6.79 -2.61
N LYS A 65 -6.47 -7.01 -3.19
CA LYS A 65 -6.36 -7.07 -4.63
C LYS A 65 -7.35 -8.09 -5.18
N ASP A 66 -7.13 -9.34 -4.79
CA ASP A 66 -7.99 -10.43 -5.24
C ASP A 66 -9.45 -9.95 -5.23
N ALA A 67 -9.89 -9.52 -4.06
CA ALA A 67 -11.25 -9.05 -3.89
C ALA A 67 -11.59 -8.10 -5.05
N PHE A 68 -10.86 -6.99 -5.10
CA PHE A 68 -11.07 -6.00 -6.14
C PHE A 68 -11.24 -6.67 -7.50
N MET A 69 -10.24 -7.48 -7.85
CA MET A 69 -10.25 -8.17 -9.13
C MET A 69 -11.36 -9.24 -9.15
N LYS A 70 -12.57 -8.79 -9.42
CA LYS A 70 -13.71 -9.68 -9.48
C LYS A 70 -14.50 -9.42 -10.76
N ALA A 71 -13.90 -8.63 -11.63
CA ALA A 71 -14.54 -8.29 -12.89
C ALA A 71 -13.46 -7.94 -13.93
N ASN A 72 -12.50 -8.84 -14.06
CA ASN A 72 -11.41 -8.65 -15.00
C ASN A 72 -11.04 -9.98 -15.64
N PRO A 73 -11.14 -10.02 -17.00
CA PRO A 73 -10.82 -11.23 -17.73
C PRO A 73 -9.31 -11.45 -17.80
N GLY A 74 -8.93 -12.71 -17.94
CA GLY A 74 -7.52 -13.07 -18.02
C GLY A 74 -6.69 -12.24 -17.02
N TYR A 75 -6.75 -12.66 -15.77
CA TYR A 75 -6.01 -11.97 -14.72
C TYR A 75 -5.26 -12.97 -13.83
N ARG A 76 -5.96 -14.04 -13.49
CA ARG A 76 -5.37 -15.08 -12.65
C ARG A 76 -5.00 -14.50 -11.28
N SER A 77 -5.96 -14.60 -10.36
CA SER A 77 -5.76 -14.11 -9.02
C SER A 77 -5.14 -15.20 -8.14
N GLY A 78 -4.19 -14.79 -7.31
CA GLY A 78 -3.52 -15.72 -6.42
C GLY A 78 -4.52 -16.70 -5.80
N PRO A 79 -4.34 -18.00 -6.17
CA PRO A 79 -5.22 -19.04 -5.65
C PRO A 79 -4.89 -19.37 -4.21
N SER A 80 -5.64 -20.32 -3.66
CA SER A 80 -5.45 -20.73 -2.28
C SER A 80 -4.85 -22.15 -2.23
N SER A 81 -4.42 -22.53 -1.04
CA SER A 81 -3.85 -23.86 -0.85
C SER A 81 -4.46 -24.52 0.38
N GLY A 82 -4.35 -25.85 0.40
CA GLY A 82 -4.89 -26.62 1.51
C GLY A 82 -6.36 -26.26 1.76
N GLY A 1 10.12 5.88 -5.48
CA GLY A 1 11.18 6.78 -5.06
C GLY A 1 10.60 8.12 -4.59
N SER A 2 9.90 8.07 -3.48
CA SER A 2 9.28 9.26 -2.92
C SER A 2 8.47 9.99 -3.99
N SER A 3 7.20 9.67 -4.05
CA SER A 3 6.31 10.28 -5.03
C SER A 3 5.02 9.46 -5.15
N GLY A 4 5.19 8.19 -5.48
CA GLY A 4 4.05 7.30 -5.63
C GLY A 4 3.47 7.37 -7.05
N SER A 5 3.93 6.46 -7.88
CA SER A 5 3.48 6.41 -9.27
C SER A 5 2.29 5.44 -9.39
N SER A 6 1.11 6.01 -9.27
CA SER A 6 -0.11 5.21 -9.37
C SER A 6 -1.34 6.12 -9.39
N GLY A 7 -1.66 6.59 -10.58
CA GLY A 7 -2.81 7.47 -10.75
C GLY A 7 -4.04 6.91 -10.04
N ALA A 8 -4.66 5.93 -10.67
CA ALA A 8 -5.84 5.30 -10.11
C ALA A 8 -6.24 4.11 -10.96
N ARG A 9 -5.58 2.98 -10.69
CA ARG A 9 -5.86 1.76 -11.43
C ARG A 9 -5.49 0.53 -10.59
N ARG A 10 -5.90 0.58 -9.34
CA ARG A 10 -5.62 -0.51 -8.42
C ARG A 10 -6.26 -0.24 -7.06
N PRO A 11 -6.51 -1.35 -6.31
CA PRO A 11 -7.12 -1.23 -4.99
C PRO A 11 -6.10 -0.73 -3.97
N MET A 12 -5.05 -1.52 -3.78
CA MET A 12 -4.00 -1.17 -2.84
C MET A 12 -2.88 -2.21 -2.86
N ASN A 13 -1.92 -2.03 -1.95
CA ASN A 13 -0.80 -2.94 -1.85
C ASN A 13 -0.33 -3.00 -0.40
N ALA A 14 0.78 -3.70 -0.20
CA ALA A 14 1.34 -3.84 1.14
C ALA A 14 1.78 -2.47 1.65
N PHE A 15 2.77 -1.91 0.96
CA PHE A 15 3.28 -0.60 1.34
C PHE A 15 2.15 0.38 1.62
N LEU A 16 1.12 0.31 0.78
CA LEU A 16 -0.02 1.18 0.92
C LEU A 16 -0.68 0.94 2.28
N LEU A 17 -0.72 -0.34 2.66
CA LEU A 17 -1.32 -0.73 3.93
C LEU A 17 -0.52 -0.10 5.07
N PHE A 18 0.79 -0.14 4.93
CA PHE A 18 1.67 0.42 5.94
C PHE A 18 1.53 1.94 6.02
N CYS A 19 1.27 2.54 4.87
CA CYS A 19 1.11 3.98 4.80
C CYS A 19 -0.29 4.33 5.32
N LYS A 20 -1.20 3.38 5.14
CA LYS A 20 -2.57 3.58 5.58
C LYS A 20 -2.64 3.40 7.10
N ARG A 21 -1.66 2.68 7.63
CA ARG A 21 -1.60 2.44 9.06
C ARG A 21 -0.72 3.48 9.74
N HIS A 22 0.52 3.55 9.27
CA HIS A 22 1.47 4.50 9.83
C HIS A 22 1.08 5.92 9.43
N ARG A 23 0.13 6.00 8.50
CA ARG A 23 -0.34 7.29 8.03
C ARG A 23 -0.45 8.27 9.19
N SER A 24 -1.46 8.04 10.03
CA SER A 24 -1.69 8.90 11.18
C SER A 24 -0.37 9.13 11.93
N LEU A 25 0.33 8.03 12.18
CA LEU A 25 1.60 8.11 12.88
C LEU A 25 2.41 9.29 12.34
N VAL A 26 2.82 9.16 11.08
CA VAL A 26 3.58 10.21 10.44
C VAL A 26 2.86 11.55 10.59
N ARG A 27 1.66 11.60 10.03
CA ARG A 27 0.85 12.81 10.10
C ARG A 27 0.98 13.45 11.48
N GLN A 28 0.90 12.61 12.50
CA GLN A 28 1.00 13.09 13.86
C GLN A 28 2.40 13.62 14.15
N GLU A 29 3.38 12.73 14.04
CA GLU A 29 4.76 13.10 14.27
C GLU A 29 5.15 14.28 13.38
N HIS A 30 4.36 14.48 12.34
CA HIS A 30 4.61 15.56 11.40
C HIS A 30 3.29 16.18 10.96
N PRO A 31 2.75 17.08 11.84
CA PRO A 31 1.49 17.75 11.54
C PRO A 31 1.68 18.83 10.48
N ARG A 32 2.82 19.49 10.54
CA ARG A 32 3.14 20.55 9.60
C ARG A 32 3.14 19.99 8.17
N LEU A 33 3.31 18.69 8.07
CA LEU A 33 3.34 18.03 6.78
C LEU A 33 1.91 17.97 6.21
N ASP A 34 1.83 17.91 4.90
CA ASP A 34 0.54 17.84 4.22
C ASP A 34 0.24 16.39 3.85
N ASN A 35 0.91 15.94 2.80
CA ASN A 35 0.73 14.58 2.32
C ASN A 35 2.06 14.06 1.78
N ARG A 36 2.47 14.63 0.65
CA ARG A 36 3.70 14.23 0.02
C ARG A 36 4.82 14.13 1.05
N GLY A 37 4.86 15.12 1.93
CA GLY A 37 5.88 15.15 2.98
C GLY A 37 5.78 13.92 3.87
N ALA A 38 4.58 13.70 4.41
CA ALA A 38 4.35 12.57 5.28
C ALA A 38 4.63 11.27 4.51
N THR A 39 4.26 11.27 3.24
CA THR A 39 4.46 10.11 2.39
C THR A 39 5.94 9.74 2.36
N LYS A 40 6.78 10.76 2.26
CA LYS A 40 8.22 10.56 2.22
C LYS A 40 8.68 9.92 3.54
N ILE A 41 8.02 10.33 4.61
CA ILE A 41 8.35 9.82 5.93
C ILE A 41 7.94 8.35 6.02
N LEU A 42 6.74 8.07 5.51
CA LEU A 42 6.23 6.71 5.53
C LEU A 42 7.17 5.80 4.75
N ALA A 43 7.66 6.32 3.63
CA ALA A 43 8.56 5.57 2.79
C ALA A 43 9.66 4.93 3.66
N ASP A 44 10.52 5.79 4.17
CA ASP A 44 11.61 5.33 5.02
C ASP A 44 11.09 4.27 5.99
N TRP A 45 10.07 4.66 6.74
CA TRP A 45 9.46 3.77 7.71
C TRP A 45 9.33 2.38 7.06
N TRP A 46 8.87 2.39 5.81
CA TRP A 46 8.70 1.15 5.08
C TRP A 46 10.09 0.64 4.67
N ALA A 47 10.88 1.55 4.12
CA ALA A 47 12.23 1.21 3.69
C ALA A 47 12.97 0.54 4.85
N VAL A 48 12.53 0.85 6.06
CA VAL A 48 13.14 0.29 7.25
C VAL A 48 12.12 -0.61 7.97
N LEU A 49 11.61 -1.58 7.22
CA LEU A 49 10.64 -2.51 7.77
C LEU A 49 11.11 -3.94 7.54
N ASP A 50 10.73 -4.81 8.45
CA ASP A 50 11.10 -6.21 8.35
C ASP A 50 10.15 -6.94 7.40
N PRO A 51 10.45 -8.24 7.17
CA PRO A 51 9.62 -9.05 6.29
C PRO A 51 8.30 -9.43 6.97
N LYS A 52 8.43 -10.01 8.16
CA LYS A 52 7.27 -10.43 8.91
C LYS A 52 6.17 -9.37 8.78
N GLU A 53 6.57 -8.13 8.96
CA GLU A 53 5.64 -7.01 8.86
C GLU A 53 5.15 -6.85 7.42
N LYS A 54 6.11 -6.81 6.50
CA LYS A 54 5.79 -6.65 5.09
C LYS A 54 4.82 -7.76 4.68
N GLN A 55 5.04 -8.94 5.25
CA GLN A 55 4.20 -10.09 4.95
C GLN A 55 2.76 -9.82 5.38
N LYS A 56 2.57 -9.69 6.68
CA LYS A 56 1.26 -9.44 7.24
C LYS A 56 0.54 -8.40 6.37
N TYR A 57 1.33 -7.53 5.76
CA TYR A 57 0.80 -6.49 4.90
C TYR A 57 0.51 -7.03 3.50
N THR A 58 1.52 -7.66 2.93
CA THR A 58 1.39 -8.22 1.60
C THR A 58 0.16 -9.12 1.51
N ASP A 59 -0.23 -9.65 2.66
CA ASP A 59 -1.41 -10.52 2.73
C ASP A 59 -2.67 -9.66 2.67
N MET A 60 -2.69 -8.64 3.52
CA MET A 60 -3.83 -7.74 3.57
C MET A 60 -4.17 -7.19 2.19
N ALA A 61 -3.14 -6.91 1.42
CA ALA A 61 -3.32 -6.39 0.08
C ALA A 61 -3.82 -7.51 -0.84
N LYS A 62 -3.18 -8.66 -0.71
CA LYS A 62 -3.55 -9.81 -1.52
C LYS A 62 -5.07 -10.01 -1.45
N GLU A 63 -5.57 -10.04 -0.22
CA GLU A 63 -6.99 -10.22 -0.01
C GLU A 63 -7.77 -9.04 -0.59
N TYR A 64 -7.28 -7.85 -0.32
CA TYR A 64 -7.92 -6.64 -0.81
C TYR A 64 -7.97 -6.63 -2.34
N LYS A 65 -6.83 -6.94 -2.94
CA LYS A 65 -6.73 -6.96 -4.39
C LYS A 65 -7.73 -7.98 -4.94
N ASP A 66 -7.51 -9.24 -4.59
CA ASP A 66 -8.37 -10.31 -5.04
C ASP A 66 -9.83 -9.84 -4.99
N ALA A 67 -10.20 -9.30 -3.84
CA ALA A 67 -11.55 -8.81 -3.65
C ALA A 67 -11.92 -7.87 -4.80
N PHE A 68 -11.15 -6.80 -4.91
CA PHE A 68 -11.39 -5.81 -5.96
C PHE A 68 -11.42 -6.49 -7.33
N MET A 69 -10.34 -7.20 -7.63
CA MET A 69 -10.23 -7.88 -8.91
C MET A 69 -11.57 -8.48 -9.33
N LYS A 70 -12.18 -7.85 -10.33
CA LYS A 70 -13.46 -8.31 -10.83
C LYS A 70 -13.52 -8.10 -12.34
N ALA A 71 -13.39 -6.84 -12.74
CA ALA A 71 -13.43 -6.50 -14.15
C ALA A 71 -12.02 -6.08 -14.60
N ASN A 72 -11.11 -7.05 -14.59
CA ASN A 72 -9.74 -6.79 -15.00
C ASN A 72 -9.26 -7.92 -15.89
N PRO A 73 -8.78 -7.53 -17.11
CA PRO A 73 -8.28 -8.51 -18.07
C PRO A 73 -6.90 -9.03 -17.65
N GLY A 74 -6.52 -10.15 -18.25
CA GLY A 74 -5.24 -10.76 -17.96
C GLY A 74 -5.15 -11.13 -16.47
N TYR A 75 -6.13 -11.89 -16.01
CA TYR A 75 -6.16 -12.32 -14.62
C TYR A 75 -7.10 -13.51 -14.44
N ARG A 76 -6.60 -14.51 -13.73
CA ARG A 76 -7.39 -15.70 -13.48
C ARG A 76 -7.33 -16.07 -11.99
N SER A 77 -8.36 -16.78 -11.55
CA SER A 77 -8.44 -17.19 -10.15
C SER A 77 -8.54 -18.72 -10.07
N GLY A 78 -7.76 -19.28 -9.16
CA GLY A 78 -7.75 -20.72 -8.97
C GLY A 78 -9.16 -21.24 -8.68
N PRO A 79 -9.37 -22.54 -9.00
CA PRO A 79 -10.66 -23.18 -8.79
C PRO A 79 -10.88 -23.47 -7.30
N SER A 80 -12.15 -23.45 -6.91
CA SER A 80 -12.51 -23.72 -5.52
C SER A 80 -12.83 -25.19 -5.34
N SER A 81 -12.43 -25.72 -4.18
CA SER A 81 -12.68 -27.11 -3.88
C SER A 81 -13.79 -27.23 -2.83
N GLY A 82 -14.68 -28.19 -3.06
CA GLY A 82 -15.78 -28.42 -2.13
C GLY A 82 -16.06 -29.91 -1.98
N GLY A 1 13.35 12.41 -5.94
CA GLY A 1 13.57 11.43 -7.00
C GLY A 1 12.35 11.33 -7.92
N SER A 2 11.88 10.10 -8.10
CA SER A 2 10.73 9.85 -8.95
C SER A 2 9.62 10.83 -8.60
N SER A 3 9.42 11.80 -9.49
CA SER A 3 8.38 12.80 -9.28
C SER A 3 7.21 12.53 -10.22
N GLY A 4 7.23 11.35 -10.83
CA GLY A 4 6.17 10.97 -11.75
C GLY A 4 5.17 10.04 -11.06
N SER A 5 4.12 10.66 -10.52
CA SER A 5 3.08 9.90 -9.85
C SER A 5 1.76 10.67 -9.91
N SER A 6 0.72 9.95 -10.32
CA SER A 6 -0.60 10.55 -10.43
C SER A 6 -1.59 9.51 -10.97
N GLY A 7 -2.87 9.86 -10.85
CA GLY A 7 -3.93 8.97 -11.33
C GLY A 7 -4.59 8.24 -10.16
N ALA A 8 -3.76 7.54 -9.39
CA ALA A 8 -4.26 6.80 -8.25
C ALA A 8 -5.24 5.73 -8.71
N ARG A 9 -4.68 4.60 -9.14
CA ARG A 9 -5.49 3.50 -9.63
C ARG A 9 -4.75 2.18 -9.44
N ARG A 10 -4.85 1.64 -8.22
CA ARG A 10 -4.20 0.39 -7.90
C ARG A 10 -4.61 -0.08 -6.50
N PRO A 11 -4.48 -1.41 -6.29
CA PRO A 11 -4.84 -2.00 -5.01
C PRO A 11 -3.77 -1.71 -3.95
N MET A 12 -4.24 -1.30 -2.78
CA MET A 12 -3.34 -0.99 -1.68
C MET A 12 -2.30 -2.09 -1.49
N ASN A 13 -1.06 -1.76 -1.83
CA ASN A 13 0.02 -2.72 -1.70
C ASN A 13 0.40 -2.87 -0.23
N ALA A 14 1.39 -3.71 0.02
CA ALA A 14 1.84 -3.95 1.38
C ALA A 14 2.31 -2.63 2.00
N PHE A 15 3.06 -1.88 1.21
CA PHE A 15 3.58 -0.59 1.66
C PHE A 15 2.45 0.41 1.87
N LEU A 16 1.53 0.43 0.92
CA LEU A 16 0.39 1.33 0.99
C LEU A 16 -0.40 1.04 2.28
N LEU A 17 -0.31 -0.19 2.73
CA LEU A 17 -1.00 -0.61 3.94
C LEU A 17 -0.32 0.03 5.15
N PHE A 18 0.96 -0.24 5.28
CA PHE A 18 1.73 0.29 6.39
C PHE A 18 1.72 1.82 6.38
N CYS A 19 1.55 2.37 5.19
CA CYS A 19 1.53 3.81 5.03
C CYS A 19 0.14 4.31 5.46
N LYS A 20 -0.87 3.50 5.17
CA LYS A 20 -2.23 3.85 5.53
C LYS A 20 -2.43 3.64 7.03
N ARG A 21 -1.52 2.89 7.61
CA ARG A 21 -1.58 2.60 9.03
C ARG A 21 -0.80 3.65 9.83
N HIS A 22 0.45 3.84 9.41
CA HIS A 22 1.30 4.82 10.07
C HIS A 22 0.98 6.21 9.55
N ARG A 23 0.19 6.26 8.49
CA ARG A 23 -0.19 7.52 7.89
C ARG A 23 -0.43 8.57 8.97
N SER A 24 -1.52 8.37 9.71
CA SER A 24 -1.87 9.29 10.78
C SER A 24 -0.68 9.47 11.73
N LEU A 25 0.08 8.40 11.89
CA LEU A 25 1.25 8.43 12.76
C LEU A 25 2.20 9.52 12.28
N VAL A 26 2.77 9.31 11.11
CA VAL A 26 3.70 10.26 10.53
C VAL A 26 3.09 11.67 10.61
N ARG A 27 1.85 11.76 10.16
CA ARG A 27 1.14 13.03 10.17
C ARG A 27 1.28 13.70 11.54
N GLN A 28 1.01 12.93 12.57
CA GLN A 28 1.10 13.43 13.93
C GLN A 28 2.53 13.87 14.24
N GLU A 29 3.45 12.93 14.11
CA GLU A 29 4.85 13.20 14.37
C GLU A 29 5.36 14.30 13.43
N HIS A 30 4.57 14.56 12.40
CA HIS A 30 4.93 15.57 11.43
C HIS A 30 3.68 16.36 11.02
N PRO A 31 3.26 17.27 11.94
CA PRO A 31 2.08 18.09 11.69
C PRO A 31 2.39 19.20 10.68
N ARG A 32 3.66 19.54 10.60
CA ARG A 32 4.11 20.58 9.68
C ARG A 32 3.94 20.12 8.23
N LEU A 33 3.81 18.81 8.08
CA LEU A 33 3.64 18.22 6.76
C LEU A 33 2.19 18.37 6.32
N ASP A 34 1.99 18.35 5.00
CA ASP A 34 0.66 18.48 4.45
C ASP A 34 0.10 17.09 4.14
N ASN A 35 0.83 16.36 3.31
CA ASN A 35 0.42 15.02 2.93
C ASN A 35 1.49 14.39 2.04
N ARG A 36 1.92 15.17 1.05
CA ARG A 36 2.95 14.70 0.13
C ARG A 36 4.25 14.41 0.88
N GLY A 37 4.39 15.08 2.01
CA GLY A 37 5.59 14.92 2.82
C GLY A 37 5.45 13.70 3.75
N ALA A 38 4.30 13.61 4.40
CA ALA A 38 4.04 12.51 5.31
C ALA A 38 4.21 11.19 4.56
N THR A 39 4.17 11.28 3.24
CA THR A 39 4.32 10.09 2.40
C THR A 39 5.80 9.77 2.20
N LYS A 40 6.63 10.80 2.36
CA LYS A 40 8.06 10.63 2.19
C LYS A 40 8.66 10.12 3.50
N ILE A 41 7.87 10.24 4.57
CA ILE A 41 8.32 9.79 5.88
C ILE A 41 7.83 8.36 6.11
N LEU A 42 6.71 8.04 5.46
CA LEU A 42 6.13 6.72 5.59
C LEU A 42 6.96 5.72 4.77
N ALA A 43 7.42 6.18 3.62
CA ALA A 43 8.22 5.34 2.74
C ALA A 43 9.36 4.73 3.54
N ASP A 44 10.28 5.58 3.97
CA ASP A 44 11.42 5.13 4.74
C ASP A 44 10.95 4.13 5.80
N TRP A 45 10.00 4.56 6.60
CA TRP A 45 9.45 3.71 7.65
C TRP A 45 9.24 2.31 7.07
N TRP A 46 8.76 2.29 5.83
CA TRP A 46 8.51 1.03 5.16
C TRP A 46 9.85 0.49 4.67
N ALA A 47 10.58 1.34 3.97
CA ALA A 47 11.89 0.96 3.44
C ALA A 47 12.66 0.20 4.52
N VAL A 48 12.35 0.52 5.77
CA VAL A 48 13.02 -0.12 6.89
C VAL A 48 12.01 -1.01 7.63
N LEU A 49 11.41 -1.92 6.88
CA LEU A 49 10.43 -2.83 7.45
C LEU A 49 10.85 -4.27 7.14
N ASP A 50 10.90 -5.08 8.19
CA ASP A 50 11.28 -6.47 8.04
C ASP A 50 10.26 -7.18 7.15
N PRO A 51 10.56 -8.47 6.85
CA PRO A 51 9.68 -9.27 6.02
C PRO A 51 8.43 -9.70 6.77
N LYS A 52 8.66 -10.25 7.96
CA LYS A 52 7.56 -10.70 8.81
C LYS A 52 6.41 -9.69 8.72
N GLU A 53 6.76 -8.43 8.94
CA GLU A 53 5.76 -7.38 8.89
C GLU A 53 5.15 -7.28 7.49
N LYS A 54 6.03 -7.24 6.50
CA LYS A 54 5.59 -7.15 5.13
C LYS A 54 4.62 -8.29 4.82
N GLN A 55 4.97 -9.47 5.32
CA GLN A 55 4.13 -10.64 5.11
C GLN A 55 2.68 -10.31 5.43
N LYS A 56 2.42 -10.02 6.69
CA LYS A 56 1.07 -9.69 7.13
C LYS A 56 0.46 -8.68 6.17
N TYR A 57 1.21 -7.62 5.91
CA TYR A 57 0.75 -6.58 5.01
C TYR A 57 0.43 -7.16 3.63
N THR A 58 1.34 -7.98 3.13
CA THR A 58 1.17 -8.59 1.83
C THR A 58 -0.18 -9.30 1.75
N ASP A 59 -0.52 -9.98 2.84
CA ASP A 59 -1.77 -10.71 2.92
C ASP A 59 -2.94 -9.73 2.75
N MET A 60 -2.88 -8.67 3.54
CA MET A 60 -3.92 -7.66 3.49
C MET A 60 -4.11 -7.13 2.07
N ALA A 61 -2.98 -6.93 1.39
CA ALA A 61 -3.01 -6.42 0.03
C ALA A 61 -3.53 -7.52 -0.91
N LYS A 62 -2.85 -8.66 -0.85
CA LYS A 62 -3.23 -9.79 -1.69
C LYS A 62 -4.74 -9.99 -1.61
N GLU A 63 -5.28 -9.76 -0.42
CA GLU A 63 -6.71 -9.92 -0.21
C GLU A 63 -7.47 -8.71 -0.78
N TYR A 64 -7.01 -7.53 -0.39
CA TYR A 64 -7.63 -6.30 -0.86
C TYR A 64 -7.62 -6.23 -2.39
N LYS A 65 -6.49 -6.63 -2.96
CA LYS A 65 -6.34 -6.63 -4.40
C LYS A 65 -7.36 -7.57 -5.03
N ASP A 66 -7.17 -8.86 -4.78
CA ASP A 66 -8.06 -9.87 -5.31
C ASP A 66 -9.50 -9.40 -5.15
N ALA A 67 -9.81 -8.91 -3.96
CA ALA A 67 -11.15 -8.43 -3.66
C ALA A 67 -11.53 -7.34 -4.67
N PHE A 68 -10.64 -6.35 -4.78
CA PHE A 68 -10.87 -5.24 -5.68
C PHE A 68 -11.05 -5.74 -7.11
N MET A 69 -10.08 -6.54 -7.56
CA MET A 69 -10.12 -7.09 -8.90
C MET A 69 -11.50 -7.65 -9.23
N LYS A 70 -12.19 -6.96 -10.14
CA LYS A 70 -13.52 -7.38 -10.54
C LYS A 70 -13.79 -6.88 -11.96
N ALA A 71 -13.60 -5.59 -12.14
CA ALA A 71 -13.82 -4.98 -13.44
C ALA A 71 -12.49 -4.83 -14.17
N ASN A 72 -11.85 -5.96 -14.40
CA ASN A 72 -10.56 -5.98 -15.08
C ASN A 72 -10.60 -7.02 -16.21
N PRO A 73 -10.77 -6.51 -17.46
CA PRO A 73 -10.82 -7.39 -18.61
C PRO A 73 -9.42 -7.90 -18.97
N GLY A 74 -9.05 -9.00 -18.33
CA GLY A 74 -7.75 -9.59 -18.58
C GLY A 74 -7.11 -10.08 -17.27
N TYR A 75 -7.87 -10.90 -16.54
CA TYR A 75 -7.39 -11.42 -15.29
C TYR A 75 -8.05 -12.78 -14.98
N ARG A 76 -7.23 -13.70 -14.51
CA ARG A 76 -7.72 -15.03 -14.17
C ARG A 76 -7.35 -15.38 -12.72
N SER A 77 -8.10 -16.33 -12.18
CA SER A 77 -7.87 -16.76 -10.81
C SER A 77 -7.25 -18.16 -10.80
N GLY A 78 -6.42 -18.40 -9.79
CA GLY A 78 -5.76 -19.69 -9.65
C GLY A 78 -6.41 -20.52 -8.54
N PRO A 79 -5.68 -21.61 -8.15
CA PRO A 79 -6.17 -22.49 -7.10
C PRO A 79 -6.03 -21.83 -5.72
N SER A 80 -6.82 -22.33 -4.78
CA SER A 80 -6.78 -21.81 -3.43
C SER A 80 -6.99 -22.95 -2.42
N SER A 81 -6.39 -22.78 -1.26
CA SER A 81 -6.50 -23.78 -0.21
C SER A 81 -5.86 -25.09 -0.66
N GLY A 82 -5.08 -25.68 0.23
CA GLY A 82 -4.41 -26.93 -0.07
C GLY A 82 -3.87 -27.59 1.21
N GLY A 1 19.30 -2.38 -5.18
CA GLY A 1 18.33 -1.55 -4.49
C GLY A 1 16.90 -1.94 -4.87
N SER A 2 15.95 -1.31 -4.19
CA SER A 2 14.55 -1.58 -4.44
C SER A 2 13.75 -0.28 -4.40
N SER A 3 12.68 -0.24 -5.18
CA SER A 3 11.83 0.94 -5.23
C SER A 3 10.40 0.56 -4.82
N GLY A 4 9.88 1.33 -3.88
CA GLY A 4 8.53 1.09 -3.39
C GLY A 4 7.69 2.36 -3.48
N SER A 5 6.75 2.35 -4.42
CA SER A 5 5.87 3.49 -4.62
C SER A 5 4.69 3.10 -5.50
N SER A 6 3.53 3.64 -5.17
CA SER A 6 2.32 3.35 -5.92
C SER A 6 2.32 4.14 -7.23
N GLY A 7 1.77 3.53 -8.26
CA GLY A 7 1.71 4.15 -9.57
C GLY A 7 0.65 3.49 -10.45
N ALA A 8 0.02 4.30 -11.28
CA ALA A 8 -1.01 3.80 -12.18
C ALA A 8 -2.17 3.25 -11.35
N ARG A 9 -3.25 2.93 -12.06
CA ARG A 9 -4.44 2.38 -11.40
C ARG A 9 -4.20 0.92 -11.02
N ARG A 10 -4.20 0.69 -9.71
CA ARG A 10 -3.99 -0.66 -9.20
C ARG A 10 -4.45 -0.75 -7.74
N PRO A 11 -4.50 -2.00 -7.23
CA PRO A 11 -4.92 -2.23 -5.86
C PRO A 11 -3.81 -1.84 -4.88
N MET A 12 -4.23 -1.42 -3.70
CA MET A 12 -3.29 -1.01 -2.67
C MET A 12 -2.22 -2.09 -2.46
N ASN A 13 -1.01 -1.63 -2.22
CA ASN A 13 0.11 -2.54 -1.99
C ASN A 13 0.39 -2.64 -0.49
N ALA A 14 1.43 -3.39 -0.16
CA ALA A 14 1.81 -3.58 1.22
C ALA A 14 2.23 -2.24 1.82
N PHE A 15 3.03 -1.51 1.05
CA PHE A 15 3.52 -0.20 1.48
C PHE A 15 2.35 0.74 1.76
N LEU A 16 1.29 0.57 0.98
CA LEU A 16 0.10 1.40 1.13
C LEU A 16 -0.57 1.10 2.48
N LEU A 17 -0.55 -0.18 2.82
CA LEU A 17 -1.15 -0.62 4.07
C LEU A 17 -0.42 0.02 5.24
N PHE A 18 0.86 -0.32 5.35
CA PHE A 18 1.69 0.21 6.43
C PHE A 18 1.62 1.74 6.46
N CYS A 19 1.48 2.32 5.27
CA CYS A 19 1.41 3.77 5.15
C CYS A 19 0.05 4.22 5.68
N LYS A 20 -0.96 3.40 5.41
CA LYS A 20 -2.31 3.70 5.84
C LYS A 20 -2.43 3.44 7.34
N ARG A 21 -1.46 2.71 7.86
CA ARG A 21 -1.44 2.38 9.28
C ARG A 21 -0.69 3.46 10.07
N HIS A 22 0.47 3.83 9.55
CA HIS A 22 1.29 4.83 10.18
C HIS A 22 0.91 6.22 9.66
N ARG A 23 0.12 6.20 8.60
CA ARG A 23 -0.33 7.45 7.99
C ARG A 23 -0.59 8.51 9.07
N SER A 24 -1.61 8.24 9.88
CA SER A 24 -1.97 9.16 10.95
C SER A 24 -0.75 9.43 11.83
N LEU A 25 -0.01 8.37 12.11
CA LEU A 25 1.18 8.49 12.94
C LEU A 25 2.08 9.58 12.38
N VAL A 26 2.63 9.31 11.21
CA VAL A 26 3.51 10.26 10.54
C VAL A 26 2.84 11.63 10.51
N ARG A 27 1.69 11.67 9.84
CA ARG A 27 0.94 12.91 9.72
C ARG A 27 1.00 13.70 11.03
N GLN A 28 0.82 12.97 12.13
CA GLN A 28 0.84 13.60 13.44
C GLN A 28 2.26 14.07 13.77
N GLU A 29 3.16 13.11 13.90
CA GLU A 29 4.55 13.40 14.21
C GLU A 29 5.08 14.48 13.26
N HIS A 30 4.43 14.58 12.11
CA HIS A 30 4.83 15.56 11.11
C HIS A 30 3.60 16.29 10.58
N PRO A 31 3.14 17.30 11.36
CA PRO A 31 1.97 18.07 10.98
C PRO A 31 2.31 19.05 9.86
N ARG A 32 3.28 19.91 10.13
CA ARG A 32 3.70 20.90 9.15
C ARG A 32 3.71 20.29 7.75
N LEU A 33 3.98 18.99 7.70
CA LEU A 33 4.03 18.27 6.44
C LEU A 33 2.67 18.41 5.74
N ASP A 34 2.72 18.42 4.42
CA ASP A 34 1.51 18.54 3.63
C ASP A 34 1.22 17.20 2.95
N ASN A 35 1.21 16.15 3.76
CA ASN A 35 0.95 14.81 3.24
C ASN A 35 2.13 14.37 2.37
N ARG A 36 2.28 15.05 1.25
CA ARG A 36 3.35 14.74 0.31
C ARG A 36 4.63 14.39 1.08
N GLY A 37 4.93 15.22 2.07
CA GLY A 37 6.11 15.00 2.89
C GLY A 37 5.97 13.77 3.78
N ALA A 38 4.79 13.66 4.39
CA ALA A 38 4.51 12.53 5.26
C ALA A 38 4.70 11.22 4.48
N THR A 39 4.22 11.24 3.25
CA THR A 39 4.33 10.07 2.39
C THR A 39 5.78 9.57 2.35
N LYS A 40 6.69 10.52 2.20
CA LYS A 40 8.10 10.19 2.15
C LYS A 40 8.53 9.56 3.48
N ILE A 41 8.13 10.20 4.55
CA ILE A 41 8.46 9.71 5.88
C ILE A 41 7.93 8.28 6.04
N LEU A 42 6.69 8.10 5.59
CA LEU A 42 6.05 6.80 5.68
C LEU A 42 6.85 5.79 4.85
N ALA A 43 7.34 6.26 3.71
CA ALA A 43 8.11 5.41 2.81
C ALA A 43 9.29 4.81 3.58
N ASP A 44 10.21 5.68 3.97
CA ASP A 44 11.38 5.24 4.71
C ASP A 44 10.96 4.21 5.77
N TRP A 45 10.03 4.63 6.62
CA TRP A 45 9.54 3.75 7.67
C TRP A 45 9.34 2.36 7.07
N TRP A 46 8.76 2.34 5.88
CA TRP A 46 8.50 1.09 5.19
C TRP A 46 9.84 0.55 4.66
N ALA A 47 10.53 1.43 3.93
CA ALA A 47 11.82 1.06 3.37
C ALA A 47 12.63 0.28 4.40
N VAL A 48 12.42 0.64 5.66
CA VAL A 48 13.12 -0.01 6.76
C VAL A 48 12.16 -0.95 7.48
N LEU A 49 11.54 -1.83 6.71
CA LEU A 49 10.59 -2.79 7.27
C LEU A 49 11.02 -4.20 6.88
N ASP A 50 11.09 -5.06 7.89
CA ASP A 50 11.49 -6.44 7.67
C ASP A 50 10.40 -7.14 6.84
N PRO A 51 10.69 -8.43 6.49
CA PRO A 51 9.76 -9.22 5.72
C PRO A 51 8.58 -9.68 6.56
N LYS A 52 8.92 -10.21 7.74
CA LYS A 52 7.90 -10.69 8.66
C LYS A 52 6.72 -9.73 8.66
N GLU A 53 7.04 -8.45 8.73
CA GLU A 53 6.02 -7.42 8.73
C GLU A 53 5.32 -7.34 7.37
N LYS A 54 6.14 -7.24 6.33
CA LYS A 54 5.62 -7.16 4.98
C LYS A 54 4.62 -8.31 4.75
N GLN A 55 4.95 -9.44 5.35
CA GLN A 55 4.09 -10.62 5.22
C GLN A 55 2.64 -10.26 5.56
N LYS A 56 2.42 -9.95 6.83
CA LYS A 56 1.10 -9.59 7.30
C LYS A 56 0.42 -8.69 6.26
N TYR A 57 1.15 -7.66 5.84
CA TYR A 57 0.63 -6.72 4.87
C TYR A 57 0.35 -7.43 3.54
N THR A 58 1.36 -8.11 3.03
CA THR A 58 1.24 -8.82 1.77
C THR A 58 -0.11 -9.53 1.69
N ASP A 59 -0.51 -10.08 2.83
CA ASP A 59 -1.78 -10.79 2.91
C ASP A 59 -2.92 -9.79 2.74
N MET A 60 -2.91 -8.77 3.58
CA MET A 60 -3.94 -7.74 3.53
C MET A 60 -4.11 -7.20 2.11
N ALA A 61 -2.99 -6.81 1.53
CA ALA A 61 -3.00 -6.27 0.18
C ALA A 61 -3.48 -7.35 -0.79
N LYS A 62 -3.00 -8.57 -0.57
CA LYS A 62 -3.38 -9.69 -1.40
C LYS A 62 -4.90 -9.81 -1.44
N GLU A 63 -5.49 -9.72 -0.26
CA GLU A 63 -6.94 -9.81 -0.14
C GLU A 63 -7.61 -8.60 -0.78
N TYR A 64 -7.03 -7.43 -0.52
CA TYR A 64 -7.55 -6.20 -1.07
C TYR A 64 -7.53 -6.20 -2.59
N LYS A 65 -6.39 -6.62 -3.14
CA LYS A 65 -6.22 -6.69 -4.57
C LYS A 65 -7.30 -7.60 -5.17
N ASP A 66 -7.26 -8.85 -4.76
CA ASP A 66 -8.23 -9.83 -5.24
C ASP A 66 -9.64 -9.23 -5.16
N ALA A 67 -9.89 -8.55 -4.05
CA ALA A 67 -11.18 -7.93 -3.83
C ALA A 67 -11.44 -6.91 -4.94
N PHE A 68 -10.54 -5.94 -5.04
CA PHE A 68 -10.68 -4.90 -6.05
C PHE A 68 -10.88 -5.51 -7.44
N MET A 69 -9.93 -6.35 -7.83
CA MET A 69 -9.99 -7.00 -9.13
C MET A 69 -11.43 -7.40 -9.47
N LYS A 70 -12.01 -6.62 -10.39
CA LYS A 70 -13.39 -6.88 -10.81
C LYS A 70 -13.58 -6.31 -12.23
N ALA A 71 -13.37 -5.01 -12.34
CA ALA A 71 -13.53 -4.35 -13.62
C ALA A 71 -12.16 -3.95 -14.15
N ASN A 72 -11.44 -4.94 -14.64
CA ASN A 72 -10.10 -4.71 -15.19
C ASN A 72 -9.89 -5.59 -16.42
N PRO A 73 -9.48 -4.93 -17.53
CA PRO A 73 -9.23 -5.64 -18.77
C PRO A 73 -7.93 -6.44 -18.71
N GLY A 74 -6.84 -5.71 -18.47
CA GLY A 74 -5.53 -6.33 -18.38
C GLY A 74 -5.32 -6.96 -17.00
N TYR A 75 -5.67 -8.22 -16.89
CA TYR A 75 -5.53 -8.94 -15.64
C TYR A 75 -5.73 -10.45 -15.85
N ARG A 76 -5.43 -11.20 -14.80
CA ARG A 76 -5.57 -12.63 -14.84
C ARG A 76 -5.97 -13.18 -13.47
N SER A 77 -7.28 -13.19 -13.23
CA SER A 77 -7.81 -13.68 -11.98
C SER A 77 -7.57 -15.19 -11.85
N GLY A 78 -7.42 -15.63 -10.62
CA GLY A 78 -7.19 -17.04 -10.35
C GLY A 78 -8.31 -17.63 -9.49
N PRO A 79 -8.19 -18.96 -9.23
CA PRO A 79 -9.19 -19.65 -8.42
C PRO A 79 -9.03 -19.30 -6.94
N SER A 80 -7.81 -19.47 -6.45
CA SER A 80 -7.52 -19.19 -5.05
C SER A 80 -8.63 -19.74 -4.15
N SER A 81 -8.53 -21.02 -3.86
CA SER A 81 -9.51 -21.69 -3.02
C SER A 81 -9.02 -21.72 -1.57
N GLY A 82 -9.75 -21.03 -0.71
CA GLY A 82 -9.40 -20.97 0.70
C GLY A 82 -9.27 -22.38 1.28
N GLY A 1 2.03 20.53 -2.30
CA GLY A 1 1.32 20.77 -3.55
C GLY A 1 0.55 19.52 -3.99
N SER A 2 -0.74 19.52 -3.70
CA SER A 2 -1.59 18.40 -4.06
C SER A 2 -2.38 18.71 -5.34
N SER A 3 -2.27 17.80 -6.29
CA SER A 3 -2.96 17.98 -7.57
C SER A 3 -3.85 16.76 -7.84
N GLY A 4 -3.21 15.61 -7.89
CA GLY A 4 -3.93 14.37 -8.16
C GLY A 4 -4.97 14.10 -7.08
N SER A 5 -6.19 13.82 -7.54
CA SER A 5 -7.29 13.56 -6.64
C SER A 5 -7.42 12.05 -6.40
N SER A 6 -7.54 11.32 -7.50
CA SER A 6 -7.67 9.88 -7.43
C SER A 6 -8.95 9.51 -6.69
N GLY A 7 -9.74 8.65 -7.34
CA GLY A 7 -11.00 8.22 -6.75
C GLY A 7 -11.08 6.68 -6.73
N ALA A 8 -10.11 6.08 -6.04
CA ALA A 8 -10.06 4.64 -5.94
C ALA A 8 -10.09 4.02 -7.33
N ARG A 9 -8.90 3.71 -7.83
CA ARG A 9 -8.77 3.11 -9.14
C ARG A 9 -7.94 1.84 -9.08
N ARG A 10 -6.85 1.92 -8.34
CA ARG A 10 -5.96 0.78 -8.18
C ARG A 10 -6.08 0.21 -6.76
N PRO A 11 -5.69 -1.09 -6.64
CA PRO A 11 -5.76 -1.78 -5.35
C PRO A 11 -4.63 -1.31 -4.44
N MET A 12 -4.80 -1.58 -3.15
CA MET A 12 -3.81 -1.20 -2.16
C MET A 12 -2.71 -2.26 -2.05
N ASN A 13 -1.48 -1.79 -1.98
CA ASN A 13 -0.34 -2.69 -1.86
C ASN A 13 0.03 -2.86 -0.39
N ALA A 14 1.16 -3.52 -0.18
CA ALA A 14 1.63 -3.75 1.18
C ALA A 14 2.08 -2.42 1.79
N PHE A 15 3.04 -1.79 1.14
CA PHE A 15 3.56 -0.52 1.61
C PHE A 15 2.42 0.47 1.87
N LEU A 16 1.39 0.37 1.06
CA LEU A 16 0.24 1.25 1.19
C LEU A 16 -0.48 0.94 2.50
N LEU A 17 -0.55 -0.35 2.82
CA LEU A 17 -1.20 -0.78 4.03
C LEU A 17 -0.48 -0.18 5.24
N PHE A 18 0.84 -0.24 5.19
CA PHE A 18 1.65 0.30 6.27
C PHE A 18 1.65 1.82 6.25
N CYS A 19 1.26 2.37 5.11
CA CYS A 19 1.20 3.81 4.95
C CYS A 19 -0.14 4.30 5.49
N LYS A 20 -1.14 3.43 5.38
CA LYS A 20 -2.47 3.77 5.85
C LYS A 20 -2.57 3.49 7.35
N ARG A 21 -1.55 2.83 7.86
CA ARG A 21 -1.51 2.49 9.27
C ARG A 21 -0.76 3.55 10.05
N HIS A 22 0.48 3.79 9.63
CA HIS A 22 1.32 4.79 10.29
C HIS A 22 0.95 6.18 9.77
N ARG A 23 0.16 6.20 8.71
CA ARG A 23 -0.27 7.45 8.12
C ARG A 23 -0.53 8.50 9.21
N SER A 24 -1.53 8.22 10.03
CA SER A 24 -1.89 9.13 11.11
C SER A 24 -0.64 9.47 11.93
N LEU A 25 0.12 8.43 12.25
CA LEU A 25 1.33 8.61 13.03
C LEU A 25 2.17 9.72 12.41
N VAL A 26 2.75 9.41 11.25
CA VAL A 26 3.58 10.37 10.55
C VAL A 26 2.87 11.73 10.50
N ARG A 27 1.67 11.71 9.92
CA ARG A 27 0.88 12.92 9.80
C ARG A 27 0.94 13.72 11.11
N GLN A 28 0.67 13.02 12.20
CA GLN A 28 0.68 13.64 13.52
C GLN A 28 2.09 14.16 13.85
N GLU A 29 3.01 13.21 14.00
CA GLU A 29 4.38 13.55 14.31
C GLU A 29 4.88 14.65 13.37
N HIS A 30 4.25 14.71 12.20
CA HIS A 30 4.63 15.70 11.21
C HIS A 30 3.37 16.35 10.62
N PRO A 31 2.85 17.36 11.37
CA PRO A 31 1.66 18.07 10.94
C PRO A 31 1.97 19.02 9.78
N ARG A 32 3.09 19.73 9.93
CA ARG A 32 3.50 20.68 8.91
C ARG A 32 3.75 19.95 7.58
N LEU A 33 4.35 18.78 7.69
CA LEU A 33 4.65 17.98 6.51
C LEU A 33 3.45 18.01 5.56
N ASP A 34 3.75 17.81 4.28
CA ASP A 34 2.71 17.82 3.27
C ASP A 34 2.40 16.38 2.85
N ASN A 35 1.24 16.21 2.24
CA ASN A 35 0.81 14.90 1.78
C ASN A 35 2.01 14.16 1.17
N ARG A 36 2.84 14.92 0.48
CA ARG A 36 4.02 14.36 -0.15
C ARG A 36 5.12 14.13 0.88
N GLY A 37 5.28 15.10 1.76
CA GLY A 37 6.29 15.01 2.80
C GLY A 37 6.03 13.82 3.71
N ALA A 38 4.85 13.81 4.31
CA ALA A 38 4.47 12.74 5.21
C ALA A 38 4.81 11.39 4.56
N THR A 39 4.46 11.28 3.29
CA THR A 39 4.71 10.07 2.54
C THR A 39 6.20 9.72 2.60
N LYS A 40 7.02 10.75 2.50
CA LYS A 40 8.47 10.57 2.54
C LYS A 40 8.88 10.04 3.92
N ILE A 41 7.96 10.18 4.86
CA ILE A 41 8.21 9.73 6.22
C ILE A 41 7.75 8.28 6.37
N LEU A 42 6.67 7.97 5.67
CA LEU A 42 6.11 6.63 5.72
C LEU A 42 6.94 5.70 4.83
N ALA A 43 7.38 6.26 3.71
CA ALA A 43 8.18 5.49 2.76
C ALA A 43 9.36 4.86 3.49
N ASP A 44 10.16 5.70 4.13
CA ASP A 44 11.31 5.24 4.86
C ASP A 44 10.88 4.19 5.89
N TRP A 45 9.97 4.60 6.76
CA TRP A 45 9.45 3.72 7.78
C TRP A 45 9.22 2.35 7.15
N TRP A 46 8.75 2.39 5.91
CA TRP A 46 8.48 1.15 5.18
C TRP A 46 9.81 0.60 4.68
N ALA A 47 10.58 1.45 4.03
CA ALA A 47 11.87 1.05 3.51
C ALA A 47 12.66 0.32 4.60
N VAL A 48 12.52 0.82 5.82
CA VAL A 48 13.21 0.24 6.95
C VAL A 48 12.20 -0.55 7.80
N LEU A 49 11.55 -1.50 7.15
CA LEU A 49 10.56 -2.33 7.83
C LEU A 49 11.13 -3.73 8.03
N ASP A 50 10.60 -4.67 7.27
CA ASP A 50 11.04 -6.05 7.35
C ASP A 50 10.11 -6.94 6.54
N PRO A 51 10.61 -8.15 6.20
CA PRO A 51 9.84 -9.11 5.43
C PRO A 51 8.74 -9.76 6.29
N LYS A 52 9.04 -9.86 7.58
CA LYS A 52 8.11 -10.45 8.51
C LYS A 52 6.84 -9.59 8.58
N GLU A 53 7.06 -8.28 8.65
CA GLU A 53 5.95 -7.35 8.71
C GLU A 53 5.27 -7.21 7.35
N LYS A 54 6.11 -7.07 6.33
CA LYS A 54 5.62 -6.92 4.98
C LYS A 54 4.69 -8.10 4.66
N GLN A 55 4.96 -9.23 5.30
CA GLN A 55 4.16 -10.42 5.09
C GLN A 55 2.67 -10.11 5.35
N LYS A 56 2.36 -9.96 6.63
CA LYS A 56 0.98 -9.67 7.03
C LYS A 56 0.39 -8.63 6.07
N TYR A 57 1.21 -7.63 5.76
CA TYR A 57 0.78 -6.56 4.87
C TYR A 57 0.50 -7.09 3.47
N THR A 58 1.42 -7.93 3.00
CA THR A 58 1.29 -8.52 1.67
C THR A 58 -0.01 -9.30 1.57
N ASP A 59 -0.38 -9.94 2.67
CA ASP A 59 -1.60 -10.72 2.72
C ASP A 59 -2.81 -9.80 2.64
N MET A 60 -2.78 -8.77 3.47
CA MET A 60 -3.87 -7.80 3.50
C MET A 60 -4.17 -7.28 2.09
N ALA A 61 -3.10 -6.99 1.36
CA ALA A 61 -3.25 -6.48 0.01
C ALA A 61 -3.78 -7.59 -0.89
N LYS A 62 -3.18 -8.76 -0.77
CA LYS A 62 -3.59 -9.90 -1.56
C LYS A 62 -5.11 -10.04 -1.50
N GLU A 63 -5.62 -10.07 -0.27
CA GLU A 63 -7.05 -10.21 -0.05
C GLU A 63 -7.79 -9.01 -0.65
N TYR A 64 -7.25 -7.83 -0.39
CA TYR A 64 -7.84 -6.60 -0.88
C TYR A 64 -7.93 -6.62 -2.41
N LYS A 65 -6.85 -7.08 -3.03
CA LYS A 65 -6.80 -7.16 -4.48
C LYS A 65 -8.00 -7.95 -5.00
N ASP A 66 -8.12 -9.17 -4.50
CA ASP A 66 -9.21 -10.05 -4.90
C ASP A 66 -10.50 -9.22 -4.99
N ALA A 67 -10.77 -8.50 -3.92
CA ALA A 67 -11.96 -7.66 -3.87
C ALA A 67 -12.00 -6.76 -5.10
N PHE A 68 -10.96 -5.96 -5.24
CA PHE A 68 -10.87 -5.04 -6.37
C PHE A 68 -11.14 -5.77 -7.68
N MET A 69 -10.51 -6.93 -7.83
CA MET A 69 -10.68 -7.72 -9.03
C MET A 69 -11.98 -8.53 -8.98
N LYS A 70 -12.14 -9.39 -9.98
CA LYS A 70 -13.33 -10.22 -10.06
C LYS A 70 -14.54 -9.34 -10.42
N ALA A 71 -14.81 -8.38 -9.56
CA ALA A 71 -15.92 -7.47 -9.77
C ALA A 71 -15.94 -7.02 -11.23
N ASN A 72 -14.80 -6.49 -11.66
CA ASN A 72 -14.67 -6.01 -13.02
C ASN A 72 -15.12 -7.11 -13.99
N PRO A 73 -15.61 -6.67 -15.18
CA PRO A 73 -16.08 -7.59 -16.18
C PRO A 73 -14.91 -8.28 -16.89
N GLY A 74 -14.05 -7.46 -17.47
CA GLY A 74 -12.88 -7.97 -18.17
C GLY A 74 -11.59 -7.39 -17.60
N TYR A 75 -10.96 -8.17 -16.73
CA TYR A 75 -9.73 -7.75 -16.10
C TYR A 75 -8.58 -8.73 -16.43
N ARG A 76 -8.90 -10.01 -16.31
CA ARG A 76 -7.92 -11.04 -16.59
C ARG A 76 -6.78 -10.97 -15.57
N SER A 77 -6.64 -12.04 -14.80
CA SER A 77 -5.61 -12.12 -13.78
C SER A 77 -4.37 -12.80 -14.36
N GLY A 78 -4.55 -14.03 -14.81
CA GLY A 78 -3.46 -14.80 -15.38
C GLY A 78 -3.92 -16.20 -15.77
N PRO A 79 -2.99 -16.95 -16.44
CA PRO A 79 -3.29 -18.30 -16.87
C PRO A 79 -3.27 -19.27 -15.69
N SER A 80 -3.97 -20.38 -15.85
CA SER A 80 -4.04 -21.39 -14.81
C SER A 80 -2.64 -21.92 -14.50
N SER A 81 -2.00 -22.45 -15.54
CA SER A 81 -0.66 -23.00 -15.40
C SER A 81 -0.69 -24.21 -14.47
N GLY A 82 0.04 -25.24 -14.87
CA GLY A 82 0.12 -26.46 -14.08
C GLY A 82 -1.26 -26.82 -13.51
N GLY A 1 3.52 1.78 -9.41
CA GLY A 1 4.46 2.58 -8.64
C GLY A 1 5.60 3.11 -9.54
N SER A 2 6.70 2.39 -9.53
CA SER A 2 7.85 2.76 -10.33
C SER A 2 8.50 4.01 -9.74
N SER A 3 7.73 5.09 -9.72
CA SER A 3 8.22 6.36 -9.20
C SER A 3 7.05 7.16 -8.62
N GLY A 4 7.06 7.28 -7.30
CA GLY A 4 6.02 8.03 -6.61
C GLY A 4 4.87 7.11 -6.22
N SER A 5 4.84 6.76 -4.95
CA SER A 5 3.79 5.89 -4.43
C SER A 5 2.45 6.62 -4.43
N SER A 6 1.63 6.29 -5.41
CA SER A 6 0.31 6.91 -5.54
C SER A 6 -0.65 5.96 -6.23
N GLY A 7 -1.87 5.90 -5.70
CA GLY A 7 -2.89 5.04 -6.27
C GLY A 7 -4.28 5.66 -6.13
N ALA A 8 -5.14 5.35 -7.08
CA ALA A 8 -6.49 5.88 -7.07
C ALA A 8 -7.48 4.73 -7.28
N ARG A 9 -7.41 4.14 -8.47
CA ARG A 9 -8.28 3.04 -8.82
C ARG A 9 -7.66 1.70 -8.38
N ARG A 10 -6.41 1.51 -8.79
CA ARG A 10 -5.68 0.30 -8.45
C ARG A 10 -5.92 -0.06 -6.98
N PRO A 11 -5.72 -1.38 -6.68
CA PRO A 11 -5.92 -1.87 -5.33
C PRO A 11 -4.75 -1.45 -4.42
N MET A 12 -4.99 -1.57 -3.12
CA MET A 12 -3.97 -1.21 -2.15
C MET A 12 -2.91 -2.32 -2.03
N ASN A 13 -1.66 -1.89 -2.03
CA ASN A 13 -0.55 -2.83 -1.92
C ASN A 13 -0.12 -2.93 -0.45
N ALA A 14 0.93 -3.71 -0.23
CA ALA A 14 1.44 -3.90 1.12
C ALA A 14 1.92 -2.56 1.66
N PHE A 15 2.83 -1.94 0.92
CA PHE A 15 3.38 -0.66 1.32
C PHE A 15 2.26 0.35 1.63
N LEU A 16 1.22 0.27 0.82
CA LEU A 16 0.08 1.17 0.99
C LEU A 16 -0.58 0.89 2.34
N LEU A 17 -0.66 -0.39 2.68
CA LEU A 17 -1.26 -0.80 3.93
C LEU A 17 -0.49 -0.16 5.09
N PHE A 18 0.83 -0.30 5.04
CA PHE A 18 1.68 0.25 6.08
C PHE A 18 1.54 1.77 6.15
N CYS A 19 1.44 2.38 4.98
CA CYS A 19 1.30 3.83 4.90
C CYS A 19 -0.08 4.21 5.45
N LYS A 20 -1.01 3.27 5.31
CA LYS A 20 -2.37 3.48 5.78
C LYS A 20 -2.42 3.25 7.29
N ARG A 21 -1.43 2.53 7.78
CA ARG A 21 -1.36 2.23 9.20
C ARG A 21 -0.50 3.28 9.93
N HIS A 22 0.62 3.61 9.30
CA HIS A 22 1.53 4.60 9.87
C HIS A 22 1.10 6.00 9.41
N ARG A 23 0.20 6.04 8.45
CA ARG A 23 -0.29 7.30 7.93
C ARG A 23 -0.46 8.31 9.07
N SER A 24 -1.45 8.05 9.92
CA SER A 24 -1.73 8.93 11.04
C SER A 24 -0.45 9.17 11.84
N LEU A 25 0.28 8.08 12.07
CA LEU A 25 1.52 8.16 12.83
C LEU A 25 2.35 9.34 12.31
N VAL A 26 2.87 9.17 11.10
CA VAL A 26 3.68 10.20 10.49
C VAL A 26 2.91 11.53 10.51
N ARG A 27 1.77 11.52 9.84
CA ARG A 27 0.94 12.71 9.78
C ARG A 27 0.94 13.44 11.13
N GLN A 28 0.90 12.64 12.19
CA GLN A 28 0.91 13.20 13.53
C GLN A 28 2.28 13.77 13.87
N GLU A 29 3.27 12.89 13.85
CA GLU A 29 4.64 13.29 14.16
C GLU A 29 5.07 14.42 13.23
N HIS A 30 4.33 14.56 12.13
CA HIS A 30 4.65 15.59 11.15
C HIS A 30 3.34 16.20 10.63
N PRO A 31 2.78 17.13 11.45
CA PRO A 31 1.53 17.79 11.09
C PRO A 31 1.77 18.84 10.00
N ARG A 32 2.78 19.67 10.25
CA ARG A 32 3.13 20.72 9.30
C ARG A 32 3.12 20.18 7.87
N LEU A 33 3.50 18.91 7.76
CA LEU A 33 3.55 18.26 6.47
C LEU A 33 2.18 18.36 5.79
N ASP A 34 2.18 18.24 4.48
CA ASP A 34 0.96 18.31 3.71
C ASP A 34 0.74 16.99 2.97
N ASN A 35 0.82 15.90 3.73
CA ASN A 35 0.63 14.58 3.16
C ASN A 35 1.80 14.26 2.22
N ARG A 36 1.84 14.99 1.12
CA ARG A 36 2.89 14.80 0.13
C ARG A 36 4.23 14.56 0.83
N GLY A 37 4.41 15.24 1.94
CA GLY A 37 5.64 15.12 2.72
C GLY A 37 5.60 13.88 3.61
N ALA A 38 4.49 13.72 4.30
CA ALA A 38 4.30 12.59 5.19
C ALA A 38 4.56 11.29 4.41
N THR A 39 4.47 11.40 3.10
CA THR A 39 4.68 10.25 2.24
C THR A 39 6.18 9.94 2.13
N LYS A 40 6.98 10.90 2.57
CA LYS A 40 8.42 10.75 2.53
C LYS A 40 8.90 10.07 3.81
N ILE A 41 8.26 10.43 4.91
CA ILE A 41 8.61 9.86 6.20
C ILE A 41 8.06 8.44 6.29
N LEU A 42 6.92 8.23 5.66
CA LEU A 42 6.28 6.93 5.65
C LEU A 42 7.12 5.95 4.83
N ALA A 43 7.64 6.47 3.72
CA ALA A 43 8.47 5.65 2.84
C ALA A 43 9.59 5.01 3.65
N ASP A 44 10.52 5.84 4.09
CA ASP A 44 11.64 5.37 4.87
C ASP A 44 11.15 4.34 5.89
N TRP A 45 10.17 4.75 6.67
CA TRP A 45 9.61 3.87 7.68
C TRP A 45 9.48 2.47 7.07
N TRP A 46 8.86 2.42 5.91
CA TRP A 46 8.66 1.16 5.22
C TRP A 46 10.04 0.63 4.80
N ALA A 47 10.83 1.52 4.23
CA ALA A 47 12.16 1.17 3.79
C ALA A 47 12.91 0.46 4.92
N VAL A 48 12.48 0.77 6.14
CA VAL A 48 13.10 0.18 7.32
C VAL A 48 12.07 -0.70 8.04
N LEU A 49 11.52 -1.65 7.29
CA LEU A 49 10.52 -2.55 7.85
C LEU A 49 11.01 -4.00 7.69
N ASP A 50 10.55 -4.85 8.60
CA ASP A 50 10.94 -6.25 8.57
C ASP A 50 10.03 -7.00 7.57
N PRO A 51 10.36 -8.29 7.37
CA PRO A 51 9.60 -9.13 6.45
C PRO A 51 8.26 -9.54 7.07
N LYS A 52 8.34 -10.08 8.27
CA LYS A 52 7.15 -10.50 8.99
C LYS A 52 6.03 -9.49 8.75
N GLU A 53 6.38 -8.22 8.87
CA GLU A 53 5.42 -7.15 8.67
C GLU A 53 5.00 -7.08 7.20
N LYS A 54 5.99 -7.08 6.33
CA LYS A 54 5.73 -7.02 4.90
C LYS A 54 4.81 -8.18 4.51
N GLN A 55 4.92 -9.26 5.25
CA GLN A 55 4.09 -10.44 5.00
C GLN A 55 2.65 -10.17 5.40
N LYS A 56 2.47 -9.85 6.67
CA LYS A 56 1.14 -9.57 7.19
C LYS A 56 0.47 -8.50 6.33
N TYR A 57 1.31 -7.70 5.68
CA TYR A 57 0.82 -6.63 4.83
C TYR A 57 0.46 -7.16 3.44
N THR A 58 1.42 -7.85 2.85
CA THR A 58 1.24 -8.42 1.51
C THR A 58 -0.08 -9.20 1.46
N ASP A 59 -0.37 -9.88 2.56
CA ASP A 59 -1.60 -10.67 2.65
C ASP A 59 -2.81 -9.73 2.60
N MET A 60 -2.76 -8.71 3.45
CA MET A 60 -3.84 -7.74 3.50
C MET A 60 -4.11 -7.13 2.13
N ALA A 61 -3.05 -7.00 1.36
CA ALA A 61 -3.15 -6.43 0.02
C ALA A 61 -3.66 -7.51 -0.94
N LYS A 62 -3.06 -8.67 -0.86
CA LYS A 62 -3.43 -9.78 -1.71
C LYS A 62 -4.91 -10.11 -1.50
N GLU A 63 -5.38 -9.79 -0.30
CA GLU A 63 -6.77 -10.04 0.04
C GLU A 63 -7.65 -8.87 -0.43
N TYR A 64 -7.18 -7.66 -0.15
CA TYR A 64 -7.90 -6.47 -0.53
C TYR A 64 -7.96 -6.33 -2.06
N LYS A 65 -6.84 -6.63 -2.70
CA LYS A 65 -6.74 -6.54 -4.13
C LYS A 65 -7.70 -7.56 -4.77
N ASP A 66 -7.43 -8.83 -4.49
CA ASP A 66 -8.26 -9.90 -5.02
C ASP A 66 -9.73 -9.55 -4.81
N ALA A 67 -10.05 -9.18 -3.59
CA ALA A 67 -11.42 -8.82 -3.24
C ALA A 67 -11.91 -7.73 -4.19
N PHE A 68 -11.23 -6.58 -4.13
CA PHE A 68 -11.59 -5.46 -4.98
C PHE A 68 -11.95 -5.92 -6.38
N MET A 69 -11.06 -6.71 -6.96
CA MET A 69 -11.27 -7.23 -8.30
C MET A 69 -12.64 -7.87 -8.43
N LYS A 70 -13.58 -7.09 -8.96
CA LYS A 70 -14.94 -7.56 -9.13
C LYS A 70 -15.42 -7.21 -10.54
N ALA A 71 -15.51 -5.91 -10.79
CA ALA A 71 -15.95 -5.42 -12.08
C ALA A 71 -14.76 -5.38 -13.04
N ASN A 72 -14.23 -6.55 -13.33
CA ASN A 72 -13.09 -6.66 -14.23
C ASN A 72 -13.35 -7.78 -15.24
N PRO A 73 -13.40 -7.37 -16.54
CA PRO A 73 -13.65 -8.32 -17.61
C PRO A 73 -12.40 -9.16 -17.89
N GLY A 74 -11.25 -8.48 -17.91
CA GLY A 74 -9.99 -9.15 -18.16
C GLY A 74 -9.40 -9.71 -16.87
N TYR A 75 -8.11 -9.48 -16.70
CA TYR A 75 -7.42 -9.96 -15.51
C TYR A 75 -7.59 -11.47 -15.34
N ARG A 76 -6.49 -12.19 -15.53
CA ARG A 76 -6.51 -13.63 -15.40
C ARG A 76 -5.27 -14.11 -14.64
N SER A 77 -5.41 -14.16 -13.31
CA SER A 77 -4.31 -14.59 -12.46
C SER A 77 -3.61 -15.79 -13.09
N GLY A 78 -2.34 -15.57 -13.43
CA GLY A 78 -1.54 -16.63 -14.05
C GLY A 78 -1.87 -16.77 -15.53
N PRO A 79 -0.89 -17.35 -16.29
CA PRO A 79 -1.07 -17.55 -17.71
C PRO A 79 -2.02 -18.71 -17.99
N SER A 80 -2.20 -18.98 -19.28
CA SER A 80 -3.07 -20.06 -19.70
C SER A 80 -2.41 -21.41 -19.42
N SER A 81 -3.24 -22.40 -19.12
CA SER A 81 -2.76 -23.73 -18.84
C SER A 81 -3.65 -24.77 -19.51
N GLY A 82 -3.07 -25.94 -19.74
CA GLY A 82 -3.79 -27.03 -20.39
C GLY A 82 -4.55 -26.53 -21.61
N GLY A 1 11.34 -5.53 -4.53
CA GLY A 1 11.27 -4.20 -3.96
C GLY A 1 10.88 -3.16 -5.01
N SER A 2 11.17 -1.91 -4.70
CA SER A 2 10.86 -0.82 -5.61
C SER A 2 11.53 -1.06 -6.96
N SER A 3 10.71 -1.13 -7.99
CA SER A 3 11.21 -1.35 -9.34
C SER A 3 10.42 -0.51 -10.34
N GLY A 4 10.84 0.74 -10.48
CA GLY A 4 10.18 1.65 -11.40
C GLY A 4 8.90 2.23 -10.79
N SER A 5 8.02 2.67 -11.66
CA SER A 5 6.75 3.23 -11.22
C SER A 5 5.90 3.61 -12.43
N SER A 6 4.69 3.07 -12.46
CA SER A 6 3.77 3.33 -13.55
C SER A 6 2.34 3.00 -13.13
N GLY A 7 1.45 3.96 -13.35
CA GLY A 7 0.05 3.77 -12.99
C GLY A 7 -0.58 2.65 -13.82
N ALA A 8 -0.65 1.48 -13.19
CA ALA A 8 -1.22 0.32 -13.85
C ALA A 8 -2.50 -0.10 -13.13
N ARG A 9 -3.19 -1.07 -13.70
CA ARG A 9 -4.41 -1.57 -13.11
C ARG A 9 -4.12 -2.31 -11.80
N ARG A 10 -4.23 -1.57 -10.71
CA ARG A 10 -3.97 -2.15 -9.40
C ARG A 10 -4.50 -1.22 -8.30
N PRO A 11 -5.10 -1.84 -7.26
CA PRO A 11 -5.65 -1.09 -6.15
C PRO A 11 -4.55 -0.57 -5.23
N MET A 12 -4.19 -1.40 -4.26
CA MET A 12 -3.15 -1.04 -3.32
C MET A 12 -2.06 -2.12 -3.26
N ASN A 13 -1.19 -2.00 -2.27
CA ASN A 13 -0.11 -2.94 -2.10
C ASN A 13 0.24 -3.05 -0.62
N ALA A 14 1.30 -3.81 -0.35
CA ALA A 14 1.74 -4.01 1.03
C ALA A 14 2.16 -2.65 1.62
N PHE A 15 3.17 -2.07 1.00
CA PHE A 15 3.68 -0.78 1.46
C PHE A 15 2.55 0.23 1.63
N LEU A 16 1.53 0.08 0.79
CA LEU A 16 0.38 0.97 0.85
C LEU A 16 -0.41 0.68 2.13
N LEU A 17 -0.31 -0.56 2.59
CA LEU A 17 -1.00 -0.96 3.79
C LEU A 17 -0.31 -0.36 5.01
N PHE A 18 1.01 -0.40 4.98
CA PHE A 18 1.80 0.14 6.08
C PHE A 18 1.67 1.66 6.14
N CYS A 19 1.40 2.25 4.98
CA CYS A 19 1.25 3.70 4.90
C CYS A 19 -0.14 4.07 5.43
N LYS A 20 -1.11 3.26 5.05
CA LYS A 20 -2.48 3.50 5.46
C LYS A 20 -2.60 3.24 6.97
N ARG A 21 -1.53 2.68 7.53
CA ARG A 21 -1.50 2.38 8.95
C ARG A 21 -0.72 3.45 9.70
N HIS A 22 0.54 3.61 9.30
CA HIS A 22 1.41 4.60 9.92
C HIS A 22 1.04 5.99 9.42
N ARG A 23 0.20 6.02 8.40
CA ARG A 23 -0.23 7.29 7.83
C ARG A 23 -0.42 8.33 8.93
N SER A 24 -1.48 8.15 9.70
CA SER A 24 -1.78 9.06 10.79
C SER A 24 -0.56 9.22 11.69
N LEU A 25 0.10 8.10 11.95
CA LEU A 25 1.28 8.11 12.79
C LEU A 25 2.21 9.24 12.35
N VAL A 26 2.51 9.25 11.07
CA VAL A 26 3.39 10.27 10.51
C VAL A 26 2.74 11.64 10.69
N ARG A 27 1.56 11.77 10.08
CA ARG A 27 0.83 13.03 10.16
C ARG A 27 0.96 13.64 11.56
N GLN A 28 1.05 12.76 12.54
CA GLN A 28 1.19 13.20 13.92
C GLN A 28 2.62 13.67 14.19
N GLU A 29 3.55 12.75 14.00
CA GLU A 29 4.96 13.05 14.23
C GLU A 29 5.41 14.18 13.30
N HIS A 30 4.60 14.42 12.28
CA HIS A 30 4.90 15.47 11.32
C HIS A 30 3.60 16.12 10.84
N PRO A 31 3.08 17.05 11.69
CA PRO A 31 1.84 17.75 11.37
C PRO A 31 2.08 18.82 10.30
N ARG A 32 3.19 19.52 10.47
CA ARG A 32 3.54 20.58 9.53
C ARG A 32 3.46 20.06 8.09
N LEU A 33 3.59 18.74 7.97
CA LEU A 33 3.54 18.12 6.65
C LEU A 33 2.10 18.17 6.12
N ASP A 34 1.99 18.15 4.81
CA ASP A 34 0.70 18.21 4.16
C ASP A 34 0.26 16.79 3.78
N ASN A 35 0.95 16.24 2.81
CA ASN A 35 0.65 14.89 2.35
C ASN A 35 1.89 14.29 1.69
N ARG A 36 2.27 14.87 0.56
CA ARG A 36 3.44 14.39 -0.16
C ARG A 36 4.63 14.24 0.78
N GLY A 37 4.66 15.10 1.79
CA GLY A 37 5.74 15.07 2.77
C GLY A 37 5.58 13.87 3.70
N ALA A 38 4.41 13.77 4.32
CA ALA A 38 4.14 12.68 5.23
C ALA A 38 4.49 11.35 4.57
N THR A 39 4.16 11.26 3.29
CA THR A 39 4.44 10.07 2.53
C THR A 39 5.95 9.80 2.46
N LYS A 40 6.69 10.88 2.25
CA LYS A 40 8.14 10.79 2.17
C LYS A 40 8.68 10.18 3.46
N ILE A 41 7.91 10.35 4.53
CA ILE A 41 8.30 9.82 5.82
C ILE A 41 7.95 8.34 5.89
N LEU A 42 6.68 8.04 5.69
CA LEU A 42 6.20 6.66 5.72
C LEU A 42 7.18 5.78 4.95
N ALA A 43 7.63 6.30 3.81
CA ALA A 43 8.57 5.56 2.97
C ALA A 43 9.69 5.01 3.84
N ASP A 44 10.52 5.92 4.33
CA ASP A 44 11.64 5.53 5.18
C ASP A 44 11.16 4.52 6.22
N TRP A 45 10.08 4.87 6.89
CA TRP A 45 9.51 4.00 7.91
C TRP A 45 9.40 2.60 7.31
N TRP A 46 8.98 2.55 6.06
CA TRP A 46 8.83 1.28 5.37
C TRP A 46 10.22 0.74 5.04
N ALA A 47 11.01 1.59 4.39
CA ALA A 47 12.36 1.22 4.01
C ALA A 47 13.03 0.50 5.18
N VAL A 48 12.59 0.84 6.38
CA VAL A 48 13.14 0.25 7.58
C VAL A 48 12.07 -0.63 8.25
N LEU A 49 11.53 -1.55 7.46
CA LEU A 49 10.51 -2.45 7.95
C LEU A 49 11.00 -3.90 7.84
N ASP A 50 10.50 -4.74 8.72
CA ASP A 50 10.88 -6.14 8.74
C ASP A 50 10.02 -6.91 7.74
N PRO A 51 10.33 -8.22 7.59
CA PRO A 51 9.59 -9.07 6.67
C PRO A 51 8.22 -9.42 7.24
N LYS A 52 8.22 -9.92 8.47
CA LYS A 52 7.00 -10.30 9.13
C LYS A 52 5.91 -9.26 8.81
N GLU A 53 6.28 -8.01 8.97
CA GLU A 53 5.36 -6.91 8.70
C GLU A 53 5.01 -6.87 7.21
N LYS A 54 6.03 -6.96 6.38
CA LYS A 54 5.84 -6.94 4.95
C LYS A 54 4.93 -8.10 4.54
N GLN A 55 5.08 -9.21 5.24
CA GLN A 55 4.28 -10.38 4.97
C GLN A 55 2.79 -10.07 5.17
N LYS A 56 2.44 -9.78 6.41
CA LYS A 56 1.06 -9.46 6.75
C LYS A 56 0.50 -8.49 5.70
N TYR A 57 1.30 -7.49 5.39
CA TYR A 57 0.88 -6.49 4.41
C TYR A 57 0.71 -7.12 3.02
N THR A 58 1.73 -7.86 2.61
CA THR A 58 1.69 -8.53 1.32
C THR A 58 0.50 -9.47 1.23
N ASP A 59 0.01 -9.89 2.40
CA ASP A 59 -1.12 -10.79 2.46
C ASP A 59 -2.41 -9.97 2.44
N MET A 60 -2.41 -8.89 3.20
CA MET A 60 -3.57 -8.01 3.28
C MET A 60 -3.92 -7.46 1.90
N ALA A 61 -2.90 -7.06 1.17
CA ALA A 61 -3.09 -6.50 -0.16
C ALA A 61 -3.81 -7.53 -1.03
N LYS A 62 -3.30 -8.75 -1.00
CA LYS A 62 -3.88 -9.83 -1.77
C LYS A 62 -5.38 -9.93 -1.46
N GLU A 63 -5.70 -9.78 -0.19
CA GLU A 63 -7.08 -9.85 0.25
C GLU A 63 -7.82 -8.56 -0.12
N TYR A 64 -7.18 -7.43 0.19
CA TYR A 64 -7.75 -6.13 -0.11
C TYR A 64 -8.23 -6.07 -1.56
N LYS A 65 -7.46 -6.68 -2.44
CA LYS A 65 -7.80 -6.70 -3.85
C LYS A 65 -9.11 -7.45 -4.05
N ASP A 66 -9.16 -8.66 -3.51
CA ASP A 66 -10.35 -9.48 -3.62
C ASP A 66 -11.59 -8.61 -3.45
N ALA A 67 -11.46 -7.62 -2.56
CA ALA A 67 -12.57 -6.72 -2.29
C ALA A 67 -12.82 -5.85 -3.53
N PHE A 68 -11.79 -5.10 -3.89
CA PHE A 68 -11.88 -4.21 -5.04
C PHE A 68 -12.49 -4.95 -6.25
N MET A 69 -11.77 -5.97 -6.69
CA MET A 69 -12.23 -6.77 -7.82
C MET A 69 -13.73 -7.01 -7.76
N LYS A 70 -14.47 -6.15 -8.46
CA LYS A 70 -15.92 -6.27 -8.48
C LYS A 70 -16.34 -7.02 -9.74
N ALA A 71 -15.83 -6.56 -10.88
CA ALA A 71 -16.15 -7.17 -12.15
C ALA A 71 -14.85 -7.63 -12.82
N ASN A 72 -14.14 -6.67 -13.40
CA ASN A 72 -12.89 -6.95 -14.07
C ASN A 72 -13.05 -8.22 -14.91
N PRO A 73 -13.47 -8.03 -16.19
CA PRO A 73 -13.65 -9.16 -17.08
C PRO A 73 -12.32 -9.71 -17.57
N GLY A 74 -11.35 -8.81 -17.69
CA GLY A 74 -10.02 -9.18 -18.14
C GLY A 74 -9.12 -9.54 -16.95
N TYR A 75 -9.59 -10.50 -16.17
CA TYR A 75 -8.84 -10.94 -15.00
C TYR A 75 -9.03 -12.44 -14.76
N ARG A 76 -10.18 -12.78 -14.19
CA ARG A 76 -10.50 -14.16 -13.90
C ARG A 76 -9.53 -14.72 -12.85
N SER A 77 -8.33 -15.03 -13.31
CA SER A 77 -7.31 -15.58 -12.43
C SER A 77 -7.51 -17.08 -12.27
N GLY A 78 -8.61 -17.43 -11.62
CA GLY A 78 -8.92 -18.83 -11.39
C GLY A 78 -9.40 -19.06 -9.95
N PRO A 79 -10.74 -18.87 -9.75
CA PRO A 79 -11.33 -19.06 -8.44
C PRO A 79 -11.43 -20.54 -8.09
N SER A 80 -11.35 -20.82 -6.79
CA SER A 80 -11.44 -22.19 -6.31
C SER A 80 -10.49 -23.08 -7.10
N SER A 81 -9.25 -23.14 -6.64
CA SER A 81 -8.25 -23.96 -7.29
C SER A 81 -7.53 -24.83 -6.25
N GLY A 82 -7.60 -26.14 -6.47
CA GLY A 82 -6.98 -27.08 -5.57
C GLY A 82 -7.93 -28.24 -5.24
N GLY A 1 17.26 10.86 -7.60
CA GLY A 1 16.64 11.70 -8.62
C GLY A 1 15.23 12.13 -8.20
N SER A 2 14.32 12.09 -9.16
CA SER A 2 12.95 12.47 -8.89
C SER A 2 12.08 11.22 -8.71
N SER A 3 11.06 11.36 -7.88
CA SER A 3 10.16 10.25 -7.61
C SER A 3 8.88 10.77 -6.94
N GLY A 4 7.75 10.40 -7.53
CA GLY A 4 6.46 10.82 -7.00
C GLY A 4 5.46 9.66 -7.01
N SER A 5 4.19 10.02 -6.97
CA SER A 5 3.14 9.02 -6.98
C SER A 5 2.54 8.90 -8.39
N SER A 6 3.07 7.94 -9.14
CA SER A 6 2.59 7.71 -10.49
C SER A 6 1.39 6.77 -10.47
N GLY A 7 0.75 6.66 -11.62
CA GLY A 7 -0.42 5.81 -11.76
C GLY A 7 -1.67 6.47 -11.16
N ALA A 8 -2.79 5.81 -11.34
CA ALA A 8 -4.06 6.33 -10.84
C ALA A 8 -5.07 5.18 -10.74
N ARG A 9 -5.93 5.28 -9.75
CA ARG A 9 -6.95 4.27 -9.53
C ARG A 9 -6.32 2.87 -9.54
N ARG A 10 -6.03 2.37 -8.35
CA ARG A 10 -5.42 1.06 -8.22
C ARG A 10 -5.69 0.50 -6.82
N PRO A 11 -5.38 -0.82 -6.66
CA PRO A 11 -5.58 -1.49 -5.38
C PRO A 11 -4.49 -1.08 -4.39
N MET A 12 -4.73 -1.41 -3.12
CA MET A 12 -3.79 -1.10 -2.07
C MET A 12 -2.73 -2.19 -1.93
N ASN A 13 -1.47 -1.77 -2.01
CA ASN A 13 -0.36 -2.70 -1.90
C ASN A 13 0.08 -2.79 -0.44
N ALA A 14 1.15 -3.53 -0.22
CA ALA A 14 1.68 -3.70 1.12
C ALA A 14 2.10 -2.35 1.68
N PHE A 15 3.11 -1.78 1.03
CA PHE A 15 3.62 -0.47 1.45
C PHE A 15 2.49 0.52 1.68
N LEU A 16 1.40 0.29 0.96
CA LEU A 16 0.23 1.15 1.08
C LEU A 16 -0.49 0.86 2.40
N LEU A 17 -0.49 -0.40 2.77
CA LEU A 17 -1.14 -0.82 4.00
C LEU A 17 -0.43 -0.16 5.20
N PHE A 18 0.87 -0.40 5.28
CA PHE A 18 1.66 0.16 6.35
C PHE A 18 1.55 1.68 6.38
N CYS A 19 1.40 2.27 5.19
CA CYS A 19 1.28 3.70 5.07
C CYS A 19 -0.10 4.12 5.57
N LYS A 20 -1.09 3.28 5.28
CA LYS A 20 -2.44 3.54 5.70
C LYS A 20 -2.58 3.26 7.19
N ARG A 21 -1.54 2.65 7.74
CA ARG A 21 -1.53 2.32 9.16
C ARG A 21 -0.73 3.38 9.94
N HIS A 22 0.44 3.69 9.41
CA HIS A 22 1.31 4.68 10.04
C HIS A 22 0.93 6.08 9.56
N ARG A 23 0.10 6.11 8.52
CA ARG A 23 -0.34 7.37 7.95
C ARG A 23 -0.56 8.40 9.05
N SER A 24 -1.63 8.17 9.82
CA SER A 24 -1.96 9.07 10.90
C SER A 24 -0.71 9.37 11.75
N LEU A 25 -0.03 8.30 12.13
CA LEU A 25 1.17 8.43 12.93
C LEU A 25 2.00 9.61 12.41
N VAL A 26 2.56 9.41 11.22
CA VAL A 26 3.37 10.44 10.60
C VAL A 26 2.59 11.75 10.57
N ARG A 27 1.48 11.72 9.85
CA ARG A 27 0.64 12.91 9.73
C ARG A 27 0.58 13.65 11.07
N GLN A 28 0.61 12.87 12.15
CA GLN A 28 0.56 13.44 13.48
C GLN A 28 1.93 13.99 13.88
N GLU A 29 2.90 13.08 13.95
CA GLU A 29 4.25 13.46 14.33
C GLU A 29 4.76 14.57 13.40
N HIS A 30 4.10 14.71 12.27
CA HIS A 30 4.48 15.72 11.29
C HIS A 30 3.22 16.38 10.73
N PRO A 31 2.65 17.33 11.53
CA PRO A 31 1.45 18.04 11.11
C PRO A 31 1.78 19.08 10.04
N ARG A 32 2.86 19.81 10.26
CA ARG A 32 3.28 20.83 9.31
C ARG A 32 3.32 20.26 7.90
N LEU A 33 3.61 18.97 7.82
CA LEU A 33 3.67 18.30 6.53
C LEU A 33 2.31 18.37 5.85
N ASP A 34 2.36 18.35 4.52
CA ASP A 34 1.13 18.42 3.73
C ASP A 34 0.69 17.00 3.38
N ASN A 35 1.40 16.42 2.42
CA ASN A 35 1.08 15.07 1.98
C ASN A 35 2.37 14.37 1.54
N ARG A 36 2.88 14.81 0.39
CA ARG A 36 4.10 14.24 -0.16
C ARG A 36 5.15 14.10 0.95
N GLY A 37 5.17 15.07 1.85
CA GLY A 37 6.12 15.05 2.95
C GLY A 37 5.89 13.83 3.84
N ALA A 38 4.69 13.74 4.39
CA ALA A 38 4.35 12.62 5.26
C ALA A 38 4.59 11.32 4.51
N THR A 39 4.32 11.34 3.22
CA THR A 39 4.50 10.16 2.39
C THR A 39 6.00 9.82 2.27
N LYS A 40 6.81 10.86 2.33
CA LYS A 40 8.24 10.69 2.23
C LYS A 40 8.79 10.17 3.56
N ILE A 41 7.97 10.31 4.59
CA ILE A 41 8.35 9.85 5.92
C ILE A 41 7.91 8.40 6.11
N LEU A 42 6.80 8.07 5.48
CA LEU A 42 6.26 6.72 5.57
C LEU A 42 7.18 5.76 4.81
N ALA A 43 7.60 6.20 3.63
CA ALA A 43 8.48 5.39 2.80
C ALA A 43 9.62 4.84 3.65
N ASP A 44 10.50 5.74 4.06
CA ASP A 44 11.64 5.35 4.89
C ASP A 44 11.19 4.34 5.93
N TRP A 45 10.23 4.77 6.75
CA TRP A 45 9.71 3.91 7.80
C TRP A 45 9.52 2.51 7.21
N TRP A 46 8.88 2.47 6.05
CA TRP A 46 8.63 1.21 5.38
C TRP A 46 9.98 0.62 4.97
N ALA A 47 10.76 1.43 4.27
CA ALA A 47 12.07 1.00 3.81
C ALA A 47 12.76 0.22 4.92
N VAL A 48 12.51 0.64 6.15
CA VAL A 48 13.11 -0.01 7.30
C VAL A 48 12.09 -0.95 7.93
N LEU A 49 11.49 -1.78 7.08
CA LEU A 49 10.49 -2.73 7.54
C LEU A 49 10.93 -4.15 7.15
N ASP A 50 10.96 -5.02 8.15
CA ASP A 50 11.35 -6.41 7.92
C ASP A 50 10.33 -7.08 7.01
N PRO A 51 10.63 -8.36 6.65
CA PRO A 51 9.75 -9.12 5.79
C PRO A 51 8.50 -9.60 6.56
N LYS A 52 8.75 -10.15 7.73
CA LYS A 52 7.67 -10.65 8.56
C LYS A 52 6.49 -9.66 8.50
N GLU A 53 6.82 -8.39 8.68
CA GLU A 53 5.81 -7.35 8.65
C GLU A 53 5.20 -7.25 7.25
N LYS A 54 6.07 -7.22 6.26
CA LYS A 54 5.64 -7.13 4.87
C LYS A 54 4.69 -8.29 4.56
N GLN A 55 5.00 -9.44 5.13
CA GLN A 55 4.18 -10.62 4.93
C GLN A 55 2.71 -10.30 5.21
N LYS A 56 2.45 -9.98 6.46
CA LYS A 56 1.09 -9.65 6.88
C LYS A 56 0.48 -8.67 5.88
N TYR A 57 1.23 -7.61 5.60
CA TYR A 57 0.78 -6.59 4.68
C TYR A 57 0.49 -7.20 3.30
N THR A 58 1.42 -8.02 2.83
CA THR A 58 1.28 -8.67 1.54
C THR A 58 -0.02 -9.49 1.50
N ASP A 59 -0.37 -10.05 2.64
CA ASP A 59 -1.57 -10.85 2.74
C ASP A 59 -2.79 -9.93 2.78
N MET A 60 -2.62 -8.80 3.46
CA MET A 60 -3.69 -7.84 3.59
C MET A 60 -4.00 -7.17 2.24
N ALA A 61 -2.95 -7.03 1.44
CA ALA A 61 -3.10 -6.41 0.13
C ALA A 61 -3.68 -7.44 -0.84
N LYS A 62 -2.99 -8.57 -0.96
CA LYS A 62 -3.43 -9.63 -1.85
C LYS A 62 -4.89 -9.97 -1.55
N GLU A 63 -5.30 -9.65 -0.32
CA GLU A 63 -6.66 -9.92 0.11
C GLU A 63 -7.56 -8.73 -0.23
N TYR A 64 -7.10 -7.54 0.16
CA TYR A 64 -7.86 -6.33 -0.10
C TYR A 64 -8.12 -6.15 -1.59
N LYS A 65 -7.06 -6.27 -2.37
CA LYS A 65 -7.17 -6.12 -3.81
C LYS A 65 -8.41 -6.87 -4.30
N ASP A 66 -8.38 -8.18 -4.11
CA ASP A 66 -9.50 -9.02 -4.53
C ASP A 66 -10.82 -8.31 -4.21
N ALA A 67 -10.91 -7.83 -2.98
CA ALA A 67 -12.10 -7.13 -2.53
C ALA A 67 -12.27 -5.85 -3.35
N PHE A 68 -11.18 -5.10 -3.46
CA PHE A 68 -11.20 -3.85 -4.20
C PHE A 68 -11.65 -4.09 -5.64
N MET A 69 -11.02 -5.06 -6.29
CA MET A 69 -11.34 -5.39 -7.66
C MET A 69 -12.62 -6.23 -7.73
N LYS A 70 -13.74 -5.54 -7.92
CA LYS A 70 -15.03 -6.21 -8.01
C LYS A 70 -15.58 -6.06 -9.43
N ALA A 71 -15.81 -4.80 -9.80
CA ALA A 71 -16.34 -4.49 -11.12
C ALA A 71 -15.18 -4.25 -12.08
N ASN A 72 -14.52 -5.33 -12.46
CA ASN A 72 -13.39 -5.24 -13.37
C ASN A 72 -13.45 -6.40 -14.36
N PRO A 73 -13.88 -6.08 -15.61
CA PRO A 73 -13.98 -7.09 -16.65
C PRO A 73 -12.59 -7.46 -17.19
N GLY A 74 -12.10 -8.59 -16.71
CA GLY A 74 -10.79 -9.07 -17.13
C GLY A 74 -9.68 -8.34 -16.39
N TYR A 75 -9.40 -8.83 -15.18
CA TYR A 75 -8.36 -8.23 -14.36
C TYR A 75 -7.26 -9.25 -14.06
N ARG A 76 -7.68 -10.45 -13.70
CA ARG A 76 -6.75 -11.52 -13.39
C ARG A 76 -7.47 -12.87 -13.36
N SER A 77 -8.63 -12.88 -12.72
CA SER A 77 -9.42 -14.09 -12.62
C SER A 77 -9.60 -14.71 -14.01
N GLY A 78 -9.12 -15.94 -14.14
CA GLY A 78 -9.22 -16.65 -15.40
C GLY A 78 -10.67 -17.02 -15.70
N PRO A 79 -10.94 -17.24 -17.02
CA PRO A 79 -12.27 -17.59 -17.46
C PRO A 79 -12.60 -19.05 -17.13
N SER A 80 -13.30 -19.23 -16.02
CA SER A 80 -13.68 -20.55 -15.57
C SER A 80 -12.42 -21.38 -15.27
N SER A 81 -12.61 -22.42 -14.47
CA SER A 81 -11.51 -23.29 -14.10
C SER A 81 -10.30 -22.46 -13.70
N GLY A 82 -10.19 -22.22 -12.40
CA GLY A 82 -9.09 -21.44 -11.87
C GLY A 82 -8.89 -21.70 -10.37
N GLY A 1 6.06 2.90 -13.47
CA GLY A 1 7.12 3.88 -13.36
C GLY A 1 6.62 5.15 -12.67
N SER A 2 7.41 6.21 -12.81
CA SER A 2 7.06 7.49 -12.21
C SER A 2 6.80 7.31 -10.71
N SER A 3 6.66 8.43 -10.02
CA SER A 3 6.41 8.41 -8.59
C SER A 3 5.09 9.12 -8.28
N GLY A 4 4.01 8.40 -8.51
CA GLY A 4 2.68 8.94 -8.26
C GLY A 4 2.38 10.12 -9.19
N SER A 5 1.16 10.14 -9.70
CA SER A 5 0.74 11.21 -10.60
C SER A 5 -0.75 11.49 -10.43
N SER A 6 -1.54 10.44 -10.63
CA SER A 6 -2.98 10.57 -10.49
C SER A 6 -3.60 9.19 -10.18
N GLY A 7 -3.41 8.28 -11.11
CA GLY A 7 -3.94 6.93 -10.94
C GLY A 7 -5.39 6.97 -10.45
N ALA A 8 -5.58 6.52 -9.22
CA ALA A 8 -6.90 6.50 -8.63
C ALA A 8 -7.72 5.36 -9.26
N ARG A 9 -7.15 4.16 -9.18
CA ARG A 9 -7.81 2.99 -9.74
C ARG A 9 -6.91 1.77 -9.60
N ARG A 10 -6.84 1.26 -8.38
CA ARG A 10 -6.02 0.09 -8.10
C ARG A 10 -6.15 -0.32 -6.63
N PRO A 11 -5.87 -1.61 -6.36
CA PRO A 11 -5.95 -2.14 -5.01
C PRO A 11 -4.76 -1.67 -4.16
N MET A 12 -4.95 -1.73 -2.86
CA MET A 12 -3.90 -1.33 -1.93
C MET A 12 -2.81 -2.39 -1.83
N ASN A 13 -1.58 -1.93 -1.96
CA ASN A 13 -0.44 -2.83 -1.89
C ASN A 13 -0.03 -3.01 -0.42
N ALA A 14 1.02 -3.79 -0.22
CA ALA A 14 1.52 -4.04 1.11
C ALA A 14 2.03 -2.74 1.73
N PHE A 15 2.72 -1.97 0.90
CA PHE A 15 3.27 -0.69 1.34
C PHE A 15 2.14 0.30 1.66
N LEU A 16 1.16 0.32 0.77
CA LEU A 16 0.03 1.22 0.94
C LEU A 16 -0.67 0.91 2.27
N LEU A 17 -0.59 -0.35 2.67
CA LEU A 17 -1.20 -0.77 3.91
C LEU A 17 -0.43 -0.17 5.09
N PHE A 18 0.88 -0.24 4.99
CA PHE A 18 1.75 0.29 6.04
C PHE A 18 1.58 1.81 6.17
N CYS A 19 1.38 2.45 5.03
CA CYS A 19 1.20 3.89 5.00
C CYS A 19 -0.18 4.21 5.59
N LYS A 20 -1.14 3.34 5.30
CA LYS A 20 -2.49 3.53 5.80
C LYS A 20 -2.51 3.25 7.31
N ARG A 21 -1.40 2.72 7.80
CA ARG A 21 -1.28 2.40 9.21
C ARG A 21 -0.49 3.51 9.93
N HIS A 22 0.73 3.71 9.48
CA HIS A 22 1.59 4.72 10.07
C HIS A 22 1.12 6.10 9.63
N ARG A 23 0.23 6.12 8.66
CA ARG A 23 -0.31 7.37 8.15
C ARG A 23 -0.46 8.39 9.28
N SER A 24 -1.40 8.10 10.16
CA SER A 24 -1.66 8.98 11.30
C SER A 24 -0.35 9.28 12.04
N LEU A 25 0.38 8.21 12.34
CA LEU A 25 1.64 8.35 13.04
C LEU A 25 2.43 9.53 12.45
N VAL A 26 2.87 9.36 11.22
CA VAL A 26 3.62 10.39 10.54
C VAL A 26 2.87 11.72 10.63
N ARG A 27 1.68 11.72 10.03
CA ARG A 27 0.85 12.91 10.03
C ARG A 27 0.93 13.61 11.39
N GLN A 28 0.88 12.80 12.44
CA GLN A 28 0.95 13.32 13.80
C GLN A 28 2.34 13.90 14.07
N GLU A 29 3.32 13.02 14.02
CA GLU A 29 4.70 13.42 14.27
C GLU A 29 5.09 14.57 13.35
N HIS A 30 4.31 14.72 12.28
CA HIS A 30 4.57 15.78 11.31
C HIS A 30 3.24 16.38 10.86
N PRO A 31 2.70 17.30 11.71
CA PRO A 31 1.45 17.96 11.41
C PRO A 31 1.62 19.02 10.33
N ARG A 32 2.81 19.64 10.34
CA ARG A 32 3.12 20.67 9.37
C ARG A 32 3.14 20.09 7.96
N LEU A 33 3.41 18.79 7.89
CA LEU A 33 3.45 18.10 6.61
C LEU A 33 2.05 18.03 6.02
N ASP A 34 2.00 17.99 4.70
CA ASP A 34 0.72 17.92 3.99
C ASP A 34 0.41 16.46 3.66
N ASN A 35 0.98 16.00 2.56
CA ASN A 35 0.77 14.63 2.12
C ASN A 35 2.08 14.08 1.56
N ARG A 36 2.49 14.65 0.43
CA ARG A 36 3.72 14.21 -0.22
C ARG A 36 4.86 14.14 0.80
N GLY A 37 4.79 15.04 1.77
CA GLY A 37 5.81 15.09 2.80
C GLY A 37 5.71 13.89 3.74
N ALA A 38 4.51 13.73 4.31
CA ALA A 38 4.27 12.62 5.22
C ALA A 38 4.54 11.30 4.50
N THR A 39 4.21 11.29 3.21
CA THR A 39 4.42 10.10 2.40
C THR A 39 5.91 9.74 2.33
N LYS A 40 6.73 10.78 2.28
CA LYS A 40 8.16 10.58 2.21
C LYS A 40 8.65 9.98 3.52
N ILE A 41 7.98 10.34 4.60
CA ILE A 41 8.33 9.84 5.91
C ILE A 41 7.92 8.37 6.02
N LEU A 42 6.71 8.08 5.55
CA LEU A 42 6.20 6.72 5.59
C LEU A 42 7.13 5.81 4.79
N ALA A 43 7.65 6.34 3.70
CA ALA A 43 8.55 5.59 2.85
C ALA A 43 9.63 4.93 3.71
N ASP A 44 10.51 5.77 4.25
CA ASP A 44 11.59 5.29 5.10
C ASP A 44 11.04 4.25 6.08
N TRP A 45 10.00 4.67 6.80
CA TRP A 45 9.38 3.80 7.78
C TRP A 45 9.25 2.40 7.16
N TRP A 46 8.80 2.39 5.91
CA TRP A 46 8.63 1.14 5.19
C TRP A 46 10.01 0.63 4.79
N ALA A 47 10.77 1.51 4.16
CA ALA A 47 12.11 1.18 3.71
C ALA A 47 12.87 0.50 4.86
N VAL A 48 12.43 0.81 6.07
CA VAL A 48 13.06 0.24 7.25
C VAL A 48 12.04 -0.65 8.00
N LEU A 49 11.53 -1.63 7.26
CA LEU A 49 10.55 -2.54 7.83
C LEU A 49 11.06 -3.99 7.66
N ASP A 50 10.55 -4.86 8.54
CA ASP A 50 10.94 -6.25 8.49
C ASP A 50 10.03 -7.01 7.51
N PRO A 51 10.34 -8.31 7.33
CA PRO A 51 9.56 -9.14 6.43
C PRO A 51 8.21 -9.51 7.05
N LYS A 52 8.29 -10.06 8.27
CA LYS A 52 7.09 -10.46 8.98
C LYS A 52 5.99 -9.43 8.74
N GLU A 53 6.36 -8.17 8.88
CA GLU A 53 5.40 -7.09 8.68
C GLU A 53 5.00 -7.00 7.22
N LYS A 54 6.00 -6.94 6.35
CA LYS A 54 5.76 -6.87 4.92
C LYS A 54 4.84 -8.01 4.50
N GLN A 55 4.97 -9.12 5.21
CA GLN A 55 4.17 -10.29 4.92
C GLN A 55 2.71 -10.04 5.28
N LYS A 56 2.47 -9.80 6.57
CA LYS A 56 1.13 -9.54 7.06
C LYS A 56 0.47 -8.48 6.18
N TYR A 57 1.30 -7.63 5.59
CA TYR A 57 0.81 -6.58 4.72
C TYR A 57 0.55 -7.12 3.31
N THR A 58 1.53 -7.83 2.79
CA THR A 58 1.43 -8.39 1.45
C THR A 58 0.15 -9.23 1.34
N ASP A 59 -0.27 -9.79 2.47
CA ASP A 59 -1.46 -10.61 2.51
C ASP A 59 -2.69 -9.70 2.44
N MET A 60 -2.70 -8.69 3.28
CA MET A 60 -3.81 -7.75 3.32
C MET A 60 -4.07 -7.15 1.94
N ALA A 61 -2.99 -6.95 1.20
CA ALA A 61 -3.09 -6.38 -0.13
C ALA A 61 -3.61 -7.45 -1.09
N LYS A 62 -2.97 -8.61 -1.05
CA LYS A 62 -3.35 -9.71 -1.90
C LYS A 62 -4.79 -10.14 -1.57
N GLU A 63 -5.18 -9.86 -0.33
CA GLU A 63 -6.52 -10.21 0.12
C GLU A 63 -7.51 -9.13 -0.30
N TYR A 64 -7.08 -7.89 -0.19
CA TYR A 64 -7.92 -6.76 -0.55
C TYR A 64 -8.15 -6.73 -2.07
N LYS A 65 -7.08 -6.97 -2.80
CA LYS A 65 -7.15 -6.96 -4.25
C LYS A 65 -8.33 -7.82 -4.71
N ASP A 66 -8.30 -9.08 -4.28
CA ASP A 66 -9.37 -10.01 -4.64
C ASP A 66 -10.72 -9.32 -4.47
N ALA A 67 -10.90 -8.69 -3.32
CA ALA A 67 -12.14 -7.99 -3.02
C ALA A 67 -12.37 -6.92 -4.09
N PHE A 68 -11.34 -6.11 -4.32
CA PHE A 68 -11.42 -5.05 -5.30
C PHE A 68 -11.76 -5.61 -6.69
N MET A 69 -11.15 -6.74 -7.00
CA MET A 69 -11.39 -7.39 -8.28
C MET A 69 -12.57 -8.34 -8.21
N LYS A 70 -12.79 -9.07 -9.30
CA LYS A 70 -13.88 -10.02 -9.37
C LYS A 70 -15.12 -9.31 -9.93
N ALA A 71 -15.30 -8.07 -9.50
CA ALA A 71 -16.43 -7.28 -9.95
C ALA A 71 -16.02 -6.44 -11.17
N ASN A 72 -15.37 -7.10 -12.10
CA ASN A 72 -14.91 -6.43 -13.31
C ASN A 72 -14.63 -7.47 -14.39
N PRO A 73 -14.96 -7.08 -15.66
CA PRO A 73 -14.75 -7.97 -16.79
C PRO A 73 -13.26 -8.04 -17.15
N GLY A 74 -12.99 -8.71 -18.27
CA GLY A 74 -11.62 -8.87 -18.74
C GLY A 74 -10.66 -9.11 -17.57
N TYR A 75 -10.96 -10.16 -16.82
CA TYR A 75 -10.14 -10.52 -15.68
C TYR A 75 -10.45 -11.94 -15.21
N ARG A 76 -9.50 -12.51 -14.48
CA ARG A 76 -9.67 -13.86 -13.96
C ARG A 76 -9.02 -13.97 -12.57
N SER A 77 -7.75 -13.62 -12.51
CA SER A 77 -7.01 -13.68 -11.26
C SER A 77 -5.53 -13.38 -11.52
N GLY A 78 -4.94 -14.18 -12.39
CA GLY A 78 -3.53 -14.02 -12.72
C GLY A 78 -2.87 -15.37 -12.96
N PRO A 79 -1.67 -15.55 -12.31
CA PRO A 79 -0.93 -16.78 -12.45
C PRO A 79 -1.58 -17.91 -11.63
N SER A 80 -1.35 -19.13 -12.09
CA SER A 80 -1.91 -20.29 -11.41
C SER A 80 -1.52 -21.56 -12.17
N SER A 81 -1.79 -22.70 -11.53
CA SER A 81 -1.47 -23.98 -12.12
C SER A 81 -2.74 -24.63 -12.68
N GLY A 82 -2.53 -25.51 -13.65
CA GLY A 82 -3.65 -26.20 -14.28
C GLY A 82 -4.51 -25.23 -15.09
N GLY A 1 8.25 5.71 -11.77
CA GLY A 1 8.80 7.03 -11.52
C GLY A 1 7.68 8.08 -11.44
N SER A 2 7.59 8.70 -10.27
CA SER A 2 6.59 9.72 -10.05
C SER A 2 5.25 9.06 -9.70
N SER A 3 4.36 9.87 -9.14
CA SER A 3 3.04 9.37 -8.76
C SER A 3 2.02 9.74 -9.84
N GLY A 4 0.80 9.26 -9.64
CA GLY A 4 -0.28 9.52 -10.58
C GLY A 4 -1.14 10.69 -10.13
N SER A 5 -2.42 10.43 -9.98
CA SER A 5 -3.35 11.45 -9.55
C SER A 5 -4.62 10.81 -8.97
N SER A 6 -4.75 10.91 -7.66
CA SER A 6 -5.90 10.35 -6.97
C SER A 6 -5.94 8.83 -7.19
N GLY A 7 -6.80 8.19 -6.44
CA GLY A 7 -6.96 6.74 -6.54
C GLY A 7 -8.00 6.37 -7.60
N ALA A 8 -9.26 6.46 -7.20
CA ALA A 8 -10.36 6.14 -8.10
C ALA A 8 -10.20 4.70 -8.59
N ARG A 9 -11.01 3.82 -8.00
CA ARG A 9 -10.97 2.41 -8.36
C ARG A 9 -9.53 1.91 -8.39
N ARG A 10 -9.07 1.43 -7.24
CA ARG A 10 -7.72 0.92 -7.13
C ARG A 10 -7.53 0.22 -5.78
N PRO A 11 -6.86 -0.96 -5.84
CA PRO A 11 -6.61 -1.74 -4.63
C PRO A 11 -5.50 -1.11 -3.80
N MET A 12 -5.02 -1.88 -2.83
CA MET A 12 -3.95 -1.41 -1.95
C MET A 12 -2.88 -2.49 -1.78
N ASN A 13 -1.64 -2.07 -2.03
CA ASN A 13 -0.52 -2.99 -1.90
C ASN A 13 -0.10 -3.08 -0.44
N ALA A 14 0.99 -3.79 -0.20
CA ALA A 14 1.50 -3.95 1.15
C ALA A 14 1.97 -2.60 1.69
N PHE A 15 2.85 -1.97 0.92
CA PHE A 15 3.38 -0.67 1.31
C PHE A 15 2.26 0.34 1.49
N LEU A 16 1.22 0.19 0.68
CA LEU A 16 0.08 1.09 0.75
C LEU A 16 -0.66 0.87 2.06
N LEU A 17 -0.57 -0.35 2.56
CA LEU A 17 -1.22 -0.71 3.81
C LEU A 17 -0.49 -0.04 4.97
N PHE A 18 0.83 -0.21 4.97
CA PHE A 18 1.66 0.37 6.02
C PHE A 18 1.51 1.89 6.06
N CYS A 19 1.41 2.47 4.88
CA CYS A 19 1.27 3.91 4.77
C CYS A 19 -0.11 4.30 5.29
N LYS A 20 -1.08 3.43 5.03
CA LYS A 20 -2.44 3.67 5.48
C LYS A 20 -2.51 3.51 7.00
N ARG A 21 -1.62 2.68 7.51
CA ARG A 21 -1.57 2.42 8.94
C ARG A 21 -0.72 3.48 9.64
N HIS A 22 0.54 3.57 9.21
CA HIS A 22 1.46 4.54 9.79
C HIS A 22 1.05 5.94 9.38
N ARG A 23 0.13 6.00 8.43
CA ARG A 23 -0.35 7.29 7.93
C ARG A 23 -0.51 8.28 9.08
N SER A 24 -1.49 8.01 9.93
CA SER A 24 -1.75 8.87 11.07
C SER A 24 -0.44 9.15 11.83
N LEU A 25 0.27 8.06 12.12
CA LEU A 25 1.54 8.18 12.83
C LEU A 25 2.31 9.39 12.31
N VAL A 26 2.79 9.25 11.08
CA VAL A 26 3.56 10.31 10.45
C VAL A 26 2.82 11.64 10.64
N ARG A 27 1.61 11.69 10.08
CA ARG A 27 0.80 12.89 10.18
C ARG A 27 0.92 13.50 11.57
N GLN A 28 1.01 12.62 12.57
CA GLN A 28 1.13 13.05 13.95
C GLN A 28 2.55 13.53 14.23
N GLU A 29 3.49 12.61 14.11
CA GLU A 29 4.89 12.92 14.35
C GLU A 29 5.31 14.13 13.53
N HIS A 30 4.54 14.39 12.48
CA HIS A 30 4.82 15.52 11.60
C HIS A 30 3.51 16.21 11.21
N PRO A 31 3.02 17.09 12.13
CA PRO A 31 1.78 17.80 11.88
C PRO A 31 1.99 18.93 10.87
N ARG A 32 3.26 19.29 10.69
CA ARG A 32 3.60 20.35 9.75
C ARG A 32 3.55 19.81 8.31
N LEU A 33 3.54 18.50 8.20
CA LEU A 33 3.48 17.86 6.90
C LEU A 33 2.04 17.75 6.44
N ASP A 34 1.86 17.66 5.13
CA ASP A 34 0.54 17.56 4.54
C ASP A 34 0.30 16.11 4.08
N ASN A 35 0.88 15.78 2.94
CA ASN A 35 0.74 14.45 2.38
C ASN A 35 2.04 14.06 1.68
N ARG A 36 2.44 14.89 0.72
CA ARG A 36 3.66 14.64 -0.03
C ARG A 36 4.82 14.35 0.93
N GLY A 37 4.88 15.15 2.00
CA GLY A 37 5.93 14.99 2.99
C GLY A 37 5.65 13.79 3.90
N ALA A 38 4.43 13.74 4.39
CA ALA A 38 4.02 12.66 5.27
C ALA A 38 4.34 11.32 4.60
N THR A 39 4.07 11.25 3.31
CA THR A 39 4.32 10.04 2.55
C THR A 39 5.82 9.75 2.51
N LYS A 40 6.59 10.77 2.16
CA LYS A 40 8.03 10.65 2.07
C LYS A 40 8.54 9.94 3.33
N ILE A 41 8.05 10.38 4.47
CA ILE A 41 8.44 9.81 5.74
C ILE A 41 8.04 8.34 5.78
N LEU A 42 6.76 8.10 5.52
CA LEU A 42 6.23 6.75 5.52
C LEU A 42 7.19 5.83 4.74
N ALA A 43 7.67 6.35 3.63
CA ALA A 43 8.58 5.60 2.79
C ALA A 43 9.69 4.99 3.66
N ASP A 44 10.55 5.86 4.16
CA ASP A 44 11.64 5.42 5.02
C ASP A 44 11.13 4.38 6.01
N TRP A 45 10.10 4.77 6.74
CA TRP A 45 9.51 3.88 7.74
C TRP A 45 9.42 2.49 7.12
N TRP A 46 8.83 2.44 5.93
CA TRP A 46 8.67 1.17 5.23
C TRP A 46 10.07 0.68 4.84
N ALA A 47 10.87 1.60 4.33
CA ALA A 47 12.22 1.26 3.91
C ALA A 47 12.93 0.54 5.05
N VAL A 48 12.54 0.89 6.27
CA VAL A 48 13.14 0.27 7.44
C VAL A 48 12.12 -0.65 8.10
N LEU A 49 11.60 -1.57 7.31
CA LEU A 49 10.62 -2.53 7.80
C LEU A 49 11.13 -3.95 7.58
N ASP A 50 10.67 -4.85 8.43
CA ASP A 50 11.08 -6.24 8.34
C ASP A 50 10.13 -6.98 7.40
N PRO A 51 10.45 -8.29 7.18
CA PRO A 51 9.63 -9.13 6.32
C PRO A 51 8.33 -9.51 7.00
N LYS A 52 8.46 -10.08 8.19
CA LYS A 52 7.30 -10.51 8.96
C LYS A 52 6.18 -9.47 8.80
N GLU A 53 6.59 -8.20 8.91
CA GLU A 53 5.64 -7.11 8.80
C GLU A 53 5.15 -6.99 7.35
N LYS A 54 6.11 -6.94 6.45
CA LYS A 54 5.80 -6.83 5.03
C LYS A 54 4.85 -7.96 4.62
N GLN A 55 5.01 -9.09 5.29
CA GLN A 55 4.19 -10.25 5.01
C GLN A 55 2.74 -9.98 5.43
N LYS A 56 2.56 -9.74 6.71
CA LYS A 56 1.24 -9.47 7.25
C LYS A 56 0.53 -8.44 6.36
N TYR A 57 1.34 -7.58 5.77
CA TYR A 57 0.81 -6.55 4.88
C TYR A 57 0.49 -7.11 3.51
N THR A 58 1.46 -7.82 2.95
CA THR A 58 1.30 -8.42 1.64
C THR A 58 0.04 -9.29 1.59
N ASP A 59 -0.35 -9.77 2.77
CA ASP A 59 -1.52 -10.62 2.88
C ASP A 59 -2.77 -9.74 2.84
N MET A 60 -2.71 -8.64 3.57
CA MET A 60 -3.84 -7.72 3.61
C MET A 60 -4.19 -7.21 2.21
N ALA A 61 -3.15 -6.94 1.44
CA ALA A 61 -3.32 -6.45 0.09
C ALA A 61 -3.85 -7.58 -0.80
N LYS A 62 -3.11 -8.67 -0.80
CA LYS A 62 -3.48 -9.84 -1.59
C LYS A 62 -4.99 -10.04 -1.49
N GLU A 63 -5.51 -9.88 -0.29
CA GLU A 63 -6.93 -10.05 -0.05
C GLU A 63 -7.71 -8.87 -0.63
N TYR A 64 -7.30 -7.68 -0.23
CA TYR A 64 -7.94 -6.47 -0.70
C TYR A 64 -7.98 -6.42 -2.23
N LYS A 65 -6.85 -6.76 -2.82
CA LYS A 65 -6.74 -6.76 -4.27
C LYS A 65 -7.73 -7.79 -4.86
N ASP A 66 -7.48 -9.04 -4.52
CA ASP A 66 -8.33 -10.12 -4.99
C ASP A 66 -9.79 -9.68 -4.94
N ALA A 67 -10.17 -9.13 -3.80
CA ALA A 67 -11.53 -8.65 -3.60
C ALA A 67 -11.89 -7.68 -4.72
N PHE A 68 -11.09 -6.63 -4.82
CA PHE A 68 -11.31 -5.61 -5.84
C PHE A 68 -11.49 -6.25 -7.22
N MET A 69 -10.53 -7.09 -7.58
CA MET A 69 -10.57 -7.77 -8.86
C MET A 69 -11.85 -8.60 -9.01
N LYS A 70 -12.90 -7.94 -9.46
CA LYS A 70 -14.18 -8.60 -9.64
C LYS A 70 -14.41 -8.83 -11.14
N ALA A 71 -14.49 -7.73 -11.87
CA ALA A 71 -14.71 -7.80 -13.30
C ALA A 71 -13.46 -7.32 -14.04
N ASN A 72 -13.30 -6.00 -14.06
CA ASN A 72 -12.15 -5.40 -14.71
C ASN A 72 -11.91 -6.09 -16.06
N PRO A 73 -12.65 -5.63 -17.09
CA PRO A 73 -12.54 -6.20 -18.41
C PRO A 73 -11.24 -5.74 -19.10
N GLY A 74 -10.15 -6.38 -18.72
CA GLY A 74 -8.86 -6.05 -19.28
C GLY A 74 -8.10 -5.07 -18.38
N TYR A 75 -7.91 -5.50 -17.13
CA TYR A 75 -7.21 -4.67 -16.16
C TYR A 75 -5.79 -4.34 -16.65
N ARG A 76 -4.99 -5.38 -16.78
CA ARG A 76 -3.61 -5.23 -17.23
C ARG A 76 -2.97 -4.02 -16.53
N SER A 77 -2.34 -4.31 -15.39
CA SER A 77 -1.68 -3.27 -14.62
C SER A 77 -1.01 -3.88 -13.39
N GLY A 78 0.18 -4.41 -13.61
CA GLY A 78 0.93 -5.02 -12.53
C GLY A 78 0.17 -6.20 -11.92
N PRO A 79 0.53 -7.42 -12.39
CA PRO A 79 -0.11 -8.63 -11.91
C PRO A 79 0.37 -8.99 -10.50
N SER A 80 1.68 -8.85 -10.31
CA SER A 80 2.28 -9.16 -9.03
C SER A 80 3.52 -8.27 -8.80
N SER A 81 3.51 -7.57 -7.68
CA SER A 81 4.60 -6.70 -7.33
C SER A 81 4.67 -5.52 -8.31
N GLY A 82 5.07 -5.83 -9.53
CA GLY A 82 5.18 -4.82 -10.57
C GLY A 82 6.30 -3.84 -10.26
N GLY A 1 3.98 7.80 -2.82
CA GLY A 1 3.20 8.68 -3.66
C GLY A 1 3.17 8.16 -5.11
N SER A 2 2.12 7.40 -5.40
CA SER A 2 1.95 6.85 -6.73
C SER A 2 0.99 7.72 -7.54
N SER A 3 1.56 8.49 -8.46
CA SER A 3 0.77 9.36 -9.30
C SER A 3 0.30 10.58 -8.51
N GLY A 4 -0.45 10.31 -7.45
CA GLY A 4 -0.96 11.36 -6.59
C GLY A 4 -1.51 10.79 -5.28
N SER A 5 -2.68 10.18 -5.39
CA SER A 5 -3.32 9.58 -4.22
C SER A 5 -4.22 8.43 -4.65
N SER A 6 -3.71 7.22 -4.47
CA SER A 6 -4.45 6.02 -4.83
C SER A 6 -5.05 5.38 -3.57
N GLY A 7 -6.20 4.74 -3.76
CA GLY A 7 -6.88 4.08 -2.66
C GLY A 7 -8.26 3.59 -3.09
N ALA A 8 -9.09 4.53 -3.50
CA ALA A 8 -10.44 4.21 -3.93
C ALA A 8 -10.38 3.56 -5.32
N ARG A 9 -11.31 2.64 -5.55
CA ARG A 9 -11.37 1.94 -6.82
C ARG A 9 -10.23 0.93 -6.93
N ARG A 10 -9.01 1.46 -6.97
CA ARG A 10 -7.84 0.62 -7.07
C ARG A 10 -7.55 -0.06 -5.74
N PRO A 11 -6.81 -1.20 -5.83
CA PRO A 11 -6.46 -1.95 -4.62
C PRO A 11 -5.35 -1.25 -3.83
N MET A 12 -4.82 -1.97 -2.87
CA MET A 12 -3.75 -1.42 -2.03
C MET A 12 -2.61 -2.44 -1.86
N ASN A 13 -1.41 -1.97 -2.12
CA ASN A 13 -0.23 -2.82 -1.99
C ASN A 13 0.14 -2.96 -0.51
N ALA A 14 1.26 -3.63 -0.27
CA ALA A 14 1.73 -3.83 1.08
C ALA A 14 2.20 -2.49 1.66
N PHE A 15 2.52 -1.58 0.76
CA PHE A 15 2.97 -0.25 1.17
C PHE A 15 1.79 0.67 1.47
N LEU A 16 0.78 0.57 0.62
CA LEU A 16 -0.41 1.39 0.77
C LEU A 16 -1.14 0.99 2.06
N LEU A 17 -0.74 -0.15 2.60
CA LEU A 17 -1.34 -0.65 3.82
C LEU A 17 -0.66 0.00 5.02
N PHE A 18 0.66 -0.09 5.03
CA PHE A 18 1.45 0.49 6.12
C PHE A 18 1.40 2.02 6.07
N CYS A 19 0.97 2.53 4.93
CA CYS A 19 0.88 3.96 4.73
C CYS A 19 -0.45 4.44 5.29
N LYS A 20 -1.47 3.61 5.11
CA LYS A 20 -2.80 3.93 5.60
C LYS A 20 -2.88 3.64 7.10
N ARG A 21 -1.91 2.87 7.57
CA ARG A 21 -1.86 2.50 8.97
C ARG A 21 -0.99 3.49 9.74
N HIS A 22 0.24 3.66 9.26
CA HIS A 22 1.18 4.56 9.89
C HIS A 22 0.86 6.00 9.47
N ARG A 23 0.00 6.12 8.48
CA ARG A 23 -0.40 7.42 7.98
C ARG A 23 -0.51 8.42 9.14
N SER A 24 -1.49 8.16 10.00
CA SER A 24 -1.72 9.03 11.15
C SER A 24 -0.42 9.20 11.95
N LEU A 25 0.24 8.07 12.17
CA LEU A 25 1.49 8.08 12.91
C LEU A 25 2.37 9.23 12.41
N VAL A 26 2.80 9.09 11.16
CA VAL A 26 3.65 10.10 10.55
C VAL A 26 2.95 11.46 10.63
N ARG A 27 1.81 11.54 9.97
CA ARG A 27 1.04 12.77 9.96
C ARG A 27 1.09 13.44 11.34
N GLN A 28 0.97 12.61 12.36
CA GLN A 28 1.00 13.11 13.73
C GLN A 28 2.40 13.58 14.09
N GLU A 29 3.33 12.64 14.07
CA GLU A 29 4.72 12.94 14.40
C GLU A 29 5.23 14.10 13.53
N HIS A 30 4.52 14.32 12.43
CA HIS A 30 4.88 15.39 11.50
C HIS A 30 3.62 16.09 11.00
N PRO A 31 3.10 17.01 11.86
CA PRO A 31 1.90 17.76 11.51
C PRO A 31 2.21 18.84 10.47
N ARG A 32 3.34 19.51 10.67
CA ARG A 32 3.75 20.57 9.76
C ARG A 32 3.78 20.04 8.32
N LEU A 33 3.95 18.73 8.20
CA LEU A 33 3.99 18.11 6.90
C LEU A 33 2.62 18.22 6.24
N ASP A 34 2.64 18.22 4.91
CA ASP A 34 1.40 18.32 4.14
C ASP A 34 1.21 17.05 3.33
N ASN A 35 1.31 15.92 4.02
CA ASN A 35 1.14 14.63 3.37
C ASN A 35 2.34 14.37 2.45
N ARG A 36 2.44 15.20 1.42
CA ARG A 36 3.53 15.07 0.45
C ARG A 36 4.83 14.74 1.18
N GLY A 37 5.00 15.38 2.33
CA GLY A 37 6.21 15.16 3.12
C GLY A 37 6.09 13.88 3.95
N ALA A 38 4.93 13.71 4.56
CA ALA A 38 4.67 12.53 5.39
C ALA A 38 4.92 11.27 4.56
N THR A 39 4.46 11.32 3.31
CA THR A 39 4.62 10.20 2.42
C THR A 39 6.10 9.87 2.23
N LYS A 40 6.93 10.87 2.45
CA LYS A 40 8.37 10.70 2.33
C LYS A 40 8.92 10.06 3.60
N ILE A 41 8.16 10.20 4.67
CA ILE A 41 8.56 9.64 5.95
C ILE A 41 8.09 8.19 6.04
N LEU A 42 6.93 7.94 5.46
CA LEU A 42 6.36 6.61 5.46
C LEU A 42 7.26 5.67 4.66
N ALA A 43 7.68 6.16 3.50
CA ALA A 43 8.54 5.37 2.64
C ALA A 43 9.63 4.70 3.47
N ASP A 44 10.51 5.53 4.00
CA ASP A 44 11.61 5.04 4.83
C ASP A 44 11.05 4.08 5.88
N TRP A 45 9.96 4.50 6.51
CA TRP A 45 9.32 3.70 7.54
C TRP A 45 9.02 2.32 6.94
N TRP A 46 8.78 2.32 5.64
CA TRP A 46 8.47 1.09 4.94
C TRP A 46 9.80 0.44 4.53
N ALA A 47 10.64 1.23 3.90
CA ALA A 47 11.94 0.74 3.46
C ALA A 47 12.65 0.05 4.63
N VAL A 48 12.59 0.71 5.78
CA VAL A 48 13.22 0.18 6.98
C VAL A 48 12.44 -1.04 7.45
N LEU A 49 11.12 -0.95 7.33
CA LEU A 49 10.26 -2.04 7.74
C LEU A 49 10.90 -3.38 7.34
N ASP A 50 10.68 -4.38 8.18
CA ASP A 50 11.22 -5.71 7.92
C ASP A 50 10.22 -6.52 7.09
N PRO A 51 10.64 -7.76 6.74
CA PRO A 51 9.79 -8.64 5.95
C PRO A 51 8.66 -9.22 6.80
N LYS A 52 9.03 -9.65 8.00
CA LYS A 52 8.06 -10.22 8.92
C LYS A 52 6.81 -9.34 8.96
N GLU A 53 7.05 -8.03 8.93
CA GLU A 53 5.96 -7.08 8.97
C GLU A 53 5.25 -7.02 7.61
N LYS A 54 6.06 -6.85 6.57
CA LYS A 54 5.54 -6.78 5.22
C LYS A 54 4.63 -7.98 4.97
N GLN A 55 4.84 -9.03 5.77
CA GLN A 55 4.04 -10.24 5.65
C GLN A 55 2.54 -9.91 5.71
N LYS A 56 2.12 -9.48 6.90
CA LYS A 56 0.73 -9.12 7.11
C LYS A 56 0.28 -8.17 6.00
N TYR A 57 1.16 -7.25 5.66
CA TYR A 57 0.87 -6.27 4.62
C TYR A 57 0.80 -6.94 3.25
N THR A 58 1.50 -8.07 3.14
CA THR A 58 1.52 -8.80 1.88
C THR A 58 0.23 -9.61 1.71
N ASP A 59 -0.34 -9.98 2.85
CA ASP A 59 -1.58 -10.74 2.84
C ASP A 59 -2.77 -9.80 2.73
N MET A 60 -2.69 -8.71 3.49
CA MET A 60 -3.75 -7.72 3.49
C MET A 60 -4.06 -7.24 2.07
N ALA A 61 -2.99 -7.04 1.30
CA ALA A 61 -3.13 -6.58 -0.07
C ALA A 61 -3.60 -7.75 -0.94
N LYS A 62 -3.00 -8.90 -0.70
CA LYS A 62 -3.34 -10.10 -1.45
C LYS A 62 -4.84 -10.35 -1.36
N GLU A 63 -5.38 -10.01 -0.20
CA GLU A 63 -6.81 -10.20 0.04
C GLU A 63 -7.60 -9.03 -0.57
N TYR A 64 -7.12 -7.84 -0.30
CA TYR A 64 -7.77 -6.64 -0.82
C TYR A 64 -7.78 -6.63 -2.34
N LYS A 65 -6.67 -7.11 -2.91
CA LYS A 65 -6.54 -7.16 -4.35
C LYS A 65 -7.50 -8.21 -4.92
N ASP A 66 -7.35 -9.43 -4.43
CA ASP A 66 -8.20 -10.52 -4.88
C ASP A 66 -9.66 -10.07 -4.87
N ALA A 67 -9.98 -9.23 -3.88
CA ALA A 67 -11.32 -8.71 -3.75
C ALA A 67 -11.65 -7.81 -4.94
N PHE A 68 -10.81 -6.80 -5.12
CA PHE A 68 -10.99 -5.87 -6.22
C PHE A 68 -11.29 -6.60 -7.53
N MET A 69 -10.59 -7.72 -7.71
CA MET A 69 -10.77 -8.52 -8.91
C MET A 69 -12.16 -9.17 -8.94
N LYS A 70 -13.12 -8.42 -9.47
CA LYS A 70 -14.48 -8.91 -9.56
C LYS A 70 -15.17 -8.25 -10.76
N ALA A 71 -14.38 -8.01 -11.80
CA ALA A 71 -14.90 -7.40 -13.01
C ALA A 71 -13.85 -7.49 -14.12
N ASN A 72 -12.64 -7.08 -13.79
CA ASN A 72 -11.54 -7.11 -14.74
C ASN A 72 -11.58 -8.44 -15.49
N PRO A 73 -11.80 -8.33 -16.84
CA PRO A 73 -11.85 -9.50 -17.68
C PRO A 73 -10.46 -10.08 -17.93
N GLY A 74 -9.53 -9.16 -18.20
CA GLY A 74 -8.15 -9.57 -18.46
C GLY A 74 -7.74 -10.71 -17.54
N TYR A 75 -7.83 -10.47 -16.24
CA TYR A 75 -7.47 -11.47 -15.25
C TYR A 75 -8.34 -12.72 -15.40
N ARG A 76 -7.80 -13.84 -14.93
CA ARG A 76 -8.51 -15.10 -15.00
C ARG A 76 -8.49 -15.79 -13.64
N SER A 77 -9.47 -16.67 -13.44
CA SER A 77 -9.59 -17.40 -12.20
C SER A 77 -9.50 -18.91 -12.46
N GLY A 78 -8.70 -19.57 -11.64
CA GLY A 78 -8.52 -21.01 -11.78
C GLY A 78 -8.57 -21.70 -10.41
N PRO A 79 -8.28 -23.03 -10.43
CA PRO A 79 -8.31 -23.81 -9.21
C PRO A 79 -7.08 -23.52 -8.35
N SER A 80 -7.17 -22.45 -7.57
CA SER A 80 -6.07 -22.05 -6.70
C SER A 80 -6.63 -21.37 -5.44
N SER A 81 -6.81 -22.17 -4.40
CA SER A 81 -7.32 -21.67 -3.14
C SER A 81 -6.52 -22.25 -1.98
N GLY A 82 -6.52 -23.58 -1.91
CA GLY A 82 -5.81 -24.27 -0.86
C GLY A 82 -6.60 -24.25 0.45
N GLY A 1 6.23 -1.14 -9.82
CA GLY A 1 7.15 -0.58 -8.84
C GLY A 1 7.47 0.88 -9.17
N SER A 2 8.61 1.33 -8.66
CA SER A 2 9.05 2.70 -8.90
C SER A 2 7.97 3.68 -8.41
N SER A 3 8.28 4.33 -7.30
CA SER A 3 7.35 5.29 -6.73
C SER A 3 6.77 6.18 -7.82
N GLY A 4 5.57 6.67 -7.56
CA GLY A 4 4.89 7.53 -8.52
C GLY A 4 3.66 8.20 -7.89
N SER A 5 3.68 9.52 -7.89
CA SER A 5 2.59 10.28 -7.32
C SER A 5 1.33 10.12 -8.17
N SER A 6 0.19 10.08 -7.50
CA SER A 6 -1.07 9.92 -8.19
C SER A 6 -1.06 8.65 -9.05
N GLY A 7 -2.23 8.30 -9.54
CA GLY A 7 -2.36 7.11 -10.38
C GLY A 7 -3.83 6.77 -10.62
N ALA A 8 -4.04 5.72 -11.41
CA ALA A 8 -5.39 5.29 -11.72
C ALA A 8 -5.85 4.26 -10.68
N ARG A 9 -7.06 3.76 -10.88
CA ARG A 9 -7.62 2.78 -9.96
C ARG A 9 -6.69 1.57 -9.84
N ARG A 10 -6.33 1.26 -8.60
CA ARG A 10 -5.45 0.14 -8.34
C ARG A 10 -5.60 -0.33 -6.89
N PRO A 11 -5.24 -1.62 -6.67
CA PRO A 11 -5.33 -2.19 -5.33
C PRO A 11 -4.20 -1.69 -4.43
N MET A 12 -4.48 -1.65 -3.14
CA MET A 12 -3.50 -1.20 -2.16
C MET A 12 -2.42 -2.26 -1.94
N ASN A 13 -1.18 -1.87 -2.24
CA ASN A 13 -0.06 -2.77 -2.07
C ASN A 13 0.31 -2.84 -0.58
N ALA A 14 1.17 -3.80 -0.27
CA ALA A 14 1.62 -3.99 1.10
C ALA A 14 2.07 -2.64 1.67
N PHE A 15 2.81 -1.90 0.86
CA PHE A 15 3.30 -0.60 1.28
C PHE A 15 2.15 0.38 1.48
N LEU A 16 1.16 0.28 0.60
CA LEU A 16 0.00 1.16 0.67
C LEU A 16 -0.76 0.88 1.97
N LEU A 17 -0.52 -0.31 2.52
CA LEU A 17 -1.18 -0.71 3.75
C LEU A 17 -0.45 -0.08 4.93
N PHE A 18 0.88 -0.22 4.92
CA PHE A 18 1.70 0.32 5.98
C PHE A 18 1.65 1.85 5.98
N CYS A 19 1.21 2.40 4.86
CA CYS A 19 1.12 3.84 4.71
C CYS A 19 -0.22 4.30 5.29
N LYS A 20 -1.27 3.56 4.93
CA LYS A 20 -2.60 3.88 5.40
C LYS A 20 -2.72 3.49 6.87
N ARG A 21 -1.70 2.78 7.36
CA ARG A 21 -1.68 2.35 8.74
C ARG A 21 -0.93 3.36 9.61
N HIS A 22 0.31 3.62 9.21
CA HIS A 22 1.15 4.56 9.93
C HIS A 22 0.85 5.98 9.46
N ARG A 23 0.09 6.06 8.37
CA ARG A 23 -0.27 7.36 7.81
C ARG A 23 -0.42 8.40 8.92
N SER A 24 -1.48 8.26 9.69
CA SER A 24 -1.74 9.19 10.78
C SER A 24 -0.51 9.30 11.67
N LEU A 25 0.08 8.14 11.96
CA LEU A 25 1.26 8.10 12.80
C LEU A 25 2.26 9.17 12.34
N VAL A 26 2.68 9.05 11.09
CA VAL A 26 3.63 10.00 10.53
C VAL A 26 3.09 11.42 10.74
N ARG A 27 1.95 11.68 10.12
CA ARG A 27 1.32 12.99 10.23
C ARG A 27 1.48 13.55 11.64
N GLN A 28 1.27 12.67 12.62
CA GLN A 28 1.39 13.05 14.01
C GLN A 28 2.83 13.45 14.33
N GLU A 29 3.74 12.54 14.05
CA GLU A 29 5.16 12.79 14.29
C GLU A 29 5.68 13.87 13.36
N HIS A 30 4.84 14.24 12.40
CA HIS A 30 5.19 15.27 11.44
C HIS A 30 3.95 16.00 10.98
N PRO A 31 3.44 16.90 11.88
CA PRO A 31 2.25 17.67 11.57
C PRO A 31 2.56 18.79 10.58
N ARG A 32 3.78 19.30 10.67
CA ARG A 32 4.22 20.37 9.79
C ARG A 32 4.17 19.91 8.33
N LEU A 33 4.06 18.60 8.16
CA LEU A 33 4.01 18.02 6.83
C LEU A 33 2.61 18.22 6.25
N ASP A 34 2.54 18.21 4.93
CA ASP A 34 1.28 18.39 4.23
C ASP A 34 0.97 17.14 3.40
N ASN A 35 1.04 16.00 4.07
CA ASN A 35 0.78 14.74 3.41
C ASN A 35 1.90 14.43 2.42
N ARG A 36 1.98 15.26 1.39
CA ARG A 36 2.99 15.10 0.36
C ARG A 36 4.32 14.71 1.00
N GLY A 37 4.63 15.36 2.12
CA GLY A 37 5.86 15.10 2.82
C GLY A 37 5.74 13.82 3.67
N ALA A 38 4.64 13.73 4.39
CA ALA A 38 4.40 12.59 5.24
C ALA A 38 4.70 11.30 4.47
N THR A 39 4.23 11.27 3.23
CA THR A 39 4.44 10.12 2.37
C THR A 39 5.94 9.77 2.31
N LYS A 40 6.75 10.81 2.24
CA LYS A 40 8.19 10.64 2.17
C LYS A 40 8.69 10.11 3.52
N ILE A 41 7.87 10.31 4.53
CA ILE A 41 8.22 9.87 5.87
C ILE A 41 7.82 8.41 6.05
N LEU A 42 6.65 8.08 5.49
CA LEU A 42 6.14 6.72 5.57
C LEU A 42 7.08 5.78 4.82
N ALA A 43 7.48 6.23 3.63
CA ALA A 43 8.37 5.44 2.79
C ALA A 43 9.54 4.93 3.65
N ASP A 44 10.36 5.87 4.09
CA ASP A 44 11.51 5.53 4.91
C ASP A 44 11.10 4.48 5.95
N TRP A 45 10.14 4.86 6.78
CA TRP A 45 9.66 3.97 7.81
C TRP A 45 9.52 2.57 7.21
N TRP A 46 8.84 2.52 6.06
CA TRP A 46 8.63 1.26 5.38
C TRP A 46 10.00 0.70 4.99
N ALA A 47 10.78 1.54 4.33
CA ALA A 47 12.11 1.15 3.89
C ALA A 47 12.81 0.39 5.02
N VAL A 48 12.48 0.77 6.25
CA VAL A 48 13.06 0.14 7.41
C VAL A 48 12.01 -0.73 8.10
N LEU A 49 11.43 -1.63 7.33
CA LEU A 49 10.40 -2.52 7.85
C LEU A 49 10.89 -3.97 7.75
N ASP A 50 10.55 -4.74 8.77
CA ASP A 50 10.95 -6.14 8.82
C ASP A 50 10.12 -6.93 7.81
N PRO A 51 10.45 -8.24 7.68
CA PRO A 51 9.74 -9.11 6.76
C PRO A 51 8.36 -9.48 7.30
N LYS A 52 8.36 -10.01 8.52
CA LYS A 52 7.12 -10.40 9.16
C LYS A 52 6.03 -9.37 8.85
N GLU A 53 6.37 -8.11 9.09
CA GLU A 53 5.44 -7.04 8.84
C GLU A 53 5.07 -6.98 7.36
N LYS A 54 6.09 -7.06 6.53
CA LYS A 54 5.90 -7.02 5.08
C LYS A 54 5.00 -8.19 4.67
N GLN A 55 5.29 -9.35 5.24
CA GLN A 55 4.52 -10.54 4.94
C GLN A 55 3.05 -10.35 5.33
N LYS A 56 2.86 -9.74 6.49
CA LYS A 56 1.52 -9.48 6.99
C LYS A 56 0.78 -8.57 6.01
N TYR A 57 1.45 -7.48 5.65
CA TYR A 57 0.88 -6.53 4.72
C TYR A 57 0.60 -7.17 3.35
N THR A 58 1.60 -7.91 2.87
CA THR A 58 1.48 -8.58 1.59
C THR A 58 0.21 -9.42 1.54
N ASP A 59 -0.30 -9.73 2.72
CA ASP A 59 -1.51 -10.53 2.83
C ASP A 59 -2.73 -9.60 2.70
N MET A 60 -2.75 -8.59 3.55
CA MET A 60 -3.85 -7.64 3.55
C MET A 60 -4.16 -7.17 2.13
N ALA A 61 -3.11 -6.95 1.35
CA ALA A 61 -3.26 -6.51 -0.02
C ALA A 61 -3.83 -7.64 -0.86
N LYS A 62 -3.17 -8.79 -0.78
CA LYS A 62 -3.62 -9.96 -1.52
C LYS A 62 -5.12 -10.15 -1.33
N GLU A 63 -5.57 -9.87 -0.12
CA GLU A 63 -6.98 -10.00 0.21
C GLU A 63 -7.79 -8.87 -0.43
N TYR A 64 -7.32 -7.65 -0.20
CA TYR A 64 -7.98 -6.48 -0.74
C TYR A 64 -8.02 -6.54 -2.28
N LYS A 65 -6.88 -6.89 -2.85
CA LYS A 65 -6.77 -6.99 -4.30
C LYS A 65 -7.90 -7.87 -4.83
N ASP A 66 -7.86 -9.14 -4.45
CA ASP A 66 -8.87 -10.09 -4.87
C ASP A 66 -10.24 -9.42 -4.84
N ALA A 67 -10.41 -8.54 -3.86
CA ALA A 67 -11.67 -7.82 -3.71
C ALA A 67 -11.73 -6.69 -4.74
N PHE A 68 -10.73 -5.84 -4.69
CA PHE A 68 -10.65 -4.71 -5.61
C PHE A 68 -11.11 -5.11 -7.01
N MET A 69 -10.57 -6.23 -7.48
CA MET A 69 -10.92 -6.73 -8.79
C MET A 69 -12.30 -7.39 -8.79
N LYS A 70 -13.31 -6.56 -8.98
CA LYS A 70 -14.69 -7.04 -8.99
C LYS A 70 -15.52 -6.17 -9.93
N ALA A 71 -15.64 -4.90 -9.55
CA ALA A 71 -16.41 -3.96 -10.35
C ALA A 71 -15.50 -3.35 -11.42
N ASN A 72 -15.06 -4.19 -12.34
CA ASN A 72 -14.19 -3.74 -13.41
C ASN A 72 -14.54 -4.48 -14.70
N PRO A 73 -14.91 -3.69 -15.74
CA PRO A 73 -15.26 -4.27 -17.03
C PRO A 73 -14.02 -4.75 -17.78
N GLY A 74 -13.03 -3.88 -17.83
CA GLY A 74 -11.79 -4.20 -18.52
C GLY A 74 -11.05 -5.33 -17.81
N TYR A 75 -9.75 -5.12 -17.62
CA TYR A 75 -8.92 -6.11 -16.96
C TYR A 75 -9.09 -7.49 -17.61
N ARG A 76 -8.27 -8.43 -17.14
CA ARG A 76 -8.31 -9.78 -17.67
C ARG A 76 -7.26 -10.65 -16.97
N SER A 77 -7.76 -11.65 -16.25
CA SER A 77 -6.88 -12.56 -15.53
C SER A 77 -6.03 -13.35 -16.52
N GLY A 78 -4.97 -12.69 -16.99
CA GLY A 78 -4.06 -13.31 -17.95
C GLY A 78 -3.12 -14.29 -17.23
N PRO A 79 -1.87 -14.37 -17.76
CA PRO A 79 -0.87 -15.25 -17.19
C PRO A 79 -0.33 -14.69 -15.88
N SER A 80 0.21 -15.58 -15.06
CA SER A 80 0.76 -15.19 -13.77
C SER A 80 2.29 -15.33 -13.80
N SER A 81 2.74 -16.56 -14.05
CA SER A 81 4.17 -16.83 -14.10
C SER A 81 4.83 -15.94 -15.15
N GLY A 82 5.35 -14.81 -14.68
CA GLY A 82 6.01 -13.86 -15.56
C GLY A 82 7.45 -14.29 -15.84
#